data_3UPJ
# 
_entry.id   3UPJ 
# 
_audit_conform.dict_name       mmcif_pdbx.dic 
_audit_conform.dict_version    5.389 
_audit_conform.dict_location   http://mmcif.pdb.org/dictionaries/ascii/mmcif_pdbx.dic 
# 
loop_
_database_2.database_id 
_database_2.database_code 
_database_2.pdbx_database_accession 
_database_2.pdbx_DOI 
PDB   3UPJ         pdb_00003upj 10.2210/pdb3upj/pdb 
WWPDB D_1000179182 ?            ?                   
# 
loop_
_pdbx_audit_revision_history.ordinal 
_pdbx_audit_revision_history.data_content_type 
_pdbx_audit_revision_history.major_revision 
_pdbx_audit_revision_history.minor_revision 
_pdbx_audit_revision_history.revision_date 
1 'Structure model' 1 0 1996-10-14 
2 'Structure model' 1 1 2008-03-25 
3 'Structure model' 1 2 2011-07-13 
4 'Structure model' 1 3 2012-02-22 
5 'Structure model' 1 4 2017-11-29 
6 'Structure model' 1 5 2021-11-03 
7 'Structure model' 1 6 2024-02-28 
8 'Structure model' 1 7 2024-04-03 
# 
_pdbx_audit_revision_details.ordinal             1 
_pdbx_audit_revision_details.revision_ordinal    1 
_pdbx_audit_revision_details.data_content_type   'Structure model' 
_pdbx_audit_revision_details.provider            repository 
_pdbx_audit_revision_details.type                'Initial release' 
_pdbx_audit_revision_details.description         ? 
_pdbx_audit_revision_details.details             ? 
# 
loop_
_pdbx_audit_revision_group.ordinal 
_pdbx_audit_revision_group.revision_ordinal 
_pdbx_audit_revision_group.data_content_type 
_pdbx_audit_revision_group.group 
1 2 'Structure model' 'Version format compliance' 
2 3 'Structure model' 'Version format compliance' 
3 4 'Structure model' 'Database references'       
4 5 'Structure model' 'Derived calculations'      
5 5 'Structure model' Other                       
6 6 'Structure model' 'Database references'       
7 6 'Structure model' 'Derived calculations'      
8 7 'Structure model' 'Data collection'           
9 8 'Structure model' 'Refinement description'    
# 
loop_
_pdbx_audit_revision_category.ordinal 
_pdbx_audit_revision_category.revision_ordinal 
_pdbx_audit_revision_category.data_content_type 
_pdbx_audit_revision_category.category 
1 5 'Structure model' pdbx_database_status          
2 5 'Structure model' struct_conf                   
3 5 'Structure model' struct_conf_type              
4 6 'Structure model' database_2                    
5 6 'Structure model' struct_ref_seq_dif            
6 6 'Structure model' struct_site                   
7 7 'Structure model' chem_comp_atom                
8 7 'Structure model' chem_comp_bond                
9 8 'Structure model' pdbx_initial_refinement_model 
# 
loop_
_pdbx_audit_revision_item.ordinal 
_pdbx_audit_revision_item.revision_ordinal 
_pdbx_audit_revision_item.data_content_type 
_pdbx_audit_revision_item.item 
1 5 'Structure model' '_pdbx_database_status.process_site'  
2 6 'Structure model' '_database_2.pdbx_DOI'                
3 6 'Structure model' '_database_2.pdbx_database_accession' 
4 6 'Structure model' '_struct_ref_seq_dif.details'         
5 6 'Structure model' '_struct_site.pdbx_auth_asym_id'      
6 6 'Structure model' '_struct_site.pdbx_auth_comp_id'      
7 6 'Structure model' '_struct_site.pdbx_auth_seq_id'       
# 
_pdbx_database_status.status_code                     REL 
_pdbx_database_status.entry_id                        3UPJ 
_pdbx_database_status.recvd_initial_deposition_date   1996-03-04 
_pdbx_database_status.deposit_site                    ? 
_pdbx_database_status.process_site                    BNL 
_pdbx_database_status.SG_entry                        . 
_pdbx_database_status.status_code_sf                  ? 
_pdbx_database_status.status_code_mr                  ? 
_pdbx_database_status.status_code_cs                  ? 
_pdbx_database_status.methods_development_category    ? 
_pdbx_database_status.pdb_format_compatible           Y 
_pdbx_database_status.status_code_nmr_data            ? 
# 
loop_
_audit_author.name 
_audit_author.pdbx_ordinal 
'Watenpaugh, K.D.'  1 
'Mulichak, A.M.'    2 
'Janakiraman, M.N.' 3 
# 
_citation.id                        primary 
_citation.title                     
;Structure-based design of novel HIV protease inhibitors: carboxamide-containing 4-hydroxycoumarins and 4-hydroxy-2-pyrones as potent nonpeptidic inhibitors.
;
_citation.journal_abbrev            J.Med.Chem. 
_citation.journal_volume            38 
_citation.page_first                3624 
_citation.page_last                 3637 
_citation.year                      1995 
_citation.journal_id_ASTM           JMCMAR 
_citation.country                   US 
_citation.journal_id_ISSN           0022-2623 
_citation.journal_id_CSD            0151 
_citation.book_publisher            ? 
_citation.pdbx_database_id_PubMed   7658450 
_citation.pdbx_database_id_DOI      10.1021/jm00018a023 
# 
loop_
_citation_author.citation_id 
_citation_author.name 
_citation_author.ordinal 
_citation_author.identifier_ORCID 
primary 'Thaisrivongs, S.'  1  ? 
primary 'Watenpaugh, K.D.'  2  ? 
primary 'Howe, W.J.'        3  ? 
primary 'Tomich, P.K.'      4  ? 
primary 'Dolak, L.A.'       5  ? 
primary 'Chong, K.-T.'      6  ? 
primary 'Tomich, C.-S.C.'   7  ? 
primary 'Tomasselli, A.G.'  8  ? 
primary 'Turner, S.R.'      9  ? 
primary 'Strohbach, J.W.'   10 ? 
primary 'Mulichak, A.M.'    11 ? 
primary 'Janakiraman, M.N.' 12 ? 
primary 'Moon, J.B.'        13 ? 
primary 'Lynn, J.C.'        14 ? 
primary 'Horng, M.-M.'      15 ? 
primary 'Hinshaw, R.R.'     16 ? 
primary 'Curry, K.A.'       17 ? 
primary 'Rothrock, D.J.'    18 ? 
# 
loop_
_entity.id 
_entity.type 
_entity.src_method 
_entity.pdbx_description 
_entity.formula_weight 
_entity.pdbx_number_of_molecules 
_entity.pdbx_ec 
_entity.pdbx_mutation 
_entity.pdbx_fragment 
_entity.details 
1 polymer     man 'HIV-2 PROTEASE'                                        10712.315 2   3.4.23.16 K57L ? ? 
2 non-polymer syn '4-HYDROXY-7-METHOXY-3-(1-PHENYL-PROPYL)-CHROMEN-2-ONE' 310.344   1   ?         ?    ? ? 
3 water       nat water                                                   18.015    115 ?         ?    ? ? 
# 
_entity_poly.entity_id                      1 
_entity_poly.type                           'polypeptide(L)' 
_entity_poly.nstd_linkage                   no 
_entity_poly.nstd_monomer                   no 
_entity_poly.pdbx_seq_one_letter_code       
;PQFSLWKRPVVTAYIEGQPVEVLLDTGADDSIVAGIELGNNYSPKIVGGIGGFINTLEYKNVEIEVLNKKVRATIMTGDT
PINIFGRNILTALGMSLNL
;
_entity_poly.pdbx_seq_one_letter_code_can   
;PQFSLWKRPVVTAYIEGQPVEVLLDTGADDSIVAGIELGNNYSPKIVGGIGGFINTLEYKNVEIEVLNKKVRATIMTGDT
PINIFGRNILTALGMSLNL
;
_entity_poly.pdbx_strand_id                 A,B 
_entity_poly.pdbx_target_identifier         ? 
# 
loop_
_pdbx_entity_nonpoly.entity_id 
_pdbx_entity_nonpoly.name 
_pdbx_entity_nonpoly.comp_id 
2 '4-HYDROXY-7-METHOXY-3-(1-PHENYL-PROPYL)-CHROMEN-2-ONE' U03 
3 water                                                   HOH 
# 
loop_
_entity_poly_seq.entity_id 
_entity_poly_seq.num 
_entity_poly_seq.mon_id 
_entity_poly_seq.hetero 
1 1  PRO n 
1 2  GLN n 
1 3  PHE n 
1 4  SER n 
1 5  LEU n 
1 6  TRP n 
1 7  LYS n 
1 8  ARG n 
1 9  PRO n 
1 10 VAL n 
1 11 VAL n 
1 12 THR n 
1 13 ALA n 
1 14 TYR n 
1 15 ILE n 
1 16 GLU n 
1 17 GLY n 
1 18 GLN n 
1 19 PRO n 
1 20 VAL n 
1 21 GLU n 
1 22 VAL n 
1 23 LEU n 
1 24 LEU n 
1 25 ASP n 
1 26 THR n 
1 27 GLY n 
1 28 ALA n 
1 29 ASP n 
1 30 ASP n 
1 31 SER n 
1 32 ILE n 
1 33 VAL n 
1 34 ALA n 
1 35 GLY n 
1 36 ILE n 
1 37 GLU n 
1 38 LEU n 
1 39 GLY n 
1 40 ASN n 
1 41 ASN n 
1 42 TYR n 
1 43 SER n 
1 44 PRO n 
1 45 LYS n 
1 46 ILE n 
1 47 VAL n 
1 48 GLY n 
1 49 GLY n 
1 50 ILE n 
1 51 GLY n 
1 52 GLY n 
1 53 PHE n 
1 54 ILE n 
1 55 ASN n 
1 56 THR n 
1 57 LEU n 
1 58 GLU n 
1 59 TYR n 
1 60 LYS n 
1 61 ASN n 
1 62 VAL n 
1 63 GLU n 
1 64 ILE n 
1 65 GLU n 
1 66 VAL n 
1 67 LEU n 
1 68 ASN n 
1 69 LYS n 
1 70 LYS n 
1 71 VAL n 
1 72 ARG n 
1 73 ALA n 
1 74 THR n 
1 75 ILE n 
1 76 MET n 
1 77 THR n 
1 78 GLY n 
1 79 ASP n 
1 80 THR n 
1 81 PRO n 
1 82 ILE n 
1 83 ASN n 
1 84 ILE n 
1 85 PHE n 
1 86 GLY n 
1 87 ARG n 
1 88 ASN n 
1 89 ILE n 
1 90 LEU n 
1 91 THR n 
1 92 ALA n 
1 93 LEU n 
1 94 GLY n 
1 95 MET n 
1 96 SER n 
1 97 LEU n 
1 98 ASN n 
1 99 LEU n 
# 
_entity_src_gen.entity_id                          1 
_entity_src_gen.pdbx_src_id                        1 
_entity_src_gen.pdbx_alt_source_flag               sample 
_entity_src_gen.pdbx_seq_type                      ? 
_entity_src_gen.pdbx_beg_seq_num                   ? 
_entity_src_gen.pdbx_end_seq_num                   ? 
_entity_src_gen.gene_src_common_name               ? 
_entity_src_gen.gene_src_genus                     Lentivirus 
_entity_src_gen.pdbx_gene_src_gene                 ? 
_entity_src_gen.gene_src_species                   ? 
_entity_src_gen.gene_src_strain                    ? 
_entity_src_gen.gene_src_tissue                    ? 
_entity_src_gen.gene_src_tissue_fraction           ? 
_entity_src_gen.gene_src_details                   ? 
_entity_src_gen.pdbx_gene_src_fragment             ? 
_entity_src_gen.pdbx_gene_src_scientific_name      'Human immunodeficiency virus 2' 
_entity_src_gen.pdbx_gene_src_ncbi_taxonomy_id     11709 
_entity_src_gen.pdbx_gene_src_variant              ? 
_entity_src_gen.pdbx_gene_src_cell_line            ? 
_entity_src_gen.pdbx_gene_src_atcc                 ? 
_entity_src_gen.pdbx_gene_src_organ                ? 
_entity_src_gen.pdbx_gene_src_organelle            ? 
_entity_src_gen.pdbx_gene_src_cell                 ? 
_entity_src_gen.pdbx_gene_src_cellular_location    ? 
_entity_src_gen.host_org_common_name               ? 
_entity_src_gen.pdbx_host_org_scientific_name      'Escherichia coli' 
_entity_src_gen.pdbx_host_org_ncbi_taxonomy_id     562 
_entity_src_gen.host_org_genus                     Escherichia 
_entity_src_gen.pdbx_host_org_gene                 ? 
_entity_src_gen.pdbx_host_org_organ                ? 
_entity_src_gen.host_org_species                   ? 
_entity_src_gen.pdbx_host_org_tissue               ? 
_entity_src_gen.pdbx_host_org_tissue_fraction      ? 
_entity_src_gen.pdbx_host_org_strain               ? 
_entity_src_gen.pdbx_host_org_variant              ? 
_entity_src_gen.pdbx_host_org_cell_line            ? 
_entity_src_gen.pdbx_host_org_atcc                 ? 
_entity_src_gen.pdbx_host_org_culture_collection   ? 
_entity_src_gen.pdbx_host_org_cell                 ? 
_entity_src_gen.pdbx_host_org_organelle            ? 
_entity_src_gen.pdbx_host_org_cellular_location    ? 
_entity_src_gen.pdbx_host_org_vector_type          ? 
_entity_src_gen.pdbx_host_org_vector               ? 
_entity_src_gen.host_org_details                   ? 
_entity_src_gen.expression_system_id               ? 
_entity_src_gen.plasmid_name                       ? 
_entity_src_gen.plasmid_details                    ? 
_entity_src_gen.pdbx_description                   ? 
# 
loop_
_chem_comp.id 
_chem_comp.type 
_chem_comp.mon_nstd_flag 
_chem_comp.name 
_chem_comp.pdbx_synonyms 
_chem_comp.formula 
_chem_comp.formula_weight 
ALA 'L-peptide linking' y ALANINE                                                 ? 'C3 H7 N O2'     89.093  
ARG 'L-peptide linking' y ARGININE                                                ? 'C6 H15 N4 O2 1' 175.209 
ASN 'L-peptide linking' y ASPARAGINE                                              ? 'C4 H8 N2 O3'    132.118 
ASP 'L-peptide linking' y 'ASPARTIC ACID'                                         ? 'C4 H7 N O4'     133.103 
GLN 'L-peptide linking' y GLUTAMINE                                               ? 'C5 H10 N2 O3'   146.144 
GLU 'L-peptide linking' y 'GLUTAMIC ACID'                                         ? 'C5 H9 N O4'     147.129 
GLY 'peptide linking'   y GLYCINE                                                 ? 'C2 H5 N O2'     75.067  
HOH non-polymer         . WATER                                                   ? 'H2 O'           18.015  
ILE 'L-peptide linking' y ISOLEUCINE                                              ? 'C6 H13 N O2'    131.173 
LEU 'L-peptide linking' y LEUCINE                                                 ? 'C6 H13 N O2'    131.173 
LYS 'L-peptide linking' y LYSINE                                                  ? 'C6 H15 N2 O2 1' 147.195 
MET 'L-peptide linking' y METHIONINE                                              ? 'C5 H11 N O2 S'  149.211 
PHE 'L-peptide linking' y PHENYLALANINE                                           ? 'C9 H11 N O2'    165.189 
PRO 'L-peptide linking' y PROLINE                                                 ? 'C5 H9 N O2'     115.130 
SER 'L-peptide linking' y SERINE                                                  ? 'C3 H7 N O3'     105.093 
THR 'L-peptide linking' y THREONINE                                               ? 'C4 H9 N O3'     119.119 
TRP 'L-peptide linking' y TRYPTOPHAN                                              ? 'C11 H12 N2 O2'  204.225 
TYR 'L-peptide linking' y TYROSINE                                                ? 'C9 H11 N O3'    181.189 
U03 non-polymer         . '4-HYDROXY-7-METHOXY-3-(1-PHENYL-PROPYL)-CHROMEN-2-ONE' ? 'C19 H18 O4'     310.344 
VAL 'L-peptide linking' y VALINE                                                  ? 'C5 H11 N O2'    117.146 
# 
loop_
_pdbx_poly_seq_scheme.asym_id 
_pdbx_poly_seq_scheme.entity_id 
_pdbx_poly_seq_scheme.seq_id 
_pdbx_poly_seq_scheme.mon_id 
_pdbx_poly_seq_scheme.ndb_seq_num 
_pdbx_poly_seq_scheme.pdb_seq_num 
_pdbx_poly_seq_scheme.auth_seq_num 
_pdbx_poly_seq_scheme.pdb_mon_id 
_pdbx_poly_seq_scheme.auth_mon_id 
_pdbx_poly_seq_scheme.pdb_strand_id 
_pdbx_poly_seq_scheme.pdb_ins_code 
_pdbx_poly_seq_scheme.hetero 
A 1 1  PRO 1  1  1  PRO PRO A . n 
A 1 2  GLN 2  2  2  GLN GLN A . n 
A 1 3  PHE 3  3  3  PHE PHE A . n 
A 1 4  SER 4  4  4  SER SER A . n 
A 1 5  LEU 5  5  5  LEU LEU A . n 
A 1 6  TRP 6  6  6  TRP TRP A . n 
A 1 7  LYS 7  7  7  LYS LYS A . n 
A 1 8  ARG 8  8  8  ARG ARG A . n 
A 1 9  PRO 9  9  9  PRO PRO A . n 
A 1 10 VAL 10 10 10 VAL VAL A . n 
A 1 11 VAL 11 11 11 VAL VAL A . n 
A 1 12 THR 12 12 12 THR THR A . n 
A 1 13 ALA 13 13 13 ALA ALA A . n 
A 1 14 TYR 14 14 14 TYR TYR A . n 
A 1 15 ILE 15 15 15 ILE ILE A . n 
A 1 16 GLU 16 16 16 GLU GLU A . n 
A 1 17 GLY 17 17 17 GLY GLY A . n 
A 1 18 GLN 18 18 18 GLN GLN A . n 
A 1 19 PRO 19 19 19 PRO PRO A . n 
A 1 20 VAL 20 20 20 VAL VAL A . n 
A 1 21 GLU 21 21 21 GLU GLU A . n 
A 1 22 VAL 22 22 22 VAL VAL A . n 
A 1 23 LEU 23 23 23 LEU LEU A . n 
A 1 24 LEU 24 24 24 LEU LEU A . n 
A 1 25 ASP 25 25 25 ASP ASP A . n 
A 1 26 THR 26 26 26 THR THR A . n 
A 1 27 GLY 27 27 27 GLY GLY A . n 
A 1 28 ALA 28 28 28 ALA ALA A . n 
A 1 29 ASP 29 29 29 ASP ASP A . n 
A 1 30 ASP 30 30 30 ASP ASP A . n 
A 1 31 SER 31 31 31 SER SER A . n 
A 1 32 ILE 32 32 32 ILE ILE A . n 
A 1 33 VAL 33 33 33 VAL VAL A . n 
A 1 34 ALA 34 34 34 ALA ALA A . n 
A 1 35 GLY 35 35 35 GLY GLY A . n 
A 1 36 ILE 36 36 36 ILE ILE A . n 
A 1 37 GLU 37 37 37 GLU GLU A . n 
A 1 38 LEU 38 38 38 LEU LEU A . n 
A 1 39 GLY 39 39 39 GLY GLY A . n 
A 1 40 ASN 40 40 40 ASN ASN A . n 
A 1 41 ASN 41 41 41 ASN ASN A . n 
A 1 42 TYR 42 42 42 TYR TYR A . n 
A 1 43 SER 43 43 43 SER SER A . n 
A 1 44 PRO 44 44 44 PRO PRO A . n 
A 1 45 LYS 45 45 45 LYS LYS A . n 
A 1 46 ILE 46 46 46 ILE ILE A . n 
A 1 47 VAL 47 47 47 VAL VAL A . n 
A 1 48 GLY 48 48 48 GLY GLY A . n 
A 1 49 GLY 49 49 49 GLY GLY A . n 
A 1 50 ILE 50 50 50 ILE ILE A . n 
A 1 51 GLY 51 51 51 GLY GLY A . n 
A 1 52 GLY 52 52 52 GLY GLY A . n 
A 1 53 PHE 53 53 53 PHE PHE A . n 
A 1 54 ILE 54 54 54 ILE ILE A . n 
A 1 55 ASN 55 55 55 ASN ASN A . n 
A 1 56 THR 56 56 56 THR THR A . n 
A 1 57 LEU 57 57 57 LEU LEU A . n 
A 1 58 GLU 58 58 58 GLU GLU A . n 
A 1 59 TYR 59 59 59 TYR TYR A . n 
A 1 60 LYS 60 60 60 LYS LYS A . n 
A 1 61 ASN 61 61 61 ASN ASN A . n 
A 1 62 VAL 62 62 62 VAL VAL A . n 
A 1 63 GLU 63 63 63 GLU GLU A . n 
A 1 64 ILE 64 64 64 ILE ILE A . n 
A 1 65 GLU 65 65 65 GLU GLU A . n 
A 1 66 VAL 66 66 66 VAL VAL A . n 
A 1 67 LEU 67 67 67 LEU LEU A . n 
A 1 68 ASN 68 68 68 ASN ASN A . n 
A 1 69 LYS 69 69 69 LYS LYS A . n 
A 1 70 LYS 70 70 70 LYS LYS A . n 
A 1 71 VAL 71 71 71 VAL VAL A . n 
A 1 72 ARG 72 72 72 ARG ARG A . n 
A 1 73 ALA 73 73 73 ALA ALA A . n 
A 1 74 THR 74 74 74 THR THR A . n 
A 1 75 ILE 75 75 75 ILE ILE A . n 
A 1 76 MET 76 76 76 MET MET A . n 
A 1 77 THR 77 77 77 THR THR A . n 
A 1 78 GLY 78 78 78 GLY GLY A . n 
A 1 79 ASP 79 79 79 ASP ASP A . n 
A 1 80 THR 80 80 80 THR THR A . n 
A 1 81 PRO 81 81 81 PRO PRO A . n 
A 1 82 ILE 82 82 82 ILE ILE A . n 
A 1 83 ASN 83 83 83 ASN ASN A . n 
A 1 84 ILE 84 84 84 ILE ILE A . n 
A 1 85 PHE 85 85 85 PHE PHE A . n 
A 1 86 GLY 86 86 86 GLY GLY A . n 
A 1 87 ARG 87 87 87 ARG ARG A . n 
A 1 88 ASN 88 88 88 ASN ASN A . n 
A 1 89 ILE 89 89 89 ILE ILE A . n 
A 1 90 LEU 90 90 90 LEU LEU A . n 
A 1 91 THR 91 91 91 THR THR A . n 
A 1 92 ALA 92 92 92 ALA ALA A . n 
A 1 93 LEU 93 93 93 LEU LEU A . n 
A 1 94 GLY 94 94 94 GLY GLY A . n 
A 1 95 MET 95 95 95 MET MET A . n 
A 1 96 SER 96 96 96 SER SER A . n 
A 1 97 LEU 97 97 97 LEU LEU A . n 
A 1 98 ASN 98 98 98 ASN ASN A . n 
A 1 99 LEU 99 99 99 LEU LEU A . n 
B 1 1  PRO 1  1  ?  ?   ?   B . n 
B 1 2  GLN 2  2  ?  ?   ?   B . n 
B 1 3  PHE 3  3  3  PHE PHE B . n 
B 1 4  SER 4  4  4  SER SER B . n 
B 1 5  LEU 5  5  5  LEU LEU B . n 
B 1 6  TRP 6  6  6  TRP TRP B . n 
B 1 7  LYS 7  7  7  LYS LYS B . n 
B 1 8  ARG 8  8  8  ARG ARG B . n 
B 1 9  PRO 9  9  9  PRO PRO B . n 
B 1 10 VAL 10 10 10 VAL VAL B . n 
B 1 11 VAL 11 11 11 VAL VAL B . n 
B 1 12 THR 12 12 12 THR THR B . n 
B 1 13 ALA 13 13 13 ALA ALA B . n 
B 1 14 TYR 14 14 14 TYR TYR B . n 
B 1 15 ILE 15 15 15 ILE ILE B . n 
B 1 16 GLU 16 16 16 GLU GLU B . n 
B 1 17 GLY 17 17 17 GLY GLY B . n 
B 1 18 GLN 18 18 18 GLN GLN B . n 
B 1 19 PRO 19 19 19 PRO PRO B . n 
B 1 20 VAL 20 20 20 VAL VAL B . n 
B 1 21 GLU 21 21 21 GLU GLU B . n 
B 1 22 VAL 22 22 22 VAL VAL B . n 
B 1 23 LEU 23 23 23 LEU LEU B . n 
B 1 24 LEU 24 24 24 LEU LEU B . n 
B 1 25 ASP 25 25 25 ASP ASP B . n 
B 1 26 THR 26 26 26 THR THR B . n 
B 1 27 GLY 27 27 27 GLY GLY B . n 
B 1 28 ALA 28 28 28 ALA ALA B . n 
B 1 29 ASP 29 29 29 ASP ASP B . n 
B 1 30 ASP 30 30 30 ASP ASP B . n 
B 1 31 SER 31 31 31 SER SER B . n 
B 1 32 ILE 32 32 32 ILE ILE B . n 
B 1 33 VAL 33 33 33 VAL VAL B . n 
B 1 34 ALA 34 34 34 ALA ALA B . n 
B 1 35 GLY 35 35 35 GLY GLY B . n 
B 1 36 ILE 36 36 36 ILE ILE B . n 
B 1 37 GLU 37 37 37 GLU GLU B . n 
B 1 38 LEU 38 38 38 LEU LEU B . n 
B 1 39 GLY 39 39 39 GLY GLY B . n 
B 1 40 ASN 40 40 40 ASN ASN B . n 
B 1 41 ASN 41 41 41 ASN ASN B . n 
B 1 42 TYR 42 42 42 TYR TYR B . n 
B 1 43 SER 43 43 43 SER SER B . n 
B 1 44 PRO 44 44 44 PRO PRO B . n 
B 1 45 LYS 45 45 45 LYS LYS B . n 
B 1 46 ILE 46 46 46 ILE ILE B . n 
B 1 47 VAL 47 47 47 VAL VAL B . n 
B 1 48 GLY 48 48 48 GLY GLY B . n 
B 1 49 GLY 49 49 49 GLY GLY B . n 
B 1 50 ILE 50 50 50 ILE ILE B . n 
B 1 51 GLY 51 51 51 GLY GLY B . n 
B 1 52 GLY 52 52 52 GLY GLY B . n 
B 1 53 PHE 53 53 53 PHE PHE B . n 
B 1 54 ILE 54 54 54 ILE ILE B . n 
B 1 55 ASN 55 55 55 ASN ASN B . n 
B 1 56 THR 56 56 56 THR THR B . n 
B 1 57 LEU 57 57 57 LEU LEU B . n 
B 1 58 GLU 58 58 58 GLU GLU B . n 
B 1 59 TYR 59 59 59 TYR TYR B . n 
B 1 60 LYS 60 60 60 LYS LYS B . n 
B 1 61 ASN 61 61 61 ASN ASN B . n 
B 1 62 VAL 62 62 62 VAL VAL B . n 
B 1 63 GLU 63 63 63 GLU GLU B . n 
B 1 64 ILE 64 64 64 ILE ILE B . n 
B 1 65 GLU 65 65 65 GLU GLU B . n 
B 1 66 VAL 66 66 66 VAL VAL B . n 
B 1 67 LEU 67 67 67 LEU LEU B . n 
B 1 68 ASN 68 68 68 ASN ASN B . n 
B 1 69 LYS 69 69 69 LYS LYS B . n 
B 1 70 LYS 70 70 70 LYS LYS B . n 
B 1 71 VAL 71 71 71 VAL VAL B . n 
B 1 72 ARG 72 72 72 ARG ARG B . n 
B 1 73 ALA 73 73 73 ALA ALA B . n 
B 1 74 THR 74 74 74 THR THR B . n 
B 1 75 ILE 75 75 75 ILE ILE B . n 
B 1 76 MET 76 76 76 MET MET B . n 
B 1 77 THR 77 77 77 THR THR B . n 
B 1 78 GLY 78 78 78 GLY GLY B . n 
B 1 79 ASP 79 79 79 ASP ASP B . n 
B 1 80 THR 80 80 80 THR THR B . n 
B 1 81 PRO 81 81 81 PRO PRO B . n 
B 1 82 ILE 82 82 82 ILE ILE B . n 
B 1 83 ASN 83 83 83 ASN ASN B . n 
B 1 84 ILE 84 84 84 ILE ILE B . n 
B 1 85 PHE 85 85 85 PHE PHE B . n 
B 1 86 GLY 86 86 86 GLY GLY B . n 
B 1 87 ARG 87 87 87 ARG ARG B . n 
B 1 88 ASN 88 88 88 ASN ASN B . n 
B 1 89 ILE 89 89 89 ILE ILE B . n 
B 1 90 LEU 90 90 90 LEU LEU B . n 
B 1 91 THR 91 91 91 THR THR B . n 
B 1 92 ALA 92 92 92 ALA ALA B . n 
B 1 93 LEU 93 93 93 LEU LEU B . n 
B 1 94 GLY 94 94 94 GLY GLY B . n 
B 1 95 MET 95 95 95 MET MET B . n 
B 1 96 SER 96 96 96 SER SER B . n 
B 1 97 LEU 97 97 97 LEU LEU B . n 
B 1 98 ASN 98 98 98 ASN ASN B . n 
B 1 99 LEU 99 99 99 LEU LEU B . n 
# 
loop_
_pdbx_nonpoly_scheme.asym_id 
_pdbx_nonpoly_scheme.entity_id 
_pdbx_nonpoly_scheme.mon_id 
_pdbx_nonpoly_scheme.ndb_seq_num 
_pdbx_nonpoly_scheme.pdb_seq_num 
_pdbx_nonpoly_scheme.auth_seq_num 
_pdbx_nonpoly_scheme.pdb_mon_id 
_pdbx_nonpoly_scheme.auth_mon_id 
_pdbx_nonpoly_scheme.pdb_strand_id 
_pdbx_nonpoly_scheme.pdb_ins_code 
C 2 U03 1  100 1   U03 U03 A . 
D 3 HOH 1  301 301 HOH HOH A . 
D 3 HOH 2  302 302 HOH HOH A . 
D 3 HOH 3  303 303 HOH HOH A . 
D 3 HOH 4  304 304 HOH HOH A . 
D 3 HOH 5  305 305 HOH HOH A . 
D 3 HOH 6  306 306 HOH HOH A . 
D 3 HOH 7  307 307 HOH HOH A . 
D 3 HOH 8  308 308 HOH HOH A . 
D 3 HOH 9  309 309 HOH HOH A . 
D 3 HOH 10 310 310 HOH HOH A . 
D 3 HOH 11 311 311 HOH HOH A . 
D 3 HOH 12 312 312 HOH HOH A . 
D 3 HOH 13 313 313 HOH HOH A . 
D 3 HOH 14 314 314 HOH HOH A . 
D 3 HOH 15 316 316 HOH HOH A . 
D 3 HOH 16 317 317 HOH HOH A . 
D 3 HOH 17 327 327 HOH HOH A . 
D 3 HOH 18 328 328 HOH HOH A . 
D 3 HOH 19 337 337 HOH HOH A . 
D 3 HOH 20 338 338 HOH HOH A . 
D 3 HOH 21 339 339 HOH HOH A . 
D 3 HOH 22 340 340 HOH HOH A . 
D 3 HOH 23 341 341 HOH HOH A . 
D 3 HOH 24 342 342 HOH HOH A . 
D 3 HOH 25 343 343 HOH HOH A . 
D 3 HOH 26 344 344 HOH HOH A . 
D 3 HOH 27 346 346 HOH HOH A . 
D 3 HOH 28 347 347 HOH HOH A . 
D 3 HOH 29 352 352 HOH HOH A . 
D 3 HOH 30 353 353 HOH HOH A . 
D 3 HOH 31 355 355 HOH HOH A . 
D 3 HOH 32 356 356 HOH HOH A . 
D 3 HOH 33 357 357 HOH HOH A . 
D 3 HOH 34 358 358 HOH HOH A . 
D 3 HOH 35 359 359 HOH HOH A . 
D 3 HOH 36 360 360 HOH HOH A . 
D 3 HOH 37 364 364 HOH HOH A . 
D 3 HOH 38 381 381 HOH HOH A . 
D 3 HOH 39 382 382 HOH HOH A . 
D 3 HOH 40 383 383 HOH HOH A . 
D 3 HOH 41 384 384 HOH HOH A . 
D 3 HOH 42 385 385 HOH HOH A . 
D 3 HOH 43 386 386 HOH HOH A . 
D 3 HOH 44 387 387 HOH HOH A . 
D 3 HOH 45 388 388 HOH HOH A . 
D 3 HOH 46 389 389 HOH HOH A . 
D 3 HOH 47 390 390 HOH HOH A . 
D 3 HOH 48 391 391 HOH HOH A . 
D 3 HOH 49 392 392 HOH HOH A . 
D 3 HOH 50 393 393 HOH HOH A . 
D 3 HOH 51 394 394 HOH HOH A . 
D 3 HOH 52 398 398 HOH HOH A . 
D 3 HOH 53 399 399 HOH HOH A . 
D 3 HOH 54 401 401 HOH HOH A . 
D 3 HOH 55 402 402 HOH HOH A . 
D 3 HOH 56 403 403 HOH HOH A . 
D 3 HOH 57 404 404 HOH HOH A . 
D 3 HOH 58 405 405 HOH HOH A . 
D 3 HOH 59 406 406 HOH HOH A . 
D 3 HOH 60 407 407 HOH HOH A . 
D 3 HOH 61 408 408 HOH HOH A . 
D 3 HOH 62 409 409 HOH HOH A . 
D 3 HOH 63 410 410 HOH HOH A . 
D 3 HOH 64 411 411 HOH HOH A . 
D 3 HOH 65 412 412 HOH HOH A . 
D 3 HOH 66 413 413 HOH HOH A . 
D 3 HOH 67 414 414 HOH HOH A . 
E 3 HOH 1  318 318 HOH HOH B . 
E 3 HOH 2  319 319 HOH HOH B . 
E 3 HOH 3  320 320 HOH HOH B . 
E 3 HOH 4  321 321 HOH HOH B . 
E 3 HOH 5  322 322 HOH HOH B . 
E 3 HOH 6  323 323 HOH HOH B . 
E 3 HOH 7  324 324 HOH HOH B . 
E 3 HOH 8  326 326 HOH HOH B . 
E 3 HOH 9  329 329 HOH HOH B . 
E 3 HOH 10 330 330 HOH HOH B . 
E 3 HOH 11 332 332 HOH HOH B . 
E 3 HOH 12 333 333 HOH HOH B . 
E 3 HOH 13 334 334 HOH HOH B . 
E 3 HOH 14 335 335 HOH HOH B . 
E 3 HOH 15 336 336 HOH HOH B . 
E 3 HOH 16 345 345 HOH HOH B . 
E 3 HOH 17 348 348 HOH HOH B . 
E 3 HOH 18 349 349 HOH HOH B . 
E 3 HOH 19 350 350 HOH HOH B . 
E 3 HOH 20 351 351 HOH HOH B . 
E 3 HOH 21 354 354 HOH HOH B . 
E 3 HOH 22 361 361 HOH HOH B . 
E 3 HOH 23 362 362 HOH HOH B . 
E 3 HOH 24 363 363 HOH HOH B . 
E 3 HOH 25 365 365 HOH HOH B . 
E 3 HOH 26 366 366 HOH HOH B . 
E 3 HOH 27 367 367 HOH HOH B . 
E 3 HOH 28 368 368 HOH HOH B . 
E 3 HOH 29 369 369 HOH HOH B . 
E 3 HOH 30 370 370 HOH HOH B . 
E 3 HOH 31 371 371 HOH HOH B . 
E 3 HOH 32 372 372 HOH HOH B . 
E 3 HOH 33 373 373 HOH HOH B . 
E 3 HOH 34 374 374 HOH HOH B . 
E 3 HOH 35 375 375 HOH HOH B . 
E 3 HOH 36 376 376 HOH HOH B . 
E 3 HOH 37 377 377 HOH HOH B . 
E 3 HOH 38 378 378 HOH HOH B . 
E 3 HOH 39 379 379 HOH HOH B . 
E 3 HOH 40 380 380 HOH HOH B . 
E 3 HOH 41 395 395 HOH HOH B . 
E 3 HOH 42 396 396 HOH HOH B . 
E 3 HOH 43 397 397 HOH HOH B . 
E 3 HOH 44 400 400 HOH HOH B . 
E 3 HOH 45 415 415 HOH HOH B . 
E 3 HOH 46 416 416 HOH HOH B . 
E 3 HOH 47 417 417 HOH HOH B . 
E 3 HOH 48 418 418 HOH HOH B . 
# 
loop_
_software.name 
_software.classification 
_software.version 
_software.citation_id 
_software.pdbx_ordinal 
CEDAR  refinement       . ? 1 
XENGEN 'data reduction' . ? 2 
XENGEN 'data scaling'   . ? 3 
# 
_cell.entry_id           3UPJ 
_cell.length_a           34.019 
_cell.length_b           46.004 
_cell.length_c           134.180 
_cell.angle_alpha        90.00 
_cell.angle_beta         90.00 
_cell.angle_gamma        90.00 
_cell.Z_PDB              8 
_cell.pdbx_unique_axis   ? 
_cell.length_a_esd       ? 
_cell.length_b_esd       ? 
_cell.length_c_esd       ? 
_cell.angle_alpha_esd    ? 
_cell.angle_beta_esd     ? 
_cell.angle_gamma_esd    ? 
# 
_symmetry.entry_id                         3UPJ 
_symmetry.space_group_name_H-M             'P 21 21 21' 
_symmetry.pdbx_full_space_group_name_H-M   ? 
_symmetry.cell_setting                     ? 
_symmetry.Int_Tables_number                19 
_symmetry.space_group_name_Hall            ? 
# 
_exptl.entry_id          3UPJ 
_exptl.method            'X-RAY DIFFRACTION' 
_exptl.crystals_number   1 
# 
_exptl_crystal.id                    1 
_exptl_crystal.density_meas          ? 
_exptl_crystal.density_Matthews      2.45 
_exptl_crystal.density_percent_sol   49.78 
_exptl_crystal.description           ? 
_exptl_crystal.F_000                 ? 
_exptl_crystal.preparation           ? 
# 
_exptl_crystal_grow.crystal_id      1 
_exptl_crystal_grow.method          ? 
_exptl_crystal_grow.temp            ? 
_exptl_crystal_grow.temp_details    ? 
_exptl_crystal_grow.pH              7.2 
_exptl_crystal_grow.pdbx_pH_range   ? 
_exptl_crystal_grow.pdbx_details    'pH 7.2' 
# 
_diffrn.id                     1 
_diffrn.ambient_temp           298 
_diffrn.ambient_temp_details   ? 
_diffrn.crystal_id             1 
# 
_diffrn_detector.diffrn_id              1 
_diffrn_detector.detector               'AREA DETECTOR' 
_diffrn_detector.type                   SIEMENS 
_diffrn_detector.pdbx_collection_date   1992-04-23 
_diffrn_detector.details                ? 
# 
_diffrn_radiation.diffrn_id                        1 
_diffrn_radiation.wavelength_id                    1 
_diffrn_radiation.pdbx_monochromatic_or_laue_m_l   M 
_diffrn_radiation.monochromator                    'GRAPHITE(002)' 
_diffrn_radiation.pdbx_diffrn_protocol             ? 
_diffrn_radiation.pdbx_scattering_type             x-ray 
# 
_diffrn_radiation_wavelength.id           1 
_diffrn_radiation_wavelength.wavelength   1.5418 
_diffrn_radiation_wavelength.wt           1.0 
# 
_diffrn_source.diffrn_id                   1 
_diffrn_source.source                      'ROTATING ANODE' 
_diffrn_source.type                        SIEMENS 
_diffrn_source.pdbx_synchrotron_site       ? 
_diffrn_source.pdbx_synchrotron_beamline   ? 
_diffrn_source.pdbx_wavelength             1.5418 
_diffrn_source.pdbx_wavelength_list        ? 
# 
_reflns.entry_id                     3UPJ 
_reflns.observed_criterion_sigma_I   0.0 
_reflns.observed_criterion_sigma_F   ? 
_reflns.d_resolution_low             10.0 
_reflns.d_resolution_high            2.5 
_reflns.number_obs                   6651 
_reflns.number_all                   ? 
_reflns.percent_possible_obs         85. 
_reflns.pdbx_Rmerge_I_obs            0.0680000 
_reflns.pdbx_Rsym_value              ? 
_reflns.pdbx_netI_over_sigmaI        14.6 
_reflns.B_iso_Wilson_estimate        ? 
_reflns.pdbx_redundancy              3. 
_reflns.pdbx_ordinal                 1 
_reflns.pdbx_diffrn_id               1 
_reflns.R_free_details               ? 
_reflns.limit_h_max                  ? 
_reflns.limit_h_min                  ? 
_reflns.limit_k_max                  ? 
_reflns.limit_k_min                  ? 
_reflns.limit_l_max                  ? 
_reflns.limit_l_min                  ? 
_reflns.observed_criterion_F_max     ? 
_reflns.observed_criterion_F_min     ? 
_reflns.pdbx_chi_squared             ? 
_reflns.pdbx_scaling_rejects         ? 
# 
_reflns_shell.d_res_high             2.50 
_reflns_shell.d_res_low              2.65 
_reflns_shell.percent_possible_all   46.7 
_reflns_shell.Rmerge_I_obs           0.1790000 
_reflns_shell.pdbx_Rsym_value        ? 
_reflns_shell.meanI_over_sigI_obs    4.3 
_reflns_shell.pdbx_redundancy        2. 
_reflns_shell.pdbx_ordinal           1 
_reflns_shell.pdbx_diffrn_id         1 
_reflns_shell.percent_possible_obs   ? 
_reflns_shell.number_unique_all      ? 
_reflns_shell.number_measured_all    ? 
_reflns_shell.number_measured_obs    ? 
_reflns_shell.number_unique_obs      ? 
_reflns_shell.pdbx_chi_squared       ? 
# 
_refine.entry_id                                 3UPJ 
_refine.ls_number_reflns_obs                     5848 
_refine.ls_number_reflns_all                     ? 
_refine.pdbx_ls_sigma_I                          ? 
_refine.pdbx_ls_sigma_F                          2.0 
_refine.pdbx_data_cutoff_high_absF               ? 
_refine.pdbx_data_cutoff_low_absF                ? 
_refine.pdbx_data_cutoff_high_rms_absF           ? 
_refine.ls_d_res_low                             10.0 
_refine.ls_d_res_high                            2.5 
_refine.ls_percent_reflns_obs                    ? 
_refine.ls_R_factor_obs                          ? 
_refine.ls_R_factor_all                          ? 
_refine.ls_R_factor_R_work                       0.1720000 
_refine.ls_R_factor_R_free                       ? 
_refine.ls_R_factor_R_free_error                 ? 
_refine.ls_R_factor_R_free_error_details         ? 
_refine.ls_percent_reflns_R_free                 ? 
_refine.ls_number_reflns_R_free                  ? 
_refine.ls_number_parameters                     ? 
_refine.ls_number_restraints                     ? 
_refine.occupancy_min                            ? 
_refine.occupancy_max                            ? 
_refine.B_iso_mean                               ? 
_refine.aniso_B[1][1]                            ? 
_refine.aniso_B[2][2]                            ? 
_refine.aniso_B[3][3]                            ? 
_refine.aniso_B[1][2]                            ? 
_refine.aniso_B[1][3]                            ? 
_refine.aniso_B[2][3]                            ? 
_refine.solvent_model_details                    ? 
_refine.solvent_model_param_ksol                 ? 
_refine.solvent_model_param_bsol                 ? 
_refine.pdbx_ls_cross_valid_method               ? 
_refine.details                                  ? 
_refine.pdbx_starting_model                      'EARLIER STRUCTURE' 
_refine.pdbx_method_to_determine_struct          ? 
_refine.pdbx_isotropic_thermal_model             ? 
_refine.pdbx_stereochemistry_target_values       ? 
_refine.pdbx_stereochem_target_val_spec_case     ? 
_refine.pdbx_R_Free_selection_details            ? 
_refine.pdbx_overall_ESU_R                       ? 
_refine.pdbx_overall_ESU_R_Free                  ? 
_refine.overall_SU_ML                            ? 
_refine.overall_SU_B                             ? 
_refine.pdbx_refine_id                           'X-RAY DIFFRACTION' 
_refine.pdbx_diffrn_id                           1 
_refine.ls_redundancy_reflns_obs                 ? 
_refine.pdbx_overall_phase_error                 ? 
_refine.B_iso_min                                ? 
_refine.B_iso_max                                ? 
_refine.correlation_coeff_Fo_to_Fc               ? 
_refine.correlation_coeff_Fo_to_Fc_free          ? 
_refine.pdbx_solvent_vdw_probe_radii             ? 
_refine.pdbx_solvent_ion_probe_radii             ? 
_refine.pdbx_solvent_shrinkage_radii             ? 
_refine.overall_SU_R_Cruickshank_DPI             ? 
_refine.overall_SU_R_free                        ? 
_refine.ls_wR_factor_R_free                      ? 
_refine.ls_wR_factor_R_work                      ? 
_refine.overall_FOM_free_R_set                   ? 
_refine.overall_FOM_work_R_set                   ? 
_refine.pdbx_TLS_residual_ADP_flag               ? 
_refine.pdbx_overall_SU_R_free_Cruickshank_DPI   ? 
_refine.pdbx_overall_SU_R_Blow_DPI               ? 
_refine.pdbx_overall_SU_R_free_Blow_DPI          ? 
# 
_refine_hist.pdbx_refine_id                   'X-RAY DIFFRACTION' 
_refine_hist.cycle_id                         LAST 
_refine_hist.pdbx_number_atoms_protein        1492 
_refine_hist.pdbx_number_atoms_nucleic_acid   0 
_refine_hist.pdbx_number_atoms_ligand         23 
_refine_hist.number_atoms_solvent             115 
_refine_hist.number_atoms_total               1630 
_refine_hist.d_res_high                       2.5 
_refine_hist.d_res_low                        10.0 
# 
loop_
_refine_ls_restr.type 
_refine_ls_restr.dev_ideal 
_refine_ls_restr.dev_ideal_target 
_refine_ls_restr.weight 
_refine_ls_restr.number 
_refine_ls_restr.pdbx_refine_id 
_refine_ls_restr.pdbx_restraint_function 
o_bond_d                0.017 ? ? ? 'X-RAY DIFFRACTION' ? 
o_bond_d_na             ?     ? ? ? 'X-RAY DIFFRACTION' ? 
o_bond_d_prot           ?     ? ? ? 'X-RAY DIFFRACTION' ? 
o_angle_d               ?     ? ? ? 'X-RAY DIFFRACTION' ? 
o_angle_d_na            ?     ? ? ? 'X-RAY DIFFRACTION' ? 
o_angle_d_prot          ?     ? ? ? 'X-RAY DIFFRACTION' ? 
o_angle_deg             2.561 ? ? ? 'X-RAY DIFFRACTION' ? 
o_angle_deg_na          ?     ? ? ? 'X-RAY DIFFRACTION' ? 
o_angle_deg_prot        ?     ? ? ? 'X-RAY DIFFRACTION' ? 
o_dihedral_angle_d      ?     ? ? ? 'X-RAY DIFFRACTION' ? 
o_dihedral_angle_d_na   ?     ? ? ? 'X-RAY DIFFRACTION' ? 
o_dihedral_angle_d_prot ?     ? ? ? 'X-RAY DIFFRACTION' ? 
o_improper_angle_d      ?     ? ? ? 'X-RAY DIFFRACTION' ? 
o_improper_angle_d_na   ?     ? ? ? 'X-RAY DIFFRACTION' ? 
o_improper_angle_d_prot ?     ? ? ? 'X-RAY DIFFRACTION' ? 
o_mcbond_it             ?     ? ? ? 'X-RAY DIFFRACTION' ? 
o_mcangle_it            ?     ? ? ? 'X-RAY DIFFRACTION' ? 
o_scbond_it             ?     ? ? ? 'X-RAY DIFFRACTION' ? 
o_scangle_it            ?     ? ? ? 'X-RAY DIFFRACTION' ? 
# 
_struct.entry_id                  3UPJ 
_struct.title                     
;HUMAN IMMUNODEFICIENCY VIRUS TYPE 2 PROTEASE MUTANT WITH LYS 57 REPLACED BY LEU (K57L) COMPLEX WITH U096333 [4-HYDROXY-3-[1-(PHENYL)PROPYL]-7-METHOXYCOUMARIN]
;
_struct.pdbx_model_details        ? 
_struct.pdbx_CASP_flag            ? 
_struct.pdbx_model_type_details   ? 
# 
_struct_keywords.entry_id        3UPJ 
_struct_keywords.pdbx_keywords   'HYDROLASE (ACID PROTEASE)' 
_struct_keywords.text            'HYDROLASE (ACID PROTEASE)' 
# 
loop_
_struct_asym.id 
_struct_asym.pdbx_blank_PDB_chainid_flag 
_struct_asym.pdbx_modified 
_struct_asym.entity_id 
_struct_asym.details 
A N N 1 ? 
B N N 1 ? 
C N N 2 ? 
D N N 3 ? 
E N N 3 ? 
# 
_struct_ref.id                         1 
_struct_ref.db_name                    UNP 
_struct_ref.db_code                    POL_HV2RO 
_struct_ref.entity_id                  1 
_struct_ref.pdbx_db_accession          P04584 
_struct_ref.pdbx_align_begin           1 
_struct_ref.pdbx_seq_one_letter_code   
;TGRFFRTGPLGKEAPQLPRGPSSAGADTNSTPSGSSSGSTGEIYAAREKTERAERETIQGSDRGLTAPRAGGDTIQGATN
RGLAAPQFSLWKRPVVTAYIEGQPVEVLLDTGADDSIVAGIELGNNYSPKIVGGIGGFINTKEYKNVEIEVLNKKVRATI
MTGDTPINIFGRNILTALGMSLNLPVAKVEPIKIMLKPGKDGPKLRQWPLTKEKIEALKEICEKMEKEGQLEEAPPTNPY
NTPTFAIKKKDKNKWRMLIDFRELNKVTQDFTEIQLGIPHPAGLAKKRRITVLDVGDAYFSIPLHEDFRPYTAFTLPSVN
NAEPGKRYIYKVLPQGWKGSPAIFQHTMRQVLEPFRKANKDVIIIQYMDDILIASDRTDLEHDRVVLQLKELLNGLGFST
PDEKFQKDPPYHWMGYELWPTKWKLQKIQLPQKEIWTVNDIQKLVGVLNWAAQLYPGIKTKHLCRLIRGKMTLTEEVQWT
ELAEAELEENRIILSQEQEGHYYQEEKELEATVQKDQENQWTYKIHQEEKILKVGKYAKVKNTHTNGIRLLAQVVQKIGK
EALVIWGRIPKFHLPVEREIWEQWWDNYWQVTWIPDWDFVSTPPLVRLAFNLVGDPIPGAETFYTDGSCNRQSKEGKAGY
VTDRGKDKVKKLEQTTNQQAELEAFAMALTDSGPKVNIIVDSQYVMGISASQPTESESKIVNQIIEEMIKKEAIYVAWVP
AHKGIGGNQEVDHLVSQGIRQVLFLEKIEPAQEEHEKYHSNVKELSHKFGIPNLVARQIVNSCAQCQQKGEAIHGQVNAE
LGTWQMDCTHLEGKIIIVAVHVASGFIEAEVIPQESGRQTALFLLKLASRWPITHLHTDNGANFTSQEVKMVAWWIGIEQ
SFGVPYNPQSQGVVEAMNHHLKNQISRIREQANTIETIVLMAIHCMNFKRRGGIGDMTPSERLINMITTEQEIQFLQAKN
SKLKDFRVYFREGRDQLWKGPGELLWKGEGAVLVKVGTDIKIIPRRKAKIIRDYGGRQEMDSGSHLEGAREDGEMA
;
_struct_ref.pdbx_db_isoform            ? 
# 
loop_
_struct_ref_seq.align_id 
_struct_ref_seq.ref_id 
_struct_ref_seq.pdbx_PDB_id_code 
_struct_ref_seq.pdbx_strand_id 
_struct_ref_seq.seq_align_beg 
_struct_ref_seq.pdbx_seq_align_beg_ins_code 
_struct_ref_seq.seq_align_end 
_struct_ref_seq.pdbx_seq_align_end_ins_code 
_struct_ref_seq.pdbx_db_accession 
_struct_ref_seq.db_align_beg 
_struct_ref_seq.pdbx_db_align_beg_ins_code 
_struct_ref_seq.db_align_end 
_struct_ref_seq.pdbx_db_align_end_ins_code 
_struct_ref_seq.pdbx_auth_seq_align_beg 
_struct_ref_seq.pdbx_auth_seq_align_end 
1 1 3UPJ A 1 ? 99 ? P04584 86 ? 184 ? 1 99 
2 1 3UPJ B 1 ? 99 ? P04584 86 ? 184 ? 1 99 
# 
loop_
_struct_ref_seq_dif.align_id 
_struct_ref_seq_dif.pdbx_pdb_id_code 
_struct_ref_seq_dif.mon_id 
_struct_ref_seq_dif.pdbx_pdb_strand_id 
_struct_ref_seq_dif.seq_num 
_struct_ref_seq_dif.pdbx_pdb_ins_code 
_struct_ref_seq_dif.pdbx_seq_db_name 
_struct_ref_seq_dif.pdbx_seq_db_accession_code 
_struct_ref_seq_dif.db_mon_id 
_struct_ref_seq_dif.pdbx_seq_db_seq_num 
_struct_ref_seq_dif.details 
_struct_ref_seq_dif.pdbx_auth_seq_num 
_struct_ref_seq_dif.pdbx_ordinal 
1 3UPJ LEU A 57 ? UNP P04584 LYS 142 'engineered mutation' 57 1 
2 3UPJ LEU B 57 ? UNP P04584 LYS 142 'engineered mutation' 57 2 
# 
_pdbx_struct_assembly.id                   1 
_pdbx_struct_assembly.details              author_and_software_defined_assembly 
_pdbx_struct_assembly.method_details       PISA 
_pdbx_struct_assembly.oligomeric_details   dimeric 
_pdbx_struct_assembly.oligomeric_count     2 
# 
loop_
_pdbx_struct_assembly_prop.biol_id 
_pdbx_struct_assembly_prop.type 
_pdbx_struct_assembly_prop.value 
_pdbx_struct_assembly_prop.details 
1 'ABSA (A^2)' 4200 ? 
1 MORE         -29  ? 
1 'SSA (A^2)'  9670 ? 
# 
_pdbx_struct_assembly_gen.assembly_id       1 
_pdbx_struct_assembly_gen.oper_expression   1 
_pdbx_struct_assembly_gen.asym_id_list      A,B,C,D,E 
# 
_pdbx_struct_oper_list.id                   1 
_pdbx_struct_oper_list.type                 'identity operation' 
_pdbx_struct_oper_list.name                 1_555 
_pdbx_struct_oper_list.symmetry_operation   x,y,z 
_pdbx_struct_oper_list.matrix[1][1]         1.0000000000 
_pdbx_struct_oper_list.matrix[1][2]         0.0000000000 
_pdbx_struct_oper_list.matrix[1][3]         0.0000000000 
_pdbx_struct_oper_list.vector[1]            0.0000000000 
_pdbx_struct_oper_list.matrix[2][1]         0.0000000000 
_pdbx_struct_oper_list.matrix[2][2]         1.0000000000 
_pdbx_struct_oper_list.matrix[2][3]         0.0000000000 
_pdbx_struct_oper_list.vector[2]            0.0000000000 
_pdbx_struct_oper_list.matrix[3][1]         0.0000000000 
_pdbx_struct_oper_list.matrix[3][2]         0.0000000000 
_pdbx_struct_oper_list.matrix[3][3]         1.0000000000 
_pdbx_struct_oper_list.vector[3]            0.0000000000 
# 
_struct_biol.id        1 
_struct_biol.details   ? 
# 
loop_
_struct_conf.conf_type_id 
_struct_conf.id 
_struct_conf.pdbx_PDB_helix_id 
_struct_conf.beg_label_comp_id 
_struct_conf.beg_label_asym_id 
_struct_conf.beg_label_seq_id 
_struct_conf.pdbx_beg_PDB_ins_code 
_struct_conf.end_label_comp_id 
_struct_conf.end_label_asym_id 
_struct_conf.end_label_seq_id 
_struct_conf.pdbx_end_PDB_ins_code 
_struct_conf.beg_auth_comp_id 
_struct_conf.beg_auth_asym_id 
_struct_conf.beg_auth_seq_id 
_struct_conf.end_auth_comp_id 
_struct_conf.end_auth_asym_id 
_struct_conf.end_auth_seq_id 
_struct_conf.pdbx_PDB_helix_class 
_struct_conf.details 
_struct_conf.pdbx_PDB_helix_length 
HELX_P HELX_P1 H1 GLY A 86 ? LEU A 93 ? GLY A 86 LEU A 93 1 ? 8 
HELX_P HELX_P2 H2 GLY B 86 ? LEU B 93 ? GLY B 86 LEU B 93 1 ? 8 
# 
_struct_conf_type.id          HELX_P 
_struct_conf_type.criteria    ? 
_struct_conf_type.reference   ? 
# 
loop_
_struct_sheet.id 
_struct_sheet.type 
_struct_sheet.number_strands 
_struct_sheet.details 
S1 ? 4 ? 
S2 ? 4 ? 
S3 ? 4 ? 
# 
loop_
_struct_sheet_order.sheet_id 
_struct_sheet_order.range_id_1 
_struct_sheet_order.range_id_2 
_struct_sheet_order.offset 
_struct_sheet_order.sense 
S1 1 2 ? anti-parallel 
S1 2 3 ? anti-parallel 
S1 3 4 ? anti-parallel 
S2 1 2 ? anti-parallel 
S2 2 3 ? anti-parallel 
S2 3 4 ? anti-parallel 
S3 1 2 ? anti-parallel 
S3 2 3 ? anti-parallel 
S3 3 4 ? anti-parallel 
# 
loop_
_struct_sheet_range.sheet_id 
_struct_sheet_range.id 
_struct_sheet_range.beg_label_comp_id 
_struct_sheet_range.beg_label_asym_id 
_struct_sheet_range.beg_label_seq_id 
_struct_sheet_range.pdbx_beg_PDB_ins_code 
_struct_sheet_range.end_label_comp_id 
_struct_sheet_range.end_label_asym_id 
_struct_sheet_range.end_label_seq_id 
_struct_sheet_range.pdbx_end_PDB_ins_code 
_struct_sheet_range.beg_auth_comp_id 
_struct_sheet_range.beg_auth_asym_id 
_struct_sheet_range.beg_auth_seq_id 
_struct_sheet_range.end_auth_comp_id 
_struct_sheet_range.end_auth_asym_id 
_struct_sheet_range.end_auth_seq_id 
S1 1 PRO A 1  ? PHE A 3  ? PRO A 1  PHE A 3  
S1 2 SER B 96 ? LEU B 99 ? SER B 96 LEU B 99 
S1 3 SER A 96 ? LEU A 99 ? SER A 96 LEU A 99 
S1 4 PHE B 3  ? PHE B 3  ? PHE B 3  PHE B 3  
S2 1 GLN A 18 ? VAL A 20 ? GLN A 18 VAL A 20 
S2 2 ALA A 13 ? ILE A 15 ? ALA A 13 ILE A 15 
S2 3 GLU A 63 ? VAL A 66 ? GLU A 63 VAL A 66 
S2 4 LYS A 69 ? VAL A 71 ? LYS A 69 VAL A 71 
S3 1 GLN B 18 ? VAL B 20 ? GLN B 18 VAL B 20 
S3 2 ALA B 13 ? ILE B 15 ? ALA B 13 ILE B 15 
S3 3 GLU B 63 ? VAL B 66 ? GLU B 63 VAL B 66 
S3 4 LYS B 69 ? VAL B 71 ? LYS B 69 VAL B 71 
# 
loop_
_pdbx_struct_sheet_hbond.sheet_id 
_pdbx_struct_sheet_hbond.range_id_1 
_pdbx_struct_sheet_hbond.range_id_2 
_pdbx_struct_sheet_hbond.range_1_label_atom_id 
_pdbx_struct_sheet_hbond.range_1_label_comp_id 
_pdbx_struct_sheet_hbond.range_1_label_asym_id 
_pdbx_struct_sheet_hbond.range_1_label_seq_id 
_pdbx_struct_sheet_hbond.range_1_PDB_ins_code 
_pdbx_struct_sheet_hbond.range_1_auth_atom_id 
_pdbx_struct_sheet_hbond.range_1_auth_comp_id 
_pdbx_struct_sheet_hbond.range_1_auth_asym_id 
_pdbx_struct_sheet_hbond.range_1_auth_seq_id 
_pdbx_struct_sheet_hbond.range_2_label_atom_id 
_pdbx_struct_sheet_hbond.range_2_label_comp_id 
_pdbx_struct_sheet_hbond.range_2_label_asym_id 
_pdbx_struct_sheet_hbond.range_2_label_seq_id 
_pdbx_struct_sheet_hbond.range_2_PDB_ins_code 
_pdbx_struct_sheet_hbond.range_2_auth_atom_id 
_pdbx_struct_sheet_hbond.range_2_auth_comp_id 
_pdbx_struct_sheet_hbond.range_2_auth_asym_id 
_pdbx_struct_sheet_hbond.range_2_auth_seq_id 
S1 1 2 O PHE A 3  ? O PHE A 3  N LEU B 97 ? N LEU B 97 
S1 2 3 O ASN B 98 ? O ASN B 98 N SER A 96 ? N SER A 96 
S1 3 4 O LEU A 97 ? O LEU A 97 N PHE B 3  ? N PHE B 3  
S2 1 2 O VAL A 20 ? O VAL A 20 N ALA A 13 ? N ALA A 13 
S2 2 3 O TYR A 14 ? O TYR A 14 N GLU A 65 ? N GLU A 65 
S2 3 4 O ILE A 64 ? O ILE A 64 N VAL A 71 ? N VAL A 71 
S3 1 2 O VAL B 20 ? O VAL B 20 N ALA B 13 ? N ALA B 13 
S3 2 3 O TYR B 14 ? O TYR B 14 N GLU B 65 ? N GLU B 65 
S3 3 4 O ILE B 64 ? O ILE B 64 N VAL B 71 ? N VAL B 71 
# 
_struct_site.id                   AC1 
_struct_site.pdbx_evidence_code   Software 
_struct_site.pdbx_auth_asym_id    A 
_struct_site.pdbx_auth_comp_id    U03 
_struct_site.pdbx_auth_seq_id     100 
_struct_site.pdbx_auth_ins_code   ? 
_struct_site.pdbx_num_residues    8 
_struct_site.details              'BINDING SITE FOR RESIDUE U03 A 100' 
# 
loop_
_struct_site_gen.id 
_struct_site_gen.site_id 
_struct_site_gen.pdbx_num_res 
_struct_site_gen.label_comp_id 
_struct_site_gen.label_asym_id 
_struct_site_gen.label_seq_id 
_struct_site_gen.pdbx_auth_ins_code 
_struct_site_gen.auth_comp_id 
_struct_site_gen.auth_asym_id 
_struct_site_gen.auth_seq_id 
_struct_site_gen.label_atom_id 
_struct_site_gen.label_alt_id 
_struct_site_gen.symmetry 
_struct_site_gen.details 
1 AC1 8 ASP A 25 ? ASP A 25 . ? 1_555 ? 
2 AC1 8 GLY A 27 ? GLY A 27 . ? 1_555 ? 
3 AC1 8 GLY A 48 ? GLY A 48 . ? 1_555 ? 
4 AC1 8 ILE A 50 ? ILE A 50 . ? 1_555 ? 
5 AC1 8 ILE A 82 ? ILE A 82 . ? 1_555 ? 
6 AC1 8 ASP B 25 ? ASP B 25 . ? 1_555 ? 
7 AC1 8 GLY B 27 ? GLY B 27 . ? 1_555 ? 
8 AC1 8 ILE B 50 ? ILE B 50 . ? 1_555 ? 
# 
_pdbx_validate_close_contact.id               1 
_pdbx_validate_close_contact.PDB_model_num    1 
_pdbx_validate_close_contact.auth_atom_id_1   OD2 
_pdbx_validate_close_contact.auth_asym_id_1   A 
_pdbx_validate_close_contact.auth_comp_id_1   ASP 
_pdbx_validate_close_contact.auth_seq_id_1    30 
_pdbx_validate_close_contact.PDB_ins_code_1   ? 
_pdbx_validate_close_contact.label_alt_id_1   ? 
_pdbx_validate_close_contact.auth_atom_id_2   O 
_pdbx_validate_close_contact.auth_asym_id_2   A 
_pdbx_validate_close_contact.auth_comp_id_2   HOH 
_pdbx_validate_close_contact.auth_seq_id_2    401 
_pdbx_validate_close_contact.PDB_ins_code_2   ? 
_pdbx_validate_close_contact.label_alt_id_2   ? 
_pdbx_validate_close_contact.dist             1.87 
# 
_pdbx_validate_chiral.id              1 
_pdbx_validate_chiral.PDB_model_num   1 
_pdbx_validate_chiral.auth_atom_id    CG1 
_pdbx_validate_chiral.label_alt_id    ? 
_pdbx_validate_chiral.auth_asym_id    A 
_pdbx_validate_chiral.auth_comp_id    U03 
_pdbx_validate_chiral.auth_seq_id     100 
_pdbx_validate_chiral.PDB_ins_code    ? 
_pdbx_validate_chiral.details         PLANAR 
_pdbx_validate_chiral.omega           . 
# 
_pdbx_entry_details.entry_id                 3UPJ 
_pdbx_entry_details.compound_details         ? 
_pdbx_entry_details.source_details           ? 
_pdbx_entry_details.nonpolymer_details       
;ATOMS OA2 AND OA3 OF RESIDUE U03 [THE INHIBITOR] ARE,
RESPECTIVELY, THE CARBONYL OXYGEN AND RING OXYGEN OF THE
LACTONIC FUNCTION.  THE ATOM OA6 IS THE HYDROXYLIC OXYGEN
OF THE COUMARIN TEMPLATE.
;
_pdbx_entry_details.sequence_details         ? 
_pdbx_entry_details.has_ligand_of_interest   ? 
# 
loop_
_pdbx_unobs_or_zero_occ_residues.id 
_pdbx_unobs_or_zero_occ_residues.PDB_model_num 
_pdbx_unobs_or_zero_occ_residues.polymer_flag 
_pdbx_unobs_or_zero_occ_residues.occupancy_flag 
_pdbx_unobs_or_zero_occ_residues.auth_asym_id 
_pdbx_unobs_or_zero_occ_residues.auth_comp_id 
_pdbx_unobs_or_zero_occ_residues.auth_seq_id 
_pdbx_unobs_or_zero_occ_residues.PDB_ins_code 
_pdbx_unobs_or_zero_occ_residues.label_asym_id 
_pdbx_unobs_or_zero_occ_residues.label_comp_id 
_pdbx_unobs_or_zero_occ_residues.label_seq_id 
1 1 Y 1 B PRO 1 ? B PRO 1 
2 1 Y 1 B GLN 2 ? B GLN 2 
# 
loop_
_chem_comp_atom.comp_id 
_chem_comp_atom.atom_id 
_chem_comp_atom.type_symbol 
_chem_comp_atom.pdbx_aromatic_flag 
_chem_comp_atom.pdbx_stereo_config 
_chem_comp_atom.pdbx_ordinal 
ALA N    N N N 1   
ALA CA   C N S 2   
ALA C    C N N 3   
ALA O    O N N 4   
ALA CB   C N N 5   
ALA OXT  O N N 6   
ALA H    H N N 7   
ALA H2   H N N 8   
ALA HA   H N N 9   
ALA HB1  H N N 10  
ALA HB2  H N N 11  
ALA HB3  H N N 12  
ALA HXT  H N N 13  
ARG N    N N N 14  
ARG CA   C N S 15  
ARG C    C N N 16  
ARG O    O N N 17  
ARG CB   C N N 18  
ARG CG   C N N 19  
ARG CD   C N N 20  
ARG NE   N N N 21  
ARG CZ   C N N 22  
ARG NH1  N N N 23  
ARG NH2  N N N 24  
ARG OXT  O N N 25  
ARG H    H N N 26  
ARG H2   H N N 27  
ARG HA   H N N 28  
ARG HB2  H N N 29  
ARG HB3  H N N 30  
ARG HG2  H N N 31  
ARG HG3  H N N 32  
ARG HD2  H N N 33  
ARG HD3  H N N 34  
ARG HE   H N N 35  
ARG HH11 H N N 36  
ARG HH12 H N N 37  
ARG HH21 H N N 38  
ARG HH22 H N N 39  
ARG HXT  H N N 40  
ASN N    N N N 41  
ASN CA   C N S 42  
ASN C    C N N 43  
ASN O    O N N 44  
ASN CB   C N N 45  
ASN CG   C N N 46  
ASN OD1  O N N 47  
ASN ND2  N N N 48  
ASN OXT  O N N 49  
ASN H    H N N 50  
ASN H2   H N N 51  
ASN HA   H N N 52  
ASN HB2  H N N 53  
ASN HB3  H N N 54  
ASN HD21 H N N 55  
ASN HD22 H N N 56  
ASN HXT  H N N 57  
ASP N    N N N 58  
ASP CA   C N S 59  
ASP C    C N N 60  
ASP O    O N N 61  
ASP CB   C N N 62  
ASP CG   C N N 63  
ASP OD1  O N N 64  
ASP OD2  O N N 65  
ASP OXT  O N N 66  
ASP H    H N N 67  
ASP H2   H N N 68  
ASP HA   H N N 69  
ASP HB2  H N N 70  
ASP HB3  H N N 71  
ASP HD2  H N N 72  
ASP HXT  H N N 73  
GLN N    N N N 74  
GLN CA   C N S 75  
GLN C    C N N 76  
GLN O    O N N 77  
GLN CB   C N N 78  
GLN CG   C N N 79  
GLN CD   C N N 80  
GLN OE1  O N N 81  
GLN NE2  N N N 82  
GLN OXT  O N N 83  
GLN H    H N N 84  
GLN H2   H N N 85  
GLN HA   H N N 86  
GLN HB2  H N N 87  
GLN HB3  H N N 88  
GLN HG2  H N N 89  
GLN HG3  H N N 90  
GLN HE21 H N N 91  
GLN HE22 H N N 92  
GLN HXT  H N N 93  
GLU N    N N N 94  
GLU CA   C N S 95  
GLU C    C N N 96  
GLU O    O N N 97  
GLU CB   C N N 98  
GLU CG   C N N 99  
GLU CD   C N N 100 
GLU OE1  O N N 101 
GLU OE2  O N N 102 
GLU OXT  O N N 103 
GLU H    H N N 104 
GLU H2   H N N 105 
GLU HA   H N N 106 
GLU HB2  H N N 107 
GLU HB3  H N N 108 
GLU HG2  H N N 109 
GLU HG3  H N N 110 
GLU HE2  H N N 111 
GLU HXT  H N N 112 
GLY N    N N N 113 
GLY CA   C N N 114 
GLY C    C N N 115 
GLY O    O N N 116 
GLY OXT  O N N 117 
GLY H    H N N 118 
GLY H2   H N N 119 
GLY HA2  H N N 120 
GLY HA3  H N N 121 
GLY HXT  H N N 122 
HOH O    O N N 123 
HOH H1   H N N 124 
HOH H2   H N N 125 
ILE N    N N N 126 
ILE CA   C N S 127 
ILE C    C N N 128 
ILE O    O N N 129 
ILE CB   C N S 130 
ILE CG1  C N N 131 
ILE CG2  C N N 132 
ILE CD1  C N N 133 
ILE OXT  O N N 134 
ILE H    H N N 135 
ILE H2   H N N 136 
ILE HA   H N N 137 
ILE HB   H N N 138 
ILE HG12 H N N 139 
ILE HG13 H N N 140 
ILE HG21 H N N 141 
ILE HG22 H N N 142 
ILE HG23 H N N 143 
ILE HD11 H N N 144 
ILE HD12 H N N 145 
ILE HD13 H N N 146 
ILE HXT  H N N 147 
LEU N    N N N 148 
LEU CA   C N S 149 
LEU C    C N N 150 
LEU O    O N N 151 
LEU CB   C N N 152 
LEU CG   C N N 153 
LEU CD1  C N N 154 
LEU CD2  C N N 155 
LEU OXT  O N N 156 
LEU H    H N N 157 
LEU H2   H N N 158 
LEU HA   H N N 159 
LEU HB2  H N N 160 
LEU HB3  H N N 161 
LEU HG   H N N 162 
LEU HD11 H N N 163 
LEU HD12 H N N 164 
LEU HD13 H N N 165 
LEU HD21 H N N 166 
LEU HD22 H N N 167 
LEU HD23 H N N 168 
LEU HXT  H N N 169 
LYS N    N N N 170 
LYS CA   C N S 171 
LYS C    C N N 172 
LYS O    O N N 173 
LYS CB   C N N 174 
LYS CG   C N N 175 
LYS CD   C N N 176 
LYS CE   C N N 177 
LYS NZ   N N N 178 
LYS OXT  O N N 179 
LYS H    H N N 180 
LYS H2   H N N 181 
LYS HA   H N N 182 
LYS HB2  H N N 183 
LYS HB3  H N N 184 
LYS HG2  H N N 185 
LYS HG3  H N N 186 
LYS HD2  H N N 187 
LYS HD3  H N N 188 
LYS HE2  H N N 189 
LYS HE3  H N N 190 
LYS HZ1  H N N 191 
LYS HZ2  H N N 192 
LYS HZ3  H N N 193 
LYS HXT  H N N 194 
MET N    N N N 195 
MET CA   C N S 196 
MET C    C N N 197 
MET O    O N N 198 
MET CB   C N N 199 
MET CG   C N N 200 
MET SD   S N N 201 
MET CE   C N N 202 
MET OXT  O N N 203 
MET H    H N N 204 
MET H2   H N N 205 
MET HA   H N N 206 
MET HB2  H N N 207 
MET HB3  H N N 208 
MET HG2  H N N 209 
MET HG3  H N N 210 
MET HE1  H N N 211 
MET HE2  H N N 212 
MET HE3  H N N 213 
MET HXT  H N N 214 
PHE N    N N N 215 
PHE CA   C N S 216 
PHE C    C N N 217 
PHE O    O N N 218 
PHE CB   C N N 219 
PHE CG   C Y N 220 
PHE CD1  C Y N 221 
PHE CD2  C Y N 222 
PHE CE1  C Y N 223 
PHE CE2  C Y N 224 
PHE CZ   C Y N 225 
PHE OXT  O N N 226 
PHE H    H N N 227 
PHE H2   H N N 228 
PHE HA   H N N 229 
PHE HB2  H N N 230 
PHE HB3  H N N 231 
PHE HD1  H N N 232 
PHE HD2  H N N 233 
PHE HE1  H N N 234 
PHE HE2  H N N 235 
PHE HZ   H N N 236 
PHE HXT  H N N 237 
PRO N    N N N 238 
PRO CA   C N S 239 
PRO C    C N N 240 
PRO O    O N N 241 
PRO CB   C N N 242 
PRO CG   C N N 243 
PRO CD   C N N 244 
PRO OXT  O N N 245 
PRO H    H N N 246 
PRO HA   H N N 247 
PRO HB2  H N N 248 
PRO HB3  H N N 249 
PRO HG2  H N N 250 
PRO HG3  H N N 251 
PRO HD2  H N N 252 
PRO HD3  H N N 253 
PRO HXT  H N N 254 
SER N    N N N 255 
SER CA   C N S 256 
SER C    C N N 257 
SER O    O N N 258 
SER CB   C N N 259 
SER OG   O N N 260 
SER OXT  O N N 261 
SER H    H N N 262 
SER H2   H N N 263 
SER HA   H N N 264 
SER HB2  H N N 265 
SER HB3  H N N 266 
SER HG   H N N 267 
SER HXT  H N N 268 
THR N    N N N 269 
THR CA   C N S 270 
THR C    C N N 271 
THR O    O N N 272 
THR CB   C N R 273 
THR OG1  O N N 274 
THR CG2  C N N 275 
THR OXT  O N N 276 
THR H    H N N 277 
THR H2   H N N 278 
THR HA   H N N 279 
THR HB   H N N 280 
THR HG1  H N N 281 
THR HG21 H N N 282 
THR HG22 H N N 283 
THR HG23 H N N 284 
THR HXT  H N N 285 
TRP N    N N N 286 
TRP CA   C N S 287 
TRP C    C N N 288 
TRP O    O N N 289 
TRP CB   C N N 290 
TRP CG   C Y N 291 
TRP CD1  C Y N 292 
TRP CD2  C Y N 293 
TRP NE1  N Y N 294 
TRP CE2  C Y N 295 
TRP CE3  C Y N 296 
TRP CZ2  C Y N 297 
TRP CZ3  C Y N 298 
TRP CH2  C Y N 299 
TRP OXT  O N N 300 
TRP H    H N N 301 
TRP H2   H N N 302 
TRP HA   H N N 303 
TRP HB2  H N N 304 
TRP HB3  H N N 305 
TRP HD1  H N N 306 
TRP HE1  H N N 307 
TRP HE3  H N N 308 
TRP HZ2  H N N 309 
TRP HZ3  H N N 310 
TRP HH2  H N N 311 
TRP HXT  H N N 312 
TYR N    N N N 313 
TYR CA   C N S 314 
TYR C    C N N 315 
TYR O    O N N 316 
TYR CB   C N N 317 
TYR CG   C Y N 318 
TYR CD1  C Y N 319 
TYR CD2  C Y N 320 
TYR CE1  C Y N 321 
TYR CE2  C Y N 322 
TYR CZ   C Y N 323 
TYR OH   O N N 324 
TYR OXT  O N N 325 
TYR H    H N N 326 
TYR H2   H N N 327 
TYR HA   H N N 328 
TYR HB2  H N N 329 
TYR HB3  H N N 330 
TYR HD1  H N N 331 
TYR HD2  H N N 332 
TYR HE1  H N N 333 
TYR HE2  H N N 334 
TYR HH   H N N 335 
TYR HXT  H N N 336 
U03 CA   C Y N 337 
U03 CA2  C Y N 338 
U03 CA4  C Y N 339 
U03 CA5  C Y N 340 
U03 CA6  C Y N 341 
U03 CB1  C Y N 342 
U03 CB2  C Y N 343 
U03 CB3  C Y N 344 
U03 CB4  C Y N 345 
U03 CB5  C Y N 346 
U03 CB6  C Y N 347 
U03 CG1  C N R 348 
U03 CG2  C N N 349 
U03 CG3  C N N 350 
U03 CD1  C Y N 351 
U03 CD2  C Y N 352 
U03 CD3  C Y N 353 
U03 CD4  C Y N 354 
U03 CE3  C N N 355 
U03 OA2  O N N 356 
U03 OA3  O Y N 357 
U03 OA6  O N N 358 
U03 OE3  O N N 359 
U03 HB2  H N N 360 
U03 HB3  H N N 361 
U03 HB4  H N N 362 
U03 HB5  H N N 363 
U03 HB6  H N N 364 
U03 HG1  H N N 365 
U03 HG21 H N N 366 
U03 HG22 H N N 367 
U03 HG31 H N N 368 
U03 HG32 H N N 369 
U03 HG33 H N N 370 
U03 HD1  H N N 371 
U03 HD3  H N N 372 
U03 HD4  H N N 373 
U03 HE31 H N N 374 
U03 HE32 H N N 375 
U03 HE33 H N N 376 
U03 HO6  H N N 377 
VAL N    N N N 378 
VAL CA   C N S 379 
VAL C    C N N 380 
VAL O    O N N 381 
VAL CB   C N N 382 
VAL CG1  C N N 383 
VAL CG2  C N N 384 
VAL OXT  O N N 385 
VAL H    H N N 386 
VAL H2   H N N 387 
VAL HA   H N N 388 
VAL HB   H N N 389 
VAL HG11 H N N 390 
VAL HG12 H N N 391 
VAL HG13 H N N 392 
VAL HG21 H N N 393 
VAL HG22 H N N 394 
VAL HG23 H N N 395 
VAL HXT  H N N 396 
# 
loop_
_chem_comp_bond.comp_id 
_chem_comp_bond.atom_id_1 
_chem_comp_bond.atom_id_2 
_chem_comp_bond.value_order 
_chem_comp_bond.pdbx_aromatic_flag 
_chem_comp_bond.pdbx_stereo_config 
_chem_comp_bond.pdbx_ordinal 
ALA N   CA   sing N N 1   
ALA N   H    sing N N 2   
ALA N   H2   sing N N 3   
ALA CA  C    sing N N 4   
ALA CA  CB   sing N N 5   
ALA CA  HA   sing N N 6   
ALA C   O    doub N N 7   
ALA C   OXT  sing N N 8   
ALA CB  HB1  sing N N 9   
ALA CB  HB2  sing N N 10  
ALA CB  HB3  sing N N 11  
ALA OXT HXT  sing N N 12  
ARG N   CA   sing N N 13  
ARG N   H    sing N N 14  
ARG N   H2   sing N N 15  
ARG CA  C    sing N N 16  
ARG CA  CB   sing N N 17  
ARG CA  HA   sing N N 18  
ARG C   O    doub N N 19  
ARG C   OXT  sing N N 20  
ARG CB  CG   sing N N 21  
ARG CB  HB2  sing N N 22  
ARG CB  HB3  sing N N 23  
ARG CG  CD   sing N N 24  
ARG CG  HG2  sing N N 25  
ARG CG  HG3  sing N N 26  
ARG CD  NE   sing N N 27  
ARG CD  HD2  sing N N 28  
ARG CD  HD3  sing N N 29  
ARG NE  CZ   sing N N 30  
ARG NE  HE   sing N N 31  
ARG CZ  NH1  sing N N 32  
ARG CZ  NH2  doub N N 33  
ARG NH1 HH11 sing N N 34  
ARG NH1 HH12 sing N N 35  
ARG NH2 HH21 sing N N 36  
ARG NH2 HH22 sing N N 37  
ARG OXT HXT  sing N N 38  
ASN N   CA   sing N N 39  
ASN N   H    sing N N 40  
ASN N   H2   sing N N 41  
ASN CA  C    sing N N 42  
ASN CA  CB   sing N N 43  
ASN CA  HA   sing N N 44  
ASN C   O    doub N N 45  
ASN C   OXT  sing N N 46  
ASN CB  CG   sing N N 47  
ASN CB  HB2  sing N N 48  
ASN CB  HB3  sing N N 49  
ASN CG  OD1  doub N N 50  
ASN CG  ND2  sing N N 51  
ASN ND2 HD21 sing N N 52  
ASN ND2 HD22 sing N N 53  
ASN OXT HXT  sing N N 54  
ASP N   CA   sing N N 55  
ASP N   H    sing N N 56  
ASP N   H2   sing N N 57  
ASP CA  C    sing N N 58  
ASP CA  CB   sing N N 59  
ASP CA  HA   sing N N 60  
ASP C   O    doub N N 61  
ASP C   OXT  sing N N 62  
ASP CB  CG   sing N N 63  
ASP CB  HB2  sing N N 64  
ASP CB  HB3  sing N N 65  
ASP CG  OD1  doub N N 66  
ASP CG  OD2  sing N N 67  
ASP OD2 HD2  sing N N 68  
ASP OXT HXT  sing N N 69  
GLN N   CA   sing N N 70  
GLN N   H    sing N N 71  
GLN N   H2   sing N N 72  
GLN CA  C    sing N N 73  
GLN CA  CB   sing N N 74  
GLN CA  HA   sing N N 75  
GLN C   O    doub N N 76  
GLN C   OXT  sing N N 77  
GLN CB  CG   sing N N 78  
GLN CB  HB2  sing N N 79  
GLN CB  HB3  sing N N 80  
GLN CG  CD   sing N N 81  
GLN CG  HG2  sing N N 82  
GLN CG  HG3  sing N N 83  
GLN CD  OE1  doub N N 84  
GLN CD  NE2  sing N N 85  
GLN NE2 HE21 sing N N 86  
GLN NE2 HE22 sing N N 87  
GLN OXT HXT  sing N N 88  
GLU N   CA   sing N N 89  
GLU N   H    sing N N 90  
GLU N   H2   sing N N 91  
GLU CA  C    sing N N 92  
GLU CA  CB   sing N N 93  
GLU CA  HA   sing N N 94  
GLU C   O    doub N N 95  
GLU C   OXT  sing N N 96  
GLU CB  CG   sing N N 97  
GLU CB  HB2  sing N N 98  
GLU CB  HB3  sing N N 99  
GLU CG  CD   sing N N 100 
GLU CG  HG2  sing N N 101 
GLU CG  HG3  sing N N 102 
GLU CD  OE1  doub N N 103 
GLU CD  OE2  sing N N 104 
GLU OE2 HE2  sing N N 105 
GLU OXT HXT  sing N N 106 
GLY N   CA   sing N N 107 
GLY N   H    sing N N 108 
GLY N   H2   sing N N 109 
GLY CA  C    sing N N 110 
GLY CA  HA2  sing N N 111 
GLY CA  HA3  sing N N 112 
GLY C   O    doub N N 113 
GLY C   OXT  sing N N 114 
GLY OXT HXT  sing N N 115 
HOH O   H1   sing N N 116 
HOH O   H2   sing N N 117 
ILE N   CA   sing N N 118 
ILE N   H    sing N N 119 
ILE N   H2   sing N N 120 
ILE CA  C    sing N N 121 
ILE CA  CB   sing N N 122 
ILE CA  HA   sing N N 123 
ILE C   O    doub N N 124 
ILE C   OXT  sing N N 125 
ILE CB  CG1  sing N N 126 
ILE CB  CG2  sing N N 127 
ILE CB  HB   sing N N 128 
ILE CG1 CD1  sing N N 129 
ILE CG1 HG12 sing N N 130 
ILE CG1 HG13 sing N N 131 
ILE CG2 HG21 sing N N 132 
ILE CG2 HG22 sing N N 133 
ILE CG2 HG23 sing N N 134 
ILE CD1 HD11 sing N N 135 
ILE CD1 HD12 sing N N 136 
ILE CD1 HD13 sing N N 137 
ILE OXT HXT  sing N N 138 
LEU N   CA   sing N N 139 
LEU N   H    sing N N 140 
LEU N   H2   sing N N 141 
LEU CA  C    sing N N 142 
LEU CA  CB   sing N N 143 
LEU CA  HA   sing N N 144 
LEU C   O    doub N N 145 
LEU C   OXT  sing N N 146 
LEU CB  CG   sing N N 147 
LEU CB  HB2  sing N N 148 
LEU CB  HB3  sing N N 149 
LEU CG  CD1  sing N N 150 
LEU CG  CD2  sing N N 151 
LEU CG  HG   sing N N 152 
LEU CD1 HD11 sing N N 153 
LEU CD1 HD12 sing N N 154 
LEU CD1 HD13 sing N N 155 
LEU CD2 HD21 sing N N 156 
LEU CD2 HD22 sing N N 157 
LEU CD2 HD23 sing N N 158 
LEU OXT HXT  sing N N 159 
LYS N   CA   sing N N 160 
LYS N   H    sing N N 161 
LYS N   H2   sing N N 162 
LYS CA  C    sing N N 163 
LYS CA  CB   sing N N 164 
LYS CA  HA   sing N N 165 
LYS C   O    doub N N 166 
LYS C   OXT  sing N N 167 
LYS CB  CG   sing N N 168 
LYS CB  HB2  sing N N 169 
LYS CB  HB3  sing N N 170 
LYS CG  CD   sing N N 171 
LYS CG  HG2  sing N N 172 
LYS CG  HG3  sing N N 173 
LYS CD  CE   sing N N 174 
LYS CD  HD2  sing N N 175 
LYS CD  HD3  sing N N 176 
LYS CE  NZ   sing N N 177 
LYS CE  HE2  sing N N 178 
LYS CE  HE3  sing N N 179 
LYS NZ  HZ1  sing N N 180 
LYS NZ  HZ2  sing N N 181 
LYS NZ  HZ3  sing N N 182 
LYS OXT HXT  sing N N 183 
MET N   CA   sing N N 184 
MET N   H    sing N N 185 
MET N   H2   sing N N 186 
MET CA  C    sing N N 187 
MET CA  CB   sing N N 188 
MET CA  HA   sing N N 189 
MET C   O    doub N N 190 
MET C   OXT  sing N N 191 
MET CB  CG   sing N N 192 
MET CB  HB2  sing N N 193 
MET CB  HB3  sing N N 194 
MET CG  SD   sing N N 195 
MET CG  HG2  sing N N 196 
MET CG  HG3  sing N N 197 
MET SD  CE   sing N N 198 
MET CE  HE1  sing N N 199 
MET CE  HE2  sing N N 200 
MET CE  HE3  sing N N 201 
MET OXT HXT  sing N N 202 
PHE N   CA   sing N N 203 
PHE N   H    sing N N 204 
PHE N   H2   sing N N 205 
PHE CA  C    sing N N 206 
PHE CA  CB   sing N N 207 
PHE CA  HA   sing N N 208 
PHE C   O    doub N N 209 
PHE C   OXT  sing N N 210 
PHE CB  CG   sing N N 211 
PHE CB  HB2  sing N N 212 
PHE CB  HB3  sing N N 213 
PHE CG  CD1  doub Y N 214 
PHE CG  CD2  sing Y N 215 
PHE CD1 CE1  sing Y N 216 
PHE CD1 HD1  sing N N 217 
PHE CD2 CE2  doub Y N 218 
PHE CD2 HD2  sing N N 219 
PHE CE1 CZ   doub Y N 220 
PHE CE1 HE1  sing N N 221 
PHE CE2 CZ   sing Y N 222 
PHE CE2 HE2  sing N N 223 
PHE CZ  HZ   sing N N 224 
PHE OXT HXT  sing N N 225 
PRO N   CA   sing N N 226 
PRO N   CD   sing N N 227 
PRO N   H    sing N N 228 
PRO CA  C    sing N N 229 
PRO CA  CB   sing N N 230 
PRO CA  HA   sing N N 231 
PRO C   O    doub N N 232 
PRO C   OXT  sing N N 233 
PRO CB  CG   sing N N 234 
PRO CB  HB2  sing N N 235 
PRO CB  HB3  sing N N 236 
PRO CG  CD   sing N N 237 
PRO CG  HG2  sing N N 238 
PRO CG  HG3  sing N N 239 
PRO CD  HD2  sing N N 240 
PRO CD  HD3  sing N N 241 
PRO OXT HXT  sing N N 242 
SER N   CA   sing N N 243 
SER N   H    sing N N 244 
SER N   H2   sing N N 245 
SER CA  C    sing N N 246 
SER CA  CB   sing N N 247 
SER CA  HA   sing N N 248 
SER C   O    doub N N 249 
SER C   OXT  sing N N 250 
SER CB  OG   sing N N 251 
SER CB  HB2  sing N N 252 
SER CB  HB3  sing N N 253 
SER OG  HG   sing N N 254 
SER OXT HXT  sing N N 255 
THR N   CA   sing N N 256 
THR N   H    sing N N 257 
THR N   H2   sing N N 258 
THR CA  C    sing N N 259 
THR CA  CB   sing N N 260 
THR CA  HA   sing N N 261 
THR C   O    doub N N 262 
THR C   OXT  sing N N 263 
THR CB  OG1  sing N N 264 
THR CB  CG2  sing N N 265 
THR CB  HB   sing N N 266 
THR OG1 HG1  sing N N 267 
THR CG2 HG21 sing N N 268 
THR CG2 HG22 sing N N 269 
THR CG2 HG23 sing N N 270 
THR OXT HXT  sing N N 271 
TRP N   CA   sing N N 272 
TRP N   H    sing N N 273 
TRP N   H2   sing N N 274 
TRP CA  C    sing N N 275 
TRP CA  CB   sing N N 276 
TRP CA  HA   sing N N 277 
TRP C   O    doub N N 278 
TRP C   OXT  sing N N 279 
TRP CB  CG   sing N N 280 
TRP CB  HB2  sing N N 281 
TRP CB  HB3  sing N N 282 
TRP CG  CD1  doub Y N 283 
TRP CG  CD2  sing Y N 284 
TRP CD1 NE1  sing Y N 285 
TRP CD1 HD1  sing N N 286 
TRP CD2 CE2  doub Y N 287 
TRP CD2 CE3  sing Y N 288 
TRP NE1 CE2  sing Y N 289 
TRP NE1 HE1  sing N N 290 
TRP CE2 CZ2  sing Y N 291 
TRP CE3 CZ3  doub Y N 292 
TRP CE3 HE3  sing N N 293 
TRP CZ2 CH2  doub Y N 294 
TRP CZ2 HZ2  sing N N 295 
TRP CZ3 CH2  sing Y N 296 
TRP CZ3 HZ3  sing N N 297 
TRP CH2 HH2  sing N N 298 
TRP OXT HXT  sing N N 299 
TYR N   CA   sing N N 300 
TYR N   H    sing N N 301 
TYR N   H2   sing N N 302 
TYR CA  C    sing N N 303 
TYR CA  CB   sing N N 304 
TYR CA  HA   sing N N 305 
TYR C   O    doub N N 306 
TYR C   OXT  sing N N 307 
TYR CB  CG   sing N N 308 
TYR CB  HB2  sing N N 309 
TYR CB  HB3  sing N N 310 
TYR CG  CD1  doub Y N 311 
TYR CG  CD2  sing Y N 312 
TYR CD1 CE1  sing Y N 313 
TYR CD1 HD1  sing N N 314 
TYR CD2 CE2  doub Y N 315 
TYR CD2 HD2  sing N N 316 
TYR CE1 CZ   doub Y N 317 
TYR CE1 HE1  sing N N 318 
TYR CE2 CZ   sing Y N 319 
TYR CE2 HE2  sing N N 320 
TYR CZ  OH   sing N N 321 
TYR OH  HH   sing N N 322 
TYR OXT HXT  sing N N 323 
U03 CA  CA2  sing Y N 324 
U03 CA  CA6  doub Y N 325 
U03 CA  CG1  sing N N 326 
U03 CA2 OA2  doub N N 327 
U03 CA2 OA3  sing Y N 328 
U03 CA4 CA5  doub Y N 329 
U03 CA4 CD1  sing Y N 330 
U03 CA4 OA3  sing Y N 331 
U03 CA5 CA6  sing Y N 332 
U03 CA5 CD4  sing Y N 333 
U03 CA6 OA6  sing N N 334 
U03 CB1 CB2  doub Y N 335 
U03 CB1 CB6  sing Y N 336 
U03 CB1 CG1  sing N N 337 
U03 CB2 CB3  sing Y N 338 
U03 CB2 HB2  sing N N 339 
U03 CB3 CB4  doub Y N 340 
U03 CB3 HB3  sing N N 341 
U03 CB4 CB5  sing Y N 342 
U03 CB4 HB4  sing N N 343 
U03 CB5 CB6  doub Y N 344 
U03 CB5 HB5  sing N N 345 
U03 CB6 HB6  sing N N 346 
U03 CG1 CG2  sing N N 347 
U03 CG1 HG1  sing N N 348 
U03 CG2 CG3  sing N N 349 
U03 CG2 HG21 sing N N 350 
U03 CG2 HG22 sing N N 351 
U03 CG3 HG31 sing N N 352 
U03 CG3 HG32 sing N N 353 
U03 CG3 HG33 sing N N 354 
U03 CD1 CD2  doub Y N 355 
U03 CD1 HD1  sing N N 356 
U03 CD2 CD3  sing Y N 357 
U03 CD2 OE3  sing N N 358 
U03 CD3 CD4  doub Y N 359 
U03 CD3 HD3  sing N N 360 
U03 CD4 HD4  sing N N 361 
U03 CE3 OE3  sing N N 362 
U03 CE3 HE31 sing N N 363 
U03 CE3 HE32 sing N N 364 
U03 CE3 HE33 sing N N 365 
U03 OA6 HO6  sing N N 366 
VAL N   CA   sing N N 367 
VAL N   H    sing N N 368 
VAL N   H2   sing N N 369 
VAL CA  C    sing N N 370 
VAL CA  CB   sing N N 371 
VAL CA  HA   sing N N 372 
VAL C   O    doub N N 373 
VAL C   OXT  sing N N 374 
VAL CB  CG1  sing N N 375 
VAL CB  CG2  sing N N 376 
VAL CB  HB   sing N N 377 
VAL CG1 HG11 sing N N 378 
VAL CG1 HG12 sing N N 379 
VAL CG1 HG13 sing N N 380 
VAL CG2 HG21 sing N N 381 
VAL CG2 HG22 sing N N 382 
VAL CG2 HG23 sing N N 383 
VAL OXT HXT  sing N N 384 
# 
_pdbx_initial_refinement_model.accession_code   ? 
_pdbx_initial_refinement_model.id               1 
_pdbx_initial_refinement_model.entity_id_list   ? 
_pdbx_initial_refinement_model.type             'experimental model' 
_pdbx_initial_refinement_model.source_name      Other 
_pdbx_initial_refinement_model.details          'EARLIER STRUCTURE' 
# 
_atom_sites.entry_id                    3UPJ 
_atom_sites.fract_transf_matrix[1][1]   0.00235227 
_atom_sites.fract_transf_matrix[1][2]   0.00752454 
_atom_sites.fract_transf_matrix[1][3]   -0.02831809 
_atom_sites.fract_transf_matrix[2][1]   -0.01073667 
_atom_sites.fract_transf_matrix[2][2]   -0.01802609 
_atom_sites.fract_transf_matrix[2][3]   -0.00568165 
_atom_sites.fract_transf_matrix[3][1]   -0.00645287 
_atom_sites.fract_transf_matrix[3][2]   0.00370232 
_atom_sites.fract_transf_matrix[3][3]   0.00044775 
_atom_sites.fract_transf_vector[1]      0.088075 
_atom_sites.fract_transf_vector[2]      0.469301 
_atom_sites.fract_transf_vector[3]      0.147837 
# 
loop_
_atom_type.symbol 
C 
N 
O 
S 
# 
loop_
_atom_site.group_PDB 
_atom_site.id 
_atom_site.type_symbol 
_atom_site.label_atom_id 
_atom_site.label_alt_id 
_atom_site.label_comp_id 
_atom_site.label_asym_id 
_atom_site.label_entity_id 
_atom_site.label_seq_id 
_atom_site.pdbx_PDB_ins_code 
_atom_site.Cartn_x 
_atom_site.Cartn_y 
_atom_site.Cartn_z 
_atom_site.occupancy 
_atom_site.B_iso_or_equiv 
_atom_site.pdbx_formal_charge 
_atom_site.auth_seq_id 
_atom_site.auth_comp_id 
_atom_site.auth_asym_id 
_atom_site.auth_atom_id 
_atom_site.pdbx_PDB_model_num 
ATOM   1    N N   . PRO A 1 1  ? -4.345  1.639   -19.146 1.00 24.30 ? 1   PRO A N   1 
ATOM   2    C CA  . PRO A 1 1  ? -2.948  2.142   -19.164 1.00 22.60 ? 1   PRO A CA  1 
ATOM   3    C C   . PRO A 1 1  ? -2.085  1.361   -18.191 1.00 21.70 ? 1   PRO A C   1 
ATOM   4    O O   . PRO A 1 1  ? -2.600  0.609   -17.367 1.00 21.00 ? 1   PRO A O   1 
ATOM   5    C CB  . PRO A 1 1  ? -2.990  3.629   -18.817 1.00 23.30 ? 1   PRO A CB  1 
ATOM   6    C CG  . PRO A 1 1  ? -4.470  3.817   -18.304 1.00 24.30 ? 1   PRO A CG  1 
ATOM   7    C CD  . PRO A 1 1  ? -5.278  2.781   -19.100 1.00 23.70 ? 1   PRO A CD  1 
ATOM   8    N N   . GLN A 1 2  ? -0.773  1.550   -18.283 1.00 20.70 ? 2   GLN A N   1 
ATOM   9    C CA  . GLN A 1 2  ? 0.152   0.836   -17.432 1.00 18.10 ? 2   GLN A CA  1 
ATOM   10   C C   . GLN A 1 2  ? 0.998   1.726   -16.539 1.00 14.90 ? 2   GLN A C   1 
ATOM   11   O O   . GLN A 1 2  ? 1.513   2.739   -16.977 1.00 16.20 ? 2   GLN A O   1 
ATOM   12   C CB  . GLN A 1 2  ? 1.081   -0.013  -18.290 1.00 20.10 ? 2   GLN A CB  1 
ATOM   13   C CG  . GLN A 1 2  ? 1.926   -0.939  -17.451 1.00 21.80 ? 2   GLN A CG  1 
ATOM   14   C CD  . GLN A 1 2  ? 3.203   -1.316  -18.123 1.00 22.70 ? 2   GLN A CD  1 
ATOM   15   O OE1 . GLN A 1 2  ? 3.534   -2.491  -18.210 1.00 25.90 ? 2   GLN A OE1 1 
ATOM   16   N NE2 . GLN A 1 2  ? 3.957   -0.323  -18.581 1.00 24.80 ? 2   GLN A NE2 1 
ATOM   17   N N   . PHE A 1 3  ? 1.200   1.289   -15.306 1.00 11.20 ? 3   PHE A N   1 
ATOM   18   C CA  . PHE A 1 3  ? 2.000   2.017   -14.351 1.00 9.20  ? 3   PHE A CA  1 
ATOM   19   C C   . PHE A 1 3  ? 3.274   1.255   -13.993 1.00 10.40 ? 3   PHE A C   1 
ATOM   20   O O   . PHE A 1 3  ? 3.188   0.227   -13.308 1.00 11.80 ? 3   PHE A O   1 
ATOM   21   C CB  . PHE A 1 3  ? 1.191   2.236   -13.064 1.00 6.90  ? 3   PHE A CB  1 
ATOM   22   C CG  . PHE A 1 3  ? 0.037   3.187   -13.218 1.00 5.20  ? 3   PHE A CG  1 
ATOM   23   C CD1 . PHE A 1 3  ? -1.182  2.748   -13.702 1.00 4.30  ? 3   PHE A CD1 1 
ATOM   24   C CD2 . PHE A 1 3  ? 0.176   4.524   -12.880 1.00 2.90  ? 3   PHE A CD2 1 
ATOM   25   C CE1 . PHE A 1 3  ? -2.234  3.624   -13.842 1.00 3.30  ? 3   PHE A CE1 1 
ATOM   26   C CE2 . PHE A 1 3  ? -0.870  5.397   -13.021 1.00 2.10  ? 3   PHE A CE2 1 
ATOM   27   C CZ  . PHE A 1 3  ? -2.077  4.948   -13.501 1.00 2.00  ? 3   PHE A CZ  1 
ATOM   28   N N   . SER A 1 4  ? 4.438   1.670   -14.508 1.00 9.40  ? 4   SER A N   1 
ATOM   29   C CA  . SER A 1 4  ? 5.698   1.018   -14.093 1.00 11.10 ? 4   SER A CA  1 
ATOM   30   C C   . SER A 1 4  ? 5.772   1.479   -12.621 1.00 10.80 ? 4   SER A C   1 
ATOM   31   O O   . SER A 1 4  ? 5.052   2.406   -12.225 1.00 13.00 ? 4   SER A O   1 
ATOM   32   C CB  . SER A 1 4  ? 6.906   1.543   -14.883 1.00 12.10 ? 4   SER A CB  1 
ATOM   33   O OG  . SER A 1 4  ? 7.171   2.919   -14.621 1.00 15.60 ? 4   SER A OG  1 
ATOM   34   N N   . LEU A 1 5  ? 6.596   0.907   -11.774 1.00 8.90  ? 5   LEU A N   1 
ATOM   35   C CA  . LEU A 1 5  ? 6.512   1.428   -10.412 1.00 8.60  ? 5   LEU A CA  1 
ATOM   36   C C   . LEU A 1 5  ? 7.724   2.217   -9.965  1.00 8.90  ? 5   LEU A C   1 
ATOM   37   O O   . LEU A 1 5  ? 7.996   2.344   -8.786  1.00 10.40 ? 5   LEU A O   1 
ATOM   38   C CB  . LEU A 1 5  ? 6.138   0.308   -9.429  1.00 7.50  ? 5   LEU A CB  1 
ATOM   39   C CG  . LEU A 1 5  ? 4.743   -0.317  -9.605  1.00 4.20  ? 5   LEU A CG  1 
ATOM   40   C CD1 . LEU A 1 5  ? 4.577   -1.453  -8.630  1.00 5.50  ? 5   LEU A CD1 1 
ATOM   41   C CD2 . LEU A 1 5  ? 3.640   0.701   -9.359  1.00 5.40  ? 5   LEU A CD2 1 
ATOM   42   N N   . TRP A 1 6  ? 8.448   2.763   -10.931 1.00 8.40  ? 6   TRP A N   1 
ATOM   43   C CA  . TRP A 1 6  ? 9.647   3.549   -10.668 1.00 7.80  ? 6   TRP A CA  1 
ATOM   44   C C   . TRP A 1 6  ? 9.297   4.899   -10.055 1.00 9.60  ? 6   TRP A C   1 
ATOM   45   O O   . TRP A 1 6  ? 10.157  5.611   -9.529  1.00 8.60  ? 6   TRP A O   1 
ATOM   46   C CB  . TRP A 1 6  ? 10.421  3.755   -11.967 1.00 8.00  ? 6   TRP A CB  1 
ATOM   47   C CG  . TRP A 1 6  ? 10.846  2.472   -12.609 1.00 8.20  ? 6   TRP A CG  1 
ATOM   48   C CD1 . TRP A 1 6  ? 10.257  1.856   -13.672 1.00 7.80  ? 6   TRP A CD1 1 
ATOM   49   C CD2 . TRP A 1 6  ? 11.931  1.630   -12.205 1.00 6.70  ? 6   TRP A CD2 1 
ATOM   50   N NE1 . TRP A 1 6  ? 10.908  0.679   -13.955 1.00 8.70  ? 6   TRP A NE1 1 
ATOM   51   C CE2 . TRP A 1 6  ? 11.937  0.518   -13.070 1.00 6.80  ? 6   TRP A CE2 1 
ATOM   52   C CE3 . TRP A 1 6  ? 12.894  1.709   -11.195 1.00 7.70  ? 6   TRP A CE3 1 
ATOM   53   C CZ2 . TRP A 1 6  ? 12.874  -0.510  -12.956 1.00 7.20  ? 6   TRP A CZ2 1 
ATOM   54   C CZ3 . TRP A 1 6  ? 13.831  0.687   -11.081 1.00 8.70  ? 6   TRP A CZ3 1 
ATOM   55   C CH2 . TRP A 1 6  ? 13.812  -0.411  -11.957 1.00 7.80  ? 6   TRP A CH2 1 
ATOM   56   N N   . LYS A 1 7  ? 8.008   5.200   -10.051 1.00 10.70 ? 7   LYS A N   1 
ATOM   57   C CA  . LYS A 1 7  ? 7.501   6.446   -9.535  1.00 11.20 ? 7   LYS A CA  1 
ATOM   58   C C   . LYS A 1 7  ? 6.160   6.087   -8.888  1.00 11.50 ? 7   LYS A C   1 
ATOM   59   O O   . LYS A 1 7  ? 5.561   5.067   -9.234  1.00 12.10 ? 7   LYS A O   1 
ATOM   60   C CB  . LYS A 1 7  ? 7.322   7.385   -10.727 1.00 16.20 ? 7   LYS A CB  1 
ATOM   61   C CG  . LYS A 1 7  ? 6.793   8.797   -10.449 1.00 21.90 ? 7   LYS A CG  1 
ATOM   62   C CD  . LYS A 1 7  ? 7.150   9.709   -11.628 1.00 24.70 ? 7   LYS A CD  1 
ATOM   63   C CE  . LYS A 1 7  ? 8.671   9.709   -11.846 1.00 27.80 ? 7   LYS A CE  1 
ATOM   64   N NZ  . LYS A 1 7  ? 9.084   10.285  -13.166 1.00 31.70 ? 7   LYS A NZ  1 
ATOM   65   N N   . ARG A 1 8  ? 5.709   6.881   -7.927  1.00 10.10 ? 8   ARG A N   1 
ATOM   66   C CA  . ARG A 1 8  ? 4.450   6.600   -7.258  1.00 8.80  ? 8   ARG A CA  1 
ATOM   67   C C   . ARG A 1 8  ? 3.264   6.648   -8.210  1.00 7.30  ? 8   ARG A C   1 
ATOM   68   O O   . ARG A 1 8  ? 3.132   7.571   -9.015  1.00 5.30  ? 8   ARG A O   1 
ATOM   69   C CB  . ARG A 1 8  ? 4.220   7.590   -6.119  1.00 11.10 ? 8   ARG A CB  1 
ATOM   70   C CG  . ARG A 1 8  ? 5.180   7.461   -4.961  1.00 11.90 ? 8   ARG A CG  1 
ATOM   71   C CD  . ARG A 1 8  ? 5.799   8.797   -4.641  1.00 15.50 ? 8   ARG A CD  1 
ATOM   72   N NE  . ARG A 1 8  ? 6.257   8.873   -3.259  1.00 19.90 ? 8   ARG A NE  1 
ATOM   73   C CZ  . ARG A 1 8  ? 5.449   8.916   -2.202  1.00 21.80 ? 8   ARG A CZ  1 
ATOM   74   N NH1 . ARG A 1 8  ? 4.137   8.894   -2.367  1.00 24.60 ? 8   ARG A NH1 1 
ATOM   75   N NH2 . ARG A 1 8  ? 5.949   8.951   -0.973  1.00 22.80 ? 8   ARG A NH2 1 
ATOM   76   N N   . PRO A 1 9  ? 2.384   5.639   -8.133  1.00 6.20  ? 9   PRO A N   1 
ATOM   77   C CA  . PRO A 1 9  ? 1.190   5.545   -8.975  1.00 4.40  ? 9   PRO A CA  1 
ATOM   78   C C   . PRO A 1 9  ? 0.113   6.499   -8.459  1.00 4.60  ? 9   PRO A C   1 
ATOM   79   O O   . PRO A 1 9  ? -0.836  6.085   -7.784  1.00 2.10  ? 9   PRO A O   1 
ATOM   80   C CB  . PRO A 1 9  ? 0.789   4.087   -8.801  1.00 3.10  ? 9   PRO A CB  1 
ATOM   81   C CG  . PRO A 1 9  ? 1.186   3.802   -7.423  1.00 2.20  ? 9   PRO A CG  1 
ATOM   82   C CD  . PRO A 1 9  ? 2.541   4.418   -7.326  1.00 3.20  ? 9   PRO A CD  1 
ATOM   83   N N   . VAL A 1 10 ? 0.290   7.783   -8.775  1.00 6.40  ? 10  VAL A N   1 
ATOM   84   C CA  . VAL A 1 10 ? -0.611  8.858   -8.341  1.00 6.30  ? 10  VAL A CA  1 
ATOM   85   C C   . VAL A 1 10 ? -1.555  9.373   -9.449  1.00 5.30  ? 10  VAL A C   1 
ATOM   86   O O   . VAL A 1 10 ? -1.108  9.720   -10.551 1.00 7.20  ? 10  VAL A O   1 
ATOM   87   C CB  . VAL A 1 10 ? 0.239   10.020  -7.748  1.00 4.60  ? 10  VAL A CB  1 
ATOM   88   C CG1 . VAL A 1 10 ? -0.638  11.156  -7.276  1.00 5.20  ? 10  VAL A CG1 1 
ATOM   89   C CG2 . VAL A 1 10 ? 1.079   9.502   -6.610  1.00 2.10  ? 10  VAL A CG2 1 
ATOM   90   N N   . VAL A 1 11 ? -2.837  9.529   -9.116  1.00 7.20  ? 11  VAL A N   1 
ATOM   91   C CA  . VAL A 1 11 ? -3.859  9.964   -10.076 1.00 5.40  ? 11  VAL A CA  1 
ATOM   92   C C   . VAL A 1 11 ? -4.887  10.956  -9.499  1.00 2.90  ? 11  VAL A C   1 
ATOM   93   O O   . VAL A 1 11 ? -4.948  11.164  -8.289  1.00 2.20  ? 11  VAL A O   1 
ATOM   94   C CB  . VAL A 1 11 ? -4.575  8.679   -10.641 1.00 7.00  ? 11  VAL A CB  1 
ATOM   95   C CG1 . VAL A 1 11 ? -5.684  8.203   -9.711  1.00 5.20  ? 11  VAL A CG1 1 
ATOM   96   C CG2 . VAL A 1 11 ? -5.093  8.911   -12.045 1.00 12.70 ? 11  VAL A CG2 1 
ATOM   97   N N   . THR A 1 12 ? -5.644  11.606  -10.375 1.00 2.00  ? 12  THR A N   1 
ATOM   98   C CA  . THR A 1 12 ? -6.699  12.536  -9.956  1.00 3.00  ? 12  THR A CA  1 
ATOM   99   C C   . THR A 1 12 ? -8.061  11.853  -10.100 1.00 4.10  ? 12  THR A C   1 
ATOM   100  O O   . THR A 1 12 ? -8.367  11.273  -11.136 1.00 5.10  ? 12  THR A O   1 
ATOM   101  C CB  . THR A 1 12 ? -6.809  13.801  -10.849 1.00 3.00  ? 12  THR A CB  1 
ATOM   102  O OG1 . THR A 1 12 ? -5.569  14.501  -10.894 1.00 5.00  ? 12  THR A OG1 1 
ATOM   103  C CG2 . THR A 1 12 ? -7.885  14.745  -10.293 1.00 2.60  ? 12  THR A CG2 1 
ATOM   104  N N   . ALA A 1 13 ? -8.923  12.065  -9.121  1.00 4.50  ? 13  ALA A N   1 
ATOM   105  C CA  . ALA A 1 13 ? -10.240 11.487  -9.108  1.00 4.30  ? 13  ALA A CA  1 
ATOM   106  C C   . ALA A 1 13 ? -11.209 12.566  -8.648  1.00 6.80  ? 13  ALA A C   1 
ATOM   107  O O   . ALA A 1 13 ? -10.807 13.661  -8.260  1.00 7.00  ? 13  ALA A O   1 
ATOM   108  C CB  . ALA A 1 13 ? -10.268 10.332  -8.140  1.00 2.20  ? 13  ALA A CB  1 
ATOM   109  N N   . TYR A 1 14 ? -12.493 12.248  -8.659  1.00 8.20  ? 14  TYR A N   1 
ATOM   110  C CA  . TYR A 1 14 ? -13.494 13.195  -8.230  1.00 7.30  ? 14  TYR A CA  1 
ATOM   111  C C   . TYR A 1 14 ? -14.414 12.463  -7.289  1.00 7.50  ? 14  TYR A C   1 
ATOM   112  O O   . TYR A 1 14 ? -15.005 11.461  -7.653  1.00 8.40  ? 14  TYR A O   1 
ATOM   113  C CB  . TYR A 1 14 ? -14.297 13.703  -9.423  1.00 6.50  ? 14  TYR A CB  1 
ATOM   114  C CG  . TYR A 1 14 ? -13.465 14.390  -10.470 1.00 6.80  ? 14  TYR A CG  1 
ATOM   115  C CD1 . TYR A 1 14 ? -12.772 13.647  -11.426 1.00 6.70  ? 14  TYR A CD1 1 
ATOM   116  C CD2 . TYR A 1 14 ? -13.355 15.781  -10.501 1.00 7.20  ? 14  TYR A CD2 1 
ATOM   117  C CE1 . TYR A 1 14 ? -11.980 14.261  -12.394 1.00 7.80  ? 14  TYR A CE1 1 
ATOM   118  C CE2 . TYR A 1 14 ? -12.567 16.407  -11.461 1.00 8.70  ? 14  TYR A CE2 1 
ATOM   119  C CZ  . TYR A 1 14 ? -11.877 15.635  -12.409 1.00 9.60  ? 14  TYR A CZ  1 
ATOM   120  O OH  . TYR A 1 14 ? -11.067 16.226  -13.357 1.00 12.80 ? 14  TYR A OH  1 
ATOM   121  N N   . ILE A 1 15 ? -14.471 12.922  -6.054  1.00 8.40  ? 15  ILE A N   1 
ATOM   122  C CA  . ILE A 1 15 ? -15.340 12.330  -5.063  1.00 7.50  ? 15  ILE A CA  1 
ATOM   123  C C   . ILE A 1 15 ? -16.563 13.242  -5.186  1.00 9.80  ? 15  ILE A C   1 
ATOM   124  O O   . ILE A 1 15 ? -16.461 14.448  -4.970  1.00 11.00 ? 15  ILE A O   1 
ATOM   125  C CB  . ILE A 1 15 ? -14.691 12.391  -3.658  1.00 6.60  ? 15  ILE A CB  1 
ATOM   126  C CG1 . ILE A 1 15 ? -13.542 11.395  -3.565  1.00 8.40  ? 15  ILE A CG1 1 
ATOM   127  C CG2 . ILE A 1 15 ? -15.669 11.971  -2.576  1.00 6.20  ? 15  ILE A CG2 1 
ATOM   128  C CD1 . ILE A 1 15 ? -12.333 11.745  -4.340  1.00 6.90  ? 15  ILE A CD1 1 
ATOM   129  N N   . GLU A 1 16 ? -17.667 12.690  -5.679  1.00 10.60 ? 16  GLU A N   1 
ATOM   130  C CA  . GLU A 1 16 ? -18.895 13.455  -5.863  1.00 12.70 ? 16  GLU A CA  1 
ATOM   131  C C   . GLU A 1 16 ? -18.641 14.853  -6.443  1.00 13.60 ? 16  GLU A C   1 
ATOM   132  O O   . GLU A 1 16 ? -19.165 15.850  -5.946  1.00 13.70 ? 16  GLU A O   1 
ATOM   133  C CB  . GLU A 1 16 ? -19.678 13.553  -4.555  1.00 12.60 ? 16  GLU A CB  1 
ATOM   134  C CG  . GLU A 1 16 ? -20.250 12.219  -4.073  1.00 16.90 ? 16  GLU A CG  1 
ATOM   135  C CD  . GLU A 1 16 ? -21.728 11.988  -4.423  1.00 18.40 ? 16  GLU A CD  1 
ATOM   136  O OE1 . GLU A 1 16 ? -22.249 12.746  -5.281  1.00 20.60 ? 16  GLU A OE1 1 
ATOM   137  O OE2 . GLU A 1 16 ? -22.371 11.060  -3.860  1.00 16.70 ? 16  GLU A OE2 1 
ATOM   138  N N   . GLY A 1 17 ? -17.786 14.929  -7.461  1.00 14.20 ? 17  GLY A N   1 
ATOM   139  C CA  . GLY A 1 17 ? -17.515 16.198  -8.107  1.00 12.10 ? 17  GLY A CA  1 
ATOM   140  C C   . GLY A 1 17 ? -16.212 16.885  -7.763  1.00 12.60 ? 17  GLY A C   1 
ATOM   141  O O   . GLY A 1 17 ? -15.591 17.477  -8.631  1.00 13.70 ? 17  GLY A O   1 
ATOM   142  N N   . GLN A 1 18 ? -15.769 16.771  -6.519  1.00 12.30 ? 18  GLN A N   1 
ATOM   143  C CA  . GLN A 1 18 ? -14.534 17.420  -6.075  1.00 12.40 ? 18  GLN A CA  1 
ATOM   144  C C   . GLN A 1 18 ? -13.250 16.665  -6.448  1.00 10.30 ? 18  GLN A C   1 
ATOM   145  O O   . GLN A 1 18 ? -13.141 15.462  -6.199  1.00 8.00  ? 18  GLN A O   1 
ATOM   146  C CB  . GLN A 1 18 ? -14.600 17.598  -4.561  1.00 14.40 ? 18  GLN A CB  1 
ATOM   147  C CG  . GLN A 1 18 ? -15.910 18.168  -4.062  1.00 18.50 ? 18  GLN A CG  1 
ATOM   148  C CD  . GLN A 1 18 ? -16.126 17.907  -2.584  1.00 21.50 ? 18  GLN A CD  1 
ATOM   149  O OE1 . GLN A 1 18 ? -15.190 17.999  -1.779  1.00 25.40 ? 18  GLN A OE1 1 
ATOM   150  N NE2 . GLN A 1 18 ? -17.354 17.568  -2.216  1.00 21.70 ? 18  GLN A NE2 1 
ATOM   151  N N   . PRO A 1 19 ? -12.264 17.361  -7.069  1.00 8.90  ? 19  PRO A N   1 
ATOM   152  C CA  . PRO A 1 19 ? -10.975 16.786  -7.484  1.00 7.90  ? 19  PRO A CA  1 
ATOM   153  C C   . PRO A 1 19 ? -9.960  16.674  -6.351  1.00 6.90  ? 19  PRO A C   1 
ATOM   154  O O   . PRO A 1 19 ? -9.822  17.595  -5.561  1.00 7.70  ? 19  PRO A O   1 
ATOM   155  C CB  . PRO A 1 19 ? -10.505 17.755  -8.580  1.00 7.30  ? 19  PRO A CB  1 
ATOM   156  C CG  . PRO A 1 19 ? -11.006 19.040  -8.138  1.00 6.40  ? 19  PRO A CG  1 
ATOM   157  C CD  . PRO A 1 19 ? -12.426 18.707  -7.649  1.00 9.30  ? 19  PRO A CD  1 
ATOM   158  N N   . VAL A 1 20 ? -9.273  15.536  -6.280  1.00 7.20  ? 20  VAL A N   1 
ATOM   159  C CA  . VAL A 1 20 ? -8.263  15.248  -5.253  1.00 7.20  ? 20  VAL A CA  1 
ATOM   160  C C   . VAL A 1 20 ? -7.159  14.329  -5.843  1.00 7.60  ? 20  VAL A C   1 
ATOM   161  O O   . VAL A 1 20 ? -7.421  13.539  -6.736  1.00 9.30  ? 20  VAL A O   1 
ATOM   162  C CB  . VAL A 1 20 ? -8.901  14.525  -3.996  1.00 8.80  ? 20  VAL A CB  1 
ATOM   163  C CG1 . VAL A 1 20 ? -10.027 15.331  -3.415  1.00 9.70  ? 20  VAL A CG1 1 
ATOM   164  C CG2 . VAL A 1 20 ? -9.422  13.161  -4.349  1.00 7.10  ? 20  VAL A CG2 1 
ATOM   165  N N   . GLU A 1 21 ? -5.929  14.428  -5.358  1.00 7.00  ? 21  GLU A N   1 
ATOM   166  C CA  . GLU A 1 21 ? -4.860  13.577  -5.867  1.00 7.80  ? 21  GLU A CA  1 
ATOM   167  C C   . GLU A 1 21 ? -4.722  12.364  -4.960  1.00 7.90  ? 21  GLU A C   1 
ATOM   168  O O   . GLU A 1 21 ? -4.451  12.531  -3.762  1.00 7.90  ? 21  GLU A O   1 
ATOM   169  C CB  . GLU A 1 21 ? -3.536  14.326  -5.821  1.00 10.10 ? 21  GLU A CB  1 
ATOM   170  C CG  . GLU A 1 21 ? -3.468  15.588  -6.654  1.00 16.00 ? 21  GLU A CG  1 
ATOM   171  C CD  . GLU A 1 21 ? -3.030  15.324  -8.087  1.00 20.00 ? 21  GLU A CD  1 
ATOM   172  O OE1 . GLU A 1 21 ? -1.833  14.962  -8.299  1.00 22.10 ? 21  GLU A OE1 1 
ATOM   173  O OE2 . GLU A 1 21 ? -3.887  15.477  -8.999  1.00 22.30 ? 21  GLU A OE2 1 
ATOM   174  N N   . VAL A 1 22 ? -4.838  11.153  -5.510  1.00 6.70  ? 22  VAL A N   1 
ATOM   175  C CA  . VAL A 1 22 ? -4.704  9.939   -4.700  1.00 5.00  ? 22  VAL A CA  1 
ATOM   176  C C   . VAL A 1 22 ? -3.664  8.954   -5.191  1.00 6.90  ? 22  VAL A C   1 
ATOM   177  O O   . VAL A 1 22 ? -3.291  8.950   -6.359  1.00 8.50  ? 22  VAL A O   1 
ATOM   178  C CB  . VAL A 1 22 ? -6.015  9.155   -4.576  1.00 4.90  ? 22  VAL A CB  1 
ATOM   179  C CG1 . VAL A 1 22 ? -7.116  10.027  -3.989  1.00 5.50  ? 22  VAL A CG1 1 
ATOM   180  C CG2 . VAL A 1 22 ? -6.409  8.565   -5.912  1.00 5.10  ? 22  VAL A CG2 1 
ATOM   181  N N   . LEU A 1 23 ? -3.240  8.080   -4.289  1.00 6.40  ? 23  LEU A N   1 
ATOM   182  C CA  . LEU A 1 23 ? -2.263  7.046   -4.589  1.00 6.50  ? 23  LEU A CA  1 
ATOM   183  C C   . LEU A 1 23 ? -2.965  5.671   -4.677  1.00 6.50  ? 23  LEU A C   1 
ATOM   184  O O   . LEU A 1 23 ? -3.832  5.337   -3.856  1.00 5.60  ? 23  LEU A O   1 
ATOM   185  C CB  . LEU A 1 23 ? -1.229  7.017   -3.461  1.00 7.40  ? 23  LEU A CB  1 
ATOM   186  C CG  . LEU A 1 23 ? 0.240   6.628   -3.656  1.00 8.90  ? 23  LEU A CG  1 
ATOM   187  C CD1 . LEU A 1 23 ? 0.923   6.627   -2.292  1.00 8.90  ? 23  LEU A CD1 1 
ATOM   188  C CD2 . LEU A 1 23 ? 0.368   5.265   -4.274  1.00 11.40 ? 23  LEU A CD2 1 
ATOM   189  N N   . LEU A 1 24 ? -2.607  4.897   -5.694  1.00 6.60  ? 24  LEU A N   1 
ATOM   190  C CA  . LEU A 1 24 ? -3.138  3.550   -5.883  1.00 5.90  ? 24  LEU A CA  1 
ATOM   191  C C   . LEU A 1 24 ? -2.320  2.601   -4.987  1.00 5.80  ? 24  LEU A C   1 
ATOM   192  O O   . LEU A 1 24 ? -1.135  2.387   -5.247  1.00 4.80  ? 24  LEU A O   1 
ATOM   193  C CB  . LEU A 1 24 ? -2.992  3.150   -7.345  1.00 6.90  ? 24  LEU A CB  1 
ATOM   194  C CG  . LEU A 1 24 ? -4.038  3.612   -8.379  1.00 7.70  ? 24  LEU A CG  1 
ATOM   195  C CD1 . LEU A 1 24 ? -5.074  4.560   -7.832  1.00 7.50  ? 24  LEU A CD1 1 
ATOM   196  C CD2 . LEU A 1 24 ? -3.312  4.213   -9.556  1.00 7.20  ? 24  LEU A CD2 1 
ATOM   197  N N   . ASP A 1 25 ? -2.977  2.006   -3.984  1.00 4.50  ? 25  ASP A N   1 
ATOM   198  C CA  . ASP A 1 25 ? -2.363  1.127   -2.973  1.00 4.00  ? 25  ASP A CA  1 
ATOM   199  C C   . ASP A 1 25 ? -2.955  -0.307  -2.991  1.00 4.10  ? 25  ASP A C   1 
ATOM   200  O O   . ASP A 1 25 ? -4.105  -0.518  -2.627  1.00 2.60  ? 25  ASP A O   1 
ATOM   201  C CB  . ASP A 1 25 ? -2.617  1.793   -1.606  1.00 3.80  ? 25  ASP A CB  1 
ATOM   202  C CG  . ASP A 1 25 ? -1.681  1.311   -0.494  1.00 7.60  ? 25  ASP A CG  1 
ATOM   203  O OD1 . ASP A 1 25 ? -1.388  0.108   -0.407  1.00 12.00 ? 25  ASP A OD1 1 
ATOM   204  O OD2 . ASP A 1 25 ? -1.258  2.142   0.340   1.00 8.50  ? 25  ASP A OD2 1 
ATOM   205  N N   . THR A 1 26 ? -2.147  -1.303  -3.339  1.00 5.30  ? 26  THR A N   1 
ATOM   206  C CA  . THR A 1 26 ? -2.621  -2.698  -3.399  1.00 3.80  ? 26  THR A CA  1 
ATOM   207  C C   . THR A 1 26 ? -2.593  -3.487  -2.083  1.00 4.30  ? 26  THR A C   1 
ATOM   208  O O   . THR A 1 26 ? -3.178  -4.567  -1.983  1.00 2.80  ? 26  THR A O   1 
ATOM   209  C CB  . THR A 1 26 ? -1.829  -3.496  -4.443  1.00 2.90  ? 26  THR A CB  1 
ATOM   210  O OG1 . THR A 1 26 ? -0.425  -3.310  -4.209  1.00 2.20  ? 26  THR A OG1 1 
ATOM   211  C CG2 . THR A 1 26 ? -2.210  -3.067  -5.877  1.00 2.00  ? 26  THR A CG2 1 
ATOM   212  N N   . GLY A 1 27 ? -1.947  -2.931  -1.064  1.00 5.60  ? 27  GLY A N   1 
ATOM   213  C CA  . GLY A 1 27 ? -1.866  -3.616  0.214   1.00 5.00  ? 27  GLY A CA  1 
ATOM   214  C C   . GLY A 1 27 ? -2.908  -3.213  1.234   1.00 6.40  ? 27  GLY A C   1 
ATOM   215  O O   . GLY A 1 27 ? -2.976  -3.792  2.313   1.00 9.80  ? 27  GLY A O   1 
ATOM   216  N N   . ALA A 1 28 ? -3.735  -2.234  0.904   1.00 5.30  ? 28  ALA A N   1 
ATOM   217  C CA  . ALA A 1 28 ? -4.742  -1.760  1.830   1.00 3.90  ? 28  ALA A CA  1 
ATOM   218  C C   . ALA A 1 28 ? -6.093  -2.302  1.405   1.00 2.90  ? 28  ALA A C   1 
ATOM   219  O O   . ALA A 1 28 ? -6.345  -2.488  0.216   1.00 4.10  ? 28  ALA A O   1 
ATOM   220  C CB  . ALA A 1 28 ? -4.751  -0.223  1.853   1.00 2.10  ? 28  ALA A CB  1 
ATOM   221  N N   . ASP A 1 29 ? -6.966  -2.554  2.369   1.00 2.10  ? 29  ASP A N   1 
ATOM   222  C CA  . ASP A 1 29 ? -8.284  -3.084  2.067   1.00 2.10  ? 29  ASP A CA  1 
ATOM   223  C C   . ASP A 1 29 ? -9.251  -1.965  1.718   1.00 3.60  ? 29  ASP A C   1 
ATOM   224  O O   . ASP A 1 29 ? -10.082 -2.150  0.835   1.00 5.40  ? 29  ASP A O   1 
ATOM   225  C CB  . ASP A 1 29 ? -8.880  -3.851  3.266   1.00 3.40  ? 29  ASP A CB  1 
ATOM   226  C CG  . ASP A 1 29 ? -7.969  -4.941  3.817   1.00 7.30  ? 29  ASP A CG  1 
ATOM   227  O OD1 . ASP A 1 29 ? -7.470  -5.801  3.062   1.00 7.20  ? 29  ASP A OD1 1 
ATOM   228  O OD2 . ASP A 1 29 ? -7.789  -4.966  5.051   1.00 12.20 ? 29  ASP A OD2 1 
ATOM   229  N N   . ASP A 1 30 ? -9.213  -0.859  2.477   1.00 5.40  ? 30  ASP A N   1 
ATOM   230  C CA  . ASP A 1 30 ? -10.126 0.297   2.302   1.00 5.10  ? 30  ASP A CA  1 
ATOM   231  C C   . ASP A 1 30 ? -9.528  1.556   1.689   1.00 3.70  ? 30  ASP A C   1 
ATOM   232  O O   . ASP A 1 30 ? -8.327  1.648   1.474   1.00 2.00  ? 30  ASP A O   1 
ATOM   233  C CB  . ASP A 1 30 ? -10.763 0.697   3.640   1.00 7.00  ? 30  ASP A CB  1 
ATOM   234  C CG  . ASP A 1 30 ? -10.956 -0.471  4.553   1.00 12.60 ? 30  ASP A CG  1 
ATOM   235  O OD1 . ASP A 1 30 ? -12.001 -1.150  4.437   1.00 13.30 ? 30  ASP A OD1 1 
ATOM   236  O OD2 . ASP A 1 30 ? -10.027 -0.741  5.352   1.00 17.50 ? 30  ASP A OD2 1 
ATOM   237  N N   . SER A 1 31 ? -10.369 2.565   1.524   1.00 3.40  ? 31  SER A N   1 
ATOM   238  C CA  . SER A 1 31 ? -9.942  3.815   0.929   1.00 4.50  ? 31  SER A CA  1 
ATOM   239  C C   . SER A 1 31 ? -10.151 4.994   1.854   1.00 4.20  ? 31  SER A C   1 
ATOM   240  O O   . SER A 1 31 ? -11.203 5.107   2.462   1.00 6.00  ? 31  SER A O   1 
ATOM   241  C CB  . SER A 1 31 ? -10.698 4.037   -0.386  1.00 2.30  ? 31  SER A CB  1 
ATOM   242  O OG  . SER A 1 31 ? -10.344 3.047   -1.338  1.00 2.30  ? 31  SER A OG  1 
ATOM   243  N N   . ILE A 1 32 ? -9.174  5.898   1.920   1.00 3.20  ? 32  ILE A N   1 
ATOM   244  C CA  . ILE A 1 32 ? -9.286  7.082   2.784   1.00 3.50  ? 32  ILE A CA  1 
ATOM   245  C C   . ILE A 1 32 ? -8.669  8.365   2.177   1.00 5.20  ? 32  ILE A C   1 
ATOM   246  O O   . ILE A 1 32 ? -7.519  8.378   1.712   1.00 6.40  ? 32  ILE A O   1 
ATOM   247  C CB  . ILE A 1 32 ? -8.762  6.800   4.204   1.00 2.20  ? 32  ILE A CB  1 
ATOM   248  C CG1 . ILE A 1 32 ? -8.656  8.086   5.014   1.00 3.90  ? 32  ILE A CG1 1 
ATOM   249  C CG2 . ILE A 1 32 ? -7.473  6.096   4.141   1.00 5.40  ? 32  ILE A CG2 1 
ATOM   250  C CD1 . ILE A 1 32 ? -8.484  7.855   6.488   1.00 5.40  ? 32  ILE A CD1 1 
ATOM   251  N N   . VAL A 1 33 ? -9.448  9.441   2.224   1.00 4.80  ? 33  VAL A N   1 
ATOM   252  C CA  . VAL A 1 33 ? -9.095  10.731  1.653   1.00 4.10  ? 33  VAL A CA  1 
ATOM   253  C C   . VAL A 1 33 ? -9.315  11.860  2.664   1.00 5.00  ? 33  VAL A C   1 
ATOM   254  O O   . VAL A 1 33 ? -10.276 11.827  3.424   1.00 4.70  ? 33  VAL A O   1 
ATOM   255  C CB  . VAL A 1 33 ? -10.010 10.960  0.397   1.00 4.10  ? 33  VAL A CB  1 
ATOM   256  C CG1 . VAL A 1 33 ? -9.866  12.356  -0.180  1.00 2.30  ? 33  VAL A CG1 1 
ATOM   257  C CG2 . VAL A 1 33 ? -9.695  9.916   -0.646  1.00 4.50  ? 33  VAL A CG2 1 
ATOM   258  N N   . ALA A 1 34 ? -8.447  12.871  2.639   1.00 6.20  ? 34  ALA A N   1 
ATOM   259  C CA  . ALA A 1 34 ? -8.537  14.036  3.530   1.00 5.40  ? 34  ALA A CA  1 
ATOM   260  C C   . ALA A 1 34 ? -9.138  15.260  2.858   1.00 7.20  ? 34  ALA A C   1 
ATOM   261  O O   . ALA A 1 34 ? -8.971  15.486  1.665   1.00 4.70  ? 34  ALA A O   1 
ATOM   262  C CB  . ALA A 1 34 ? -7.170  14.405  4.073   1.00 2.30  ? 34  ALA A CB  1 
ATOM   263  N N   . GLY A 1 35 ? -9.849  16.052  3.650   1.00 12.50 ? 35  GLY A N   1 
ATOM   264  C CA  . GLY A 1 35 ? -10.436 17.278  3.157   1.00 15.70 ? 35  GLY A CA  1 
ATOM   265  C C   . GLY A 1 35 ? -11.571 17.213  2.165   1.00 18.70 ? 35  GLY A C   1 
ATOM   266  O O   . GLY A 1 35 ? -11.442 17.762  1.080   1.00 21.90 ? 35  GLY A O   1 
ATOM   267  N N   . ILE A 1 36 ? -12.669 16.553  2.518   1.00 22.20 ? 36  ILE A N   1 
ATOM   268  C CA  . ILE A 1 36 ? -13.849 16.476  1.653   1.00 25.70 ? 36  ILE A CA  1 
ATOM   269  C C   . ILE A 1 36 ? -15.079 16.276  2.529   1.00 26.60 ? 36  ILE A C   1 
ATOM   270  O O   . ILE A 1 36 ? -15.015 15.609  3.558   1.00 26.30 ? 36  ILE A O   1 
ATOM   271  C CB  . ILE A 1 36 ? -13.783 15.335  0.574   1.00 25.80 ? 36  ILE A CB  1 
ATOM   272  C CG1 . ILE A 1 36 ? -13.355 14.005  1.199   1.00 27.80 ? 36  ILE A CG1 1 
ATOM   273  C CG2 . ILE A 1 36 ? -12.882 15.735  -0.604  1.00 25.00 ? 36  ILE A CG2 1 
ATOM   274  C CD1 . ILE A 1 36 ? -13.260 12.858  0.198   1.00 28.70 ? 36  ILE A CD1 1 
ATOM   275  N N   . GLU A 1 37 ? -16.182 16.910  2.156   1.00 28.50 ? 37  GLU A N   1 
ATOM   276  C CA  . GLU A 1 37 ? -17.417 16.779  2.909   1.00 30.40 ? 37  GLU A CA  1 
ATOM   277  C C   . GLU A 1 37 ? -18.453 16.235  1.968   1.00 31.00 ? 37  GLU A C   1 
ATOM   278  O O   . GLU A 1 37 ? -18.603 16.735  0.851   1.00 32.40 ? 37  GLU A O   1 
ATOM   279  C CB  . GLU A 1 37 ? -17.888 18.129  3.419   1.00 33.30 ? 37  GLU A CB  1 
ATOM   280  C CG  . GLU A 1 37 ? -17.040 18.729  4.509   1.00 38.50 ? 37  GLU A CG  1 
ATOM   281  C CD  . GLU A 1 37 ? -17.516 20.113  4.878   1.00 40.70 ? 37  GLU A CD  1 
ATOM   282  O OE1 . GLU A 1 37 ? -18.750 20.294  5.011   1.00 40.90 ? 37  GLU A OE1 1 
ATOM   283  O OE2 . GLU A 1 37 ? -16.662 21.019  5.009   1.00 42.50 ? 37  GLU A OE2 1 
ATOM   284  N N   . LEU A 1 38 ? -19.198 15.240  2.428   1.00 31.90 ? 38  LEU A N   1 
ATOM   285  C CA  . LEU A 1 38 ? -20.218 14.610  1.604   1.00 32.50 ? 38  LEU A CA  1 
ATOM   286  C C   . LEU A 1 38 ? -21.566 14.621  2.317   1.00 34.30 ? 38  LEU A C   1 
ATOM   287  O O   . LEU A 1 38 ? -21.662 15.089  3.438   1.00 34.60 ? 38  LEU A O   1 
ATOM   288  C CB  . LEU A 1 38 ? -19.775 13.185  1.257   1.00 30.60 ? 38  LEU A CB  1 
ATOM   289  C CG  . LEU A 1 38 ? -18.380 13.125  0.620   1.00 27.40 ? 38  LEU A CG  1 
ATOM   290  C CD1 . LEU A 1 38 ? -17.801 11.724  0.626   1.00 26.80 ? 38  LEU A CD1 1 
ATOM   291  C CD2 . LEU A 1 38 ? -18.462 13.674  -0.784  1.00 28.50 ? 38  LEU A CD2 1 
ATOM   292  N N   . GLY A 1 39 ? -22.609 14.151  1.640   1.00 37.80 ? 39  GLY A N   1 
ATOM   293  C CA  . GLY A 1 39 ? -23.939 14.113  2.230   1.00 39.50 ? 39  GLY A CA  1 
ATOM   294  C C   . GLY A 1 39 ? -24.504 12.706  2.385   1.00 41.20 ? 39  GLY A C   1 
ATOM   295  O O   . GLY A 1 39 ? -25.661 12.529  2.774   1.00 41.10 ? 39  GLY A O   1 
ATOM   296  N N   . ASN A 1 40 ? -23.689 11.702  2.074   1.00 42.50 ? 40  ASN A N   1 
ATOM   297  C CA  . ASN A 1 40 ? -24.103 10.309  2.180   1.00 43.40 ? 40  ASN A CA  1 
ATOM   298  C C   . ASN A 1 40 ? -24.198 9.908   3.637   1.00 44.00 ? 40  ASN A C   1 
ATOM   299  O O   . ASN A 1 40 ? -23.739 10.622  4.521   1.00 45.80 ? 40  ASN A O   1 
ATOM   300  C CB  . ASN A 1 40 ? -23.115 9.393   1.460   1.00 41.80 ? 40  ASN A CB  1 
ATOM   301  C CG  . ASN A 1 40 ? -23.109 9.607   -0.037  1.00 42.40 ? 40  ASN A CG  1 
ATOM   302  O OD1 . ASN A 1 40 ? -22.794 10.693  -0.523  1.00 41.40 ? 40  ASN A OD1 1 
ATOM   303  N ND2 . ASN A 1 40 ? -23.441 8.567   -0.779  1.00 45.00 ? 40  ASN A ND2 1 
ATOM   304  N N   . ASN A 1 41 ? -24.812 8.763   3.889   1.00 44.70 ? 41  ASN A N   1 
ATOM   305  C CA  . ASN A 1 41 ? -24.951 8.286   5.256   1.00 44.00 ? 41  ASN A CA  1 
ATOM   306  C C   . ASN A 1 41 ? -23.576 7.890   5.763   1.00 40.60 ? 41  ASN A C   1 
ATOM   307  O O   . ASN A 1 41 ? -22.809 7.226   5.054   1.00 39.50 ? 41  ASN A O   1 
ATOM   308  C CB  . ASN A 1 41 ? -25.952 7.116   5.344   1.00 48.50 ? 41  ASN A CB  1 
ATOM   309  C CG  . ASN A 1 41 ? -25.655 5.994   4.351   1.00 51.50 ? 41  ASN A CG  1 
ATOM   310  O OD1 . ASN A 1 41 ? -24.783 5.154   4.583   1.00 52.50 ? 41  ASN A OD1 1 
ATOM   311  N ND2 . ASN A 1 41 ? -26.401 5.967   3.247   1.00 51.90 ? 41  ASN A ND2 1 
ATOM   312  N N   . TYR A 1 42 ? -23.248 8.355   6.964   1.00 37.50 ? 42  TYR A N   1 
ATOM   313  C CA  . TYR A 1 42 ? -21.953 8.061   7.553   1.00 34.50 ? 42  TYR A CA  1 
ATOM   314  C C   . TYR A 1 42 ? -21.996 7.498   8.967   1.00 30.10 ? 42  TYR A C   1 
ATOM   315  O O   . TYR A 1 42 ? -22.984 7.632   9.681   1.00 29.60 ? 42  TYR A O   1 
ATOM   316  C CB  . TYR A 1 42 ? -21.037 9.285   7.482   1.00 36.90 ? 42  TYR A CB  1 
ATOM   317  C CG  . TYR A 1 42 ? -21.420 10.447  8.373   1.00 41.40 ? 42  TYR A CG  1 
ATOM   318  C CD1 . TYR A 1 42 ? -20.960 10.521  9.687   1.00 42.40 ? 42  TYR A CD1 1 
ATOM   319  C CD2 . TYR A 1 42 ? -22.181 11.511  7.882   1.00 43.90 ? 42  TYR A CD2 1 
ATOM   320  C CE1 . TYR A 1 42 ? -21.234 11.624  10.488  1.00 46.40 ? 42  TYR A CE1 1 
ATOM   321  C CE2 . TYR A 1 42 ? -22.468 12.625  8.679   1.00 47.00 ? 42  TYR A CE2 1 
ATOM   322  C CZ  . TYR A 1 42 ? -21.985 12.677  9.983   1.00 48.50 ? 42  TYR A CZ  1 
ATOM   323  O OH  . TYR A 1 42 ? -22.219 13.794  10.772  1.00 51.10 ? 42  TYR A OH  1 
ATOM   324  N N   . SER A 1 43 ? -20.897 6.870   9.350   1.00 25.90 ? 43  SER A N   1 
ATOM   325  C CA  . SER A 1 43 ? -20.752 6.257   10.646  1.00 20.00 ? 43  SER A CA  1 
ATOM   326  C C   . SER A 1 43 ? -19.257 6.362   10.981  1.00 18.30 ? 43  SER A C   1 
ATOM   327  O O   . SER A 1 43 ? -18.412 6.185   10.113  1.00 15.40 ? 43  SER A O   1 
ATOM   328  C CB  . SER A 1 43 ? -21.197 4.805   10.541  1.00 20.80 ? 43  SER A CB  1 
ATOM   329  O OG  . SER A 1 43 ? -21.687 4.328   11.774  1.00 21.90 ? 43  SER A OG  1 
ATOM   330  N N   . PRO A 1 44 ? -18.919 6.707   12.237  1.00 16.40 ? 44  PRO A N   1 
ATOM   331  C CA  . PRO A 1 44 ? -17.538 6.859   12.716  1.00 16.60 ? 44  PRO A CA  1 
ATOM   332  C C   . PRO A 1 44 ? -16.756 5.549   12.820  1.00 17.80 ? 44  PRO A C   1 
ATOM   333  O O   . PRO A 1 44 ? -17.280 4.549   13.319  1.00 19.10 ? 44  PRO A O   1 
ATOM   334  C CB  . PRO A 1 44 ? -17.731 7.490   14.092  1.00 15.70 ? 44  PRO A CB  1 
ATOM   335  C CG  . PRO A 1 44 ? -19.118 8.074   14.031  1.00 13.50 ? 44  PRO A CG  1 
ATOM   336  C CD  . PRO A 1 44 ? -19.865 7.027   13.311  1.00 12.70 ? 44  PRO A CD  1 
ATOM   337  N N   . LYS A 1 45 ? -15.496 5.580   12.386  1.00 16.00 ? 45  LYS A N   1 
ATOM   338  C CA  . LYS A 1 45 ? -14.616 4.413   12.395  1.00 15.60 ? 45  LYS A CA  1 
ATOM   339  C C   . LYS A 1 45 ? -13.220 4.784   12.873  1.00 16.00 ? 45  LYS A C   1 
ATOM   340  O O   . LYS A 1 45 ? -12.849 5.957   12.884  1.00 20.00 ? 45  LYS A O   1 
ATOM   341  C CB  . LYS A 1 45 ? -14.482 3.833   10.986  1.00 17.30 ? 45  LYS A CB  1 
ATOM   342  C CG  . LYS A 1 45 ? -14.571 2.337   10.897  1.00 21.40 ? 45  LYS A CG  1 
ATOM   343  C CD  . LYS A 1 45 ? -13.949 1.832   9.604   1.00 24.60 ? 45  LYS A CD  1 
ATOM   344  C CE  . LYS A 1 45 ? -13.962 0.307   9.525   1.00 27.50 ? 45  LYS A CE  1 
ATOM   345  N NZ  . LYS A 1 45 ? -12.818 -0.324  8.783   1.00 28.40 ? 45  LYS A NZ  1 
ATOM   346  N N   . ILE A 1 46 ? -12.428 3.780   13.223  1.00 14.60 ? 46  ILE A N   1 
ATOM   347  C CA  . ILE A 1 46 ? -11.057 3.992   13.688  1.00 12.30 ? 46  ILE A CA  1 
ATOM   348  C C   . ILE A 1 46 ? -10.239 3.002   12.889  1.00 10.60 ? 46  ILE A C   1 
ATOM   349  O O   . ILE A 1 46 ? -10.483 1.808   12.990  1.00 10.20 ? 46  ILE A O   1 
ATOM   350  C CB  . ILE A 1 46 ? -10.890 3.633   15.192  1.00 14.20 ? 46  ILE A CB  1 
ATOM   351  C CG1 . ILE A 1 46 ? -11.690 4.570   16.074  1.00 13.10 ? 46  ILE A CG1 1 
ATOM   352  C CG2 . ILE A 1 46 ? -9.440  3.777   15.621  1.00 18.00 ? 46  ILE A CG2 1 
ATOM   353  C CD1 . ILE A 1 46 ? -11.472 4.301   17.533  1.00 16.80 ? 46  ILE A CD1 1 
ATOM   354  N N   . VAL A 1 47 ? -9.316  3.488   12.063  1.00 8.60  ? 47  VAL A N   1 
ATOM   355  C CA  . VAL A 1 47 ? -8.485  2.615   11.247  1.00 8.30  ? 47  VAL A CA  1 
ATOM   356  C C   . VAL A 1 47 ? -7.107  2.594   11.872  1.00 8.40  ? 47  VAL A C   1 
ATOM   357  O O   . VAL A 1 47 ? -6.675  3.584   12.488  1.00 8.40  ? 47  VAL A O   1 
ATOM   358  C CB  . VAL A 1 47 ? -8.342  3.132   9.775   1.00 11.10 ? 47  VAL A CB  1 
ATOM   359  C CG1 . VAL A 1 47 ? -9.689  3.150   9.053   1.00 11.20 ? 47  VAL A CG1 1 
ATOM   360  C CG2 . VAL A 1 47 ? -7.756  4.529   9.759   1.00 13.00 ? 47  VAL A CG2 1 
ATOM   361  N N   . GLY A 1 48 ? -6.418  1.470   11.703  1.00 8.90  ? 48  GLY A N   1 
ATOM   362  C CA  . GLY A 1 48 ? -5.075  1.292   12.233  1.00 8.70  ? 48  GLY A CA  1 
ATOM   363  C C   . GLY A 1 48 ? -4.127  1.126   11.064  1.00 8.70  ? 48  GLY A C   1 
ATOM   364  O O   . GLY A 1 48 ? -4.304  0.223   10.233  1.00 9.00  ? 48  GLY A O   1 
ATOM   365  N N   . GLY A 1 49 ? -3.159  2.028   10.956  1.00 7.50  ? 49  GLY A N   1 
ATOM   366  C CA  . GLY A 1 49 ? -2.219  1.957   9.856   1.00 4.90  ? 49  GLY A CA  1 
ATOM   367  C C   . GLY A 1 49 ? -0.946  1.323   10.333  1.00 5.40  ? 49  GLY A C   1 
ATOM   368  O O   . GLY A 1 49 ? -0.936  0.667   11.379  1.00 7.60  ? 49  GLY A O   1 
ATOM   369  N N   . ILE A 1 50 ? 0.141   1.579   9.618   1.00 6.20  ? 50  ILE A N   1 
ATOM   370  C CA  . ILE A 1 50 ? 1.434   1.022   9.975   1.00 6.60  ? 50  ILE A CA  1 
ATOM   371  C C   . ILE A 1 50 ? 2.058   1.715   11.183  1.00 8.00  ? 50  ILE A C   1 
ATOM   372  O O   . ILE A 1 50 ? 2.989   1.176   11.768  1.00 10.30 ? 50  ILE A O   1 
ATOM   373  C CB  . ILE A 1 50 ? 2.431   1.044   8.771   1.00 7.60  ? 50  ILE A CB  1 
ATOM   374  C CG1 . ILE A 1 50 ? 3.402   -0.123  8.878   1.00 7.70  ? 50  ILE A CG1 1 
ATOM   375  C CG2 . ILE A 1 50 ? 3.220   2.348   8.727   1.00 7.90  ? 50  ILE A CG2 1 
ATOM   376  C CD1 . ILE A 1 50 ? 4.276   -0.282  7.693   1.00 9.80  ? 50  ILE A CD1 1 
ATOM   377  N N   . GLY A 1 51 ? 1.575   2.909   11.549  1.00 8.30  ? 51  GLY A N   1 
ATOM   378  C CA  . GLY A 1 51 ? 2.128   3.601   12.714  1.00 7.10  ? 51  GLY A CA  1 
ATOM   379  C C   . GLY A 1 51 ? 1.266   3.713   13.975  1.00 7.20  ? 51  GLY A C   1 
ATOM   380  O O   . GLY A 1 51 ? 1.783   3.919   15.067  1.00 7.40  ? 51  GLY A O   1 
ATOM   381  N N   . GLY A 1 52 ? -0.053  3.645   13.824  1.00 7.60  ? 52  GLY A N   1 
ATOM   382  C CA  . GLY A 1 52 ? -0.938  3.737   14.967  1.00 5.20  ? 52  GLY A CA  1 
ATOM   383  C C   . GLY A 1 52 ? -2.340  3.927   14.433  1.00 6.00  ? 52  GLY A C   1 
ATOM   384  O O   . GLY A 1 52 ? -2.558  3.812   13.229  1.00 4.80  ? 52  GLY A O   1 
ATOM   385  N N   . PHE A 1 53 ? -3.284  4.228   15.318  1.00 6.10  ? 53  PHE A N   1 
ATOM   386  C CA  . PHE A 1 53 ? -4.679  4.422   14.935  1.00 8.00  ? 53  PHE A CA  1 
ATOM   387  C C   . PHE A 1 53 ? -5.045  5.876   14.627  1.00 9.00  ? 53  PHE A C   1 
ATOM   388  O O   . PHE A 1 53 ? -4.455  6.819   15.187  1.00 9.30  ? 53  PHE A O   1 
ATOM   389  C CB  . PHE A 1 53 ? -5.597  3.896   16.048  1.00 8.10  ? 53  PHE A CB  1 
ATOM   390  C CG  . PHE A 1 53 ? -5.474  2.418   16.287  1.00 8.60  ? 53  PHE A CG  1 
ATOM   391  C CD1 . PHE A 1 53 ? -6.092  1.514   15.442  1.00 10.10 ? 53  PHE A CD1 1 
ATOM   392  C CD2 . PHE A 1 53 ? -4.715  1.934   17.340  1.00 9.60  ? 53  PHE A CD2 1 
ATOM   393  C CE1 . PHE A 1 53 ? -5.951  0.149   15.639  1.00 10.30 ? 53  PHE A CE1 1 
ATOM   394  C CE2 . PHE A 1 53 ? -4.566  0.564   17.548  1.00 9.80  ? 53  PHE A CE2 1 
ATOM   395  C CZ  . PHE A 1 53 ? -5.184  -0.329  16.696  1.00 9.40  ? 53  PHE A CZ  1 
ATOM   396  N N   . ILE A 1 54 ? -6.084  6.040   13.808  1.00 8.30  ? 54  ILE A N   1 
ATOM   397  C CA  . ILE A 1 54 ? -6.579  7.351   13.418  1.00 8.20  ? 54  ILE A CA  1 
ATOM   398  C C   . ILE A 1 54 ? -8.123  7.371   13.439  1.00 6.20  ? 54  ILE A C   1 
ATOM   399  O O   . ILE A 1 54 ? -8.764  6.367   13.126  1.00 5.20  ? 54  ILE A O   1 
ATOM   400  C CB  . ILE A 1 54 ? -5.961  7.711   12.031  1.00 11.90 ? 54  ILE A CB  1 
ATOM   401  C CG1 . ILE A 1 54 ? -4.656  8.484   12.245  1.00 15.20 ? 54  ILE A CG1 1 
ATOM   402  C CG2 . ILE A 1 54 ? -6.924  8.446   11.116  1.00 11.30 ? 54  ILE A CG2 1 
ATOM   403  C CD1 . ILE A 1 54 ? -3.895  8.769   10.948  1.00 16.20 ? 54  ILE A CD1 1 
ATOM   404  N N   . ASN A 1 55 ? -8.710  8.465   13.923  1.00 7.30  ? 55  ASN A N   1 
ATOM   405  C CA  . ASN A 1 55 ? -10.174 8.619   13.984  1.00 8.20  ? 55  ASN A CA  1 
ATOM   406  C C   . ASN A 1 55 ? -10.722 9.017   12.623  1.00 8.30  ? 55  ASN A C   1 
ATOM   407  O O   . ASN A 1 55 ? -10.153 9.893   11.956  1.00 8.40  ? 55  ASN A O   1 
ATOM   408  C CB  . ASN A 1 55 ? -10.578 9.676   15.015  1.00 9.10  ? 55  ASN A CB  1 
ATOM   409  C CG  . ASN A 1 55 ? -10.782 9.089   16.411  1.00 13.10 ? 55  ASN A CG  1 
ATOM   410  O OD1 . ASN A 1 55 ? -9.823  8.828   17.146  1.00 15.10 ? 55  ASN A OD1 1 
ATOM   411  N ND2 . ASN A 1 55 ? -12.035 8.865   16.777  1.00 14.40 ? 55  ASN A ND2 1 
ATOM   412  N N   . THR A 1 56 ? -11.822 8.387   12.203  1.00 6.40  ? 56  THR A N   1 
ATOM   413  C CA  . THR A 1 56 ? -12.408 8.671   10.901  1.00 3.90  ? 56  THR A CA  1 
ATOM   414  C C   . THR A 1 56 ? -13.933 8.635   10.875  1.00 5.70  ? 56  THR A C   1 
ATOM   415  O O   . THR A 1 56 ? -14.587 8.365   11.888  1.00 6.50  ? 56  THR A O   1 
ATOM   416  C CB  . THR A 1 56 ? -11.905 7.690   9.797   1.00 3.60  ? 56  THR A CB  1 
ATOM   417  O OG1 . THR A 1 56 ? -12.354 6.366   10.081  1.00 6.20  ? 56  THR A OG1 1 
ATOM   418  C CG2 . THR A 1 56 ? -10.407 7.690   9.687   1.00 2.40  ? 56  THR A CG2 1 
ATOM   419  N N   . LEU A 1 57 ? -14.467 8.880   9.678   1.00 5.20  ? 57  LEU A N   1 
ATOM   420  C CA  . LEU A 1 57 ? -15.884 8.900   9.398   1.00 3.40  ? 57  LEU A CA  1 
ATOM   421  C C   . LEU A 1 57 ? -16.015 8.138   8.083   1.00 3.70  ? 57  LEU A C   1 
ATOM   422  O O   . LEU A 1 57 ? -15.297 8.456   7.141   1.00 3.50  ? 57  LEU A O   1 
ATOM   423  C CB  . LEU A 1 57 ? -16.307 10.336  9.169   1.00 2.30  ? 57  LEU A CB  1 
ATOM   424  C CG  . LEU A 1 57 ? -17.662 10.800  9.673   1.00 2.40  ? 57  LEU A CG  1 
ATOM   425  C CD1 . LEU A 1 57 ? -17.708 10.809  11.198  1.00 2.20  ? 57  LEU A CD1 1 
ATOM   426  C CD2 . LEU A 1 57 ? -17.917 12.182  9.135   1.00 2.60  ? 57  LEU A CD2 1 
ATOM   427  N N   . GLU A 1 58 ? -16.947 7.181   8.005   1.00 3.50  ? 58  GLU A N   1 
ATOM   428  C CA  . GLU A 1 58 ? -17.165 6.369   6.808   1.00 2.40  ? 58  GLU A CA  1 
ATOM   429  C C   . GLU A 1 58 ? -18.469 6.687   6.095   1.00 4.80  ? 58  GLU A C   1 
ATOM   430  O O   . GLU A 1 58 ? -19.512 6.818   6.739   1.00 7.50  ? 58  GLU A O   1 
ATOM   431  C CB  . GLU A 1 58 ? -17.164 4.909   7.193   1.00 6.20  ? 58  GLU A CB  1 
ATOM   432  C CG  . GLU A 1 58 ? -17.419 3.922   6.066   1.00 9.40  ? 58  GLU A CG  1 
ATOM   433  C CD  . GLU A 1 58 ? -17.567 2.507   6.591   1.00 9.60  ? 58  GLU A CD  1 
ATOM   434  O OE1 . GLU A 1 58 ? -18.505 2.264   7.370   1.00 9.90  ? 58  GLU A OE1 1 
ATOM   435  O OE2 . GLU A 1 58 ? -16.758 1.633   6.217   1.00 13.50 ? 58  GLU A OE2 1 
ATOM   436  N N   . TYR A 1 59 ? -18.423 6.810   4.770   1.00 3.60  ? 59  TYR A N   1 
ATOM   437  C CA  . TYR A 1 59 ? -19.611 7.107   3.978   1.00 4.90  ? 59  TYR A CA  1 
ATOM   438  C C   . TYR A 1 59 ? -19.887 5.938   3.045   1.00 4.60  ? 59  TYR A C   1 
ATOM   439  O O   . TYR A 1 59 ? -18.947 5.358   2.502   1.00 3.50  ? 59  TYR A O   1 
ATOM   440  C CB  . TYR A 1 59 ? -19.398 8.350   3.118   1.00 4.80  ? 59  TYR A CB  1 
ATOM   441  C CG  . TYR A 1 59 ? -19.304 9.652   3.867   1.00 7.70  ? 59  TYR A CG  1 
ATOM   442  C CD1 . TYR A 1 59 ? -18.116 10.058  4.451   1.00 7.90  ? 59  TYR A CD1 1 
ATOM   443  C CD2 . TYR A 1 59 ? -20.384 10.530  3.908   1.00 6.70  ? 59  TYR A CD2 1 
ATOM   444  C CE1 . TYR A 1 59 ? -18.001 11.315  5.042   1.00 9.50  ? 59  TYR A CE1 1 
ATOM   445  C CE2 . TYR A 1 59 ? -20.277 11.781  4.502   1.00 8.90  ? 59  TYR A CE2 1 
ATOM   446  C CZ  . TYR A 1 59 ? -19.083 12.172  5.061   1.00 10.20 ? 59  TYR A CZ  1 
ATOM   447  O OH  . TYR A 1 59 ? -18.971 13.425  5.629   1.00 12.50 ? 59  TYR A OH  1 
ATOM   448  N N   . LYS A 1 60 ? -21.165 5.612   2.844   1.00 4.30  ? 60  LYS A N   1 
ATOM   449  C CA  . LYS A 1 60 ? -21.559 4.525   1.949   1.00 3.90  ? 60  LYS A CA  1 
ATOM   450  C C   . LYS A 1 60 ? -22.158 5.088   0.655   1.00 2.00  ? 60  LYS A C   1 
ATOM   451  O O   . LYS A 1 60 ? -22.651 6.207   0.638   1.00 2.00  ? 60  LYS A O   1 
ATOM   452  C CB  . LYS A 1 60 ? -22.598 3.633   2.629   1.00 5.40  ? 60  LYS A CB  1 
ATOM   453  C CG  . LYS A 1 60 ? -22.177 2.984   3.956   1.00 5.90  ? 60  LYS A CG  1 
ATOM   454  C CD  . LYS A 1 60 ? -21.253 1.780   3.736   1.00 10.20 ? 60  LYS A CD  1 
ATOM   455  C CE  . LYS A 1 60 ? -21.049 0.935   5.016   1.00 10.60 ? 60  LYS A CE  1 
ATOM   456  N NZ  . LYS A 1 60 ? -22.338 0.447   5.636   1.00 17.60 ? 60  LYS A NZ  1 
ATOM   457  N N   . ASN A 1 61 ? -22.076 4.332   -0.437  1.00 3.10  ? 61  ASN A N   1 
ATOM   458  C CA  . ASN A 1 61 ? -22.668 4.749   -1.713  1.00 4.80  ? 61  ASN A CA  1 
ATOM   459  C C   . ASN A 1 61 ? -22.134 6.043   -2.341  1.00 5.50  ? 61  ASN A C   1 
ATOM   460  O O   . ASN A 1 61 ? -22.875 6.760   -2.988  1.00 8.90  ? 61  ASN A O   1 
ATOM   461  C CB  . ASN A 1 61 ? -24.193 4.901   -1.543  1.00 3.40  ? 61  ASN A CB  1 
ATOM   462  C CG  . ASN A 1 61 ? -24.991 3.871   -2.312  1.00 2.20  ? 61  ASN A CG  1 
ATOM   463  O OD1 . ASN A 1 61 ? -24.522 3.277   -3.270  1.00 3.00  ? 61  ASN A OD1 1 
ATOM   464  N ND2 . ASN A 1 61 ? -26.216 3.665   -1.894  1.00 3.40  ? 61  ASN A ND2 1 
ATOM   465  N N   . VAL A 1 62 ? -20.861 6.351   -2.192  1.00 6.80  ? 62  VAL A N   1 
ATOM   466  C CA  . VAL A 1 62 ? -20.342 7.569   -2.787  1.00 6.00  ? 62  VAL A CA  1 
ATOM   467  C C   . VAL A 1 62 ? -19.985 7.349   -4.260  1.00 6.60  ? 62  VAL A C   1 
ATOM   468  O O   . VAL A 1 62 ? -19.541 6.274   -4.644  1.00 8.10  ? 62  VAL A O   1 
ATOM   469  C CB  . VAL A 1 62 ? -19.131 8.097   -1.980  1.00 7.00  ? 62  VAL A CB  1 
ATOM   470  C CG1 . VAL A 1 62 ? -18.553 9.353   -2.620  1.00 7.70  ? 62  VAL A CG1 1 
ATOM   471  C CG2 . VAL A 1 62 ? -19.556 8.389   -0.553  1.00 5.00  ? 62  VAL A CG2 1 
ATOM   472  N N   . GLU A 1 63 ? -20.223 8.350   -5.096  1.00 5.80  ? 63  GLU A N   1 
ATOM   473  C CA  . GLU A 1 63 ? -19.906 8.222   -6.508  1.00 6.80  ? 63  GLU A CA  1 
ATOM   474  C C   . GLU A 1 63 ? -18.529 8.769   -6.829  1.00 8.30  ? 63  GLU A C   1 
ATOM   475  O O   . GLU A 1 63 ? -18.248 9.952   -6.598  1.00 9.90  ? 63  GLU A O   1 
ATOM   476  C CB  . GLU A 1 63 ? -20.927 8.946   -7.348  1.00 5.00  ? 63  GLU A CB  1 
ATOM   477  C CG  . GLU A 1 63 ? -20.458 9.177   -8.741  1.00 9.70  ? 63  GLU A CG  1 
ATOM   478  C CD  . GLU A 1 63 ? -21.474 9.890   -9.579  1.00 12.50 ? 63  GLU A CD  1 
ATOM   479  O OE1 . GLU A 1 63 ? -21.817 11.043  -9.215  1.00 15.20 ? 63  GLU A OE1 1 
ATOM   480  O OE2 . GLU A 1 63 ? -21.933 9.302   -10.594 1.00 16.50 ? 63  GLU A OE2 1 
ATOM   481  N N   . ILE A 1 64 ? -17.704 7.938   -7.453  1.00 7.90  ? 64  ILE A N   1 
ATOM   482  C CA  . ILE A 1 64 ? -16.342 8.335   -7.801  1.00 10.30 ? 64  ILE A CA  1 
ATOM   483  C C   . ILE A 1 64 ? -16.021 8.166   -9.291  1.00 9.90  ? 64  ILE A C   1 
ATOM   484  O O   . ILE A 1 64 ? -16.447 7.193   -9.935  1.00 7.80  ? 64  ILE A O   1 
ATOM   485  C CB  . ILE A 1 64 ? -15.282 7.524   -6.949  1.00 11.00 ? 64  ILE A CB  1 
ATOM   486  C CG1 . ILE A 1 64 ? -15.490 7.773   -5.445  1.00 10.60 ? 64  ILE A CG1 1 
ATOM   487  C CG2 . ILE A 1 64 ? -13.884 7.948   -7.317  1.00 12.10 ? 64  ILE A CG2 1 
ATOM   488  C CD1 . ILE A 1 64 ? -14.870 6.748   -4.546  1.00 7.10  ? 64  ILE A CD1 1 
ATOM   489  N N   . GLU A 1 65 ? -15.290 9.140   -9.829  1.00 10.30 ? 65  GLU A N   1 
ATOM   490  C CA  . GLU A 1 65 ? -14.854 9.114   -11.217 1.00 10.30 ? 65  GLU A CA  1 
ATOM   491  C C   . GLU A 1 65 ? -13.343 9.028   -11.155 1.00 10.60 ? 65  GLU A C   1 
ATOM   492  O O   . GLU A 1 65 ? -12.697 9.909   -10.583 1.00 10.70 ? 65  GLU A O   1 
ATOM   493  C CB  . GLU A 1 65 ? -15.266 10.380  -11.962 1.00 9.30  ? 65  GLU A CB  1 
ATOM   494  C CG  . GLU A 1 65 ? -14.742 10.422  -13.375 1.00 13.30 ? 65  GLU A CG  1 
ATOM   495  C CD  . GLU A 1 65 ? -15.519 11.372  -14.291 1.00 20.40 ? 65  GLU A CD  1 
ATOM   496  O OE1 . GLU A 1 65 ? -16.641 11.822  -13.916 1.00 18.60 ? 65  GLU A OE1 1 
ATOM   497  O OE2 . GLU A 1 65 ? -14.997 11.650  -15.411 1.00 23.30 ? 65  GLU A OE2 1 
ATOM   498  N N   . VAL A 1 66 ? -12.794 7.923   -11.652 1.00 8.20  ? 66  VAL A N   1 
ATOM   499  C CA  . VAL A 1 66 ? -11.365 7.729   -11.656 1.00 8.20  ? 66  VAL A CA  1 
ATOM   500  C C   . VAL A 1 66 ? -11.020 6.998   -12.957 1.00 9.80  ? 66  VAL A C   1 
ATOM   501  O O   . VAL A 1 66 ? -11.746 6.100   -13.365 1.00 10.80 ? 66  VAL A O   1 
ATOM   502  C CB  . VAL A 1 66 ? -10.928 6.922   -10.409 1.00 7.60  ? 66  VAL A CB  1 
ATOM   503  C CG1 . VAL A 1 66 ? -11.468 5.511   -10.452 1.00 7.30  ? 66  VAL A CG1 1 
ATOM   504  C CG2 . VAL A 1 66 ? -9.430  6.918   -10.262 1.00 4.30  ? 66  VAL A CG2 1 
ATOM   505  N N   . LEU A 1 67 ? -10.008 7.485   -13.678 1.00 9.60  ? 67  LEU A N   1 
ATOM   506  C CA  . LEU A 1 67 ? -9.579  6.868   -14.941 1.00 10.70 ? 67  LEU A CA  1 
ATOM   507  C C   . LEU A 1 67 ? -10.658 6.742   -16.019 1.00 10.60 ? 67  LEU A C   1 
ATOM   508  O O   . LEU A 1 67 ? -10.601 5.837   -16.854 1.00 12.20 ? 67  LEU A O   1 
ATOM   509  C CB  . LEU A 1 67 ? -8.972  5.487   -14.678 1.00 9.40  ? 67  LEU A CB  1 
ATOM   510  C CG  . LEU A 1 67 ? -7.559  5.569   -14.131 1.00 8.40  ? 67  LEU A CG  1 
ATOM   511  C CD1 . LEU A 1 67 ? -7.118  4.255   -13.512 1.00 9.00  ? 67  LEU A CD1 1 
ATOM   512  C CD2 . LEU A 1 67 ? -6.650  6.009   -15.286 1.00 10.60 ? 67  LEU A CD2 1 
ATOM   513  N N   . ASN A 1 68 ? -11.615 7.662   -16.020 1.00 8.30  ? 68  ASN A N   1 
ATOM   514  C CA  . ASN A 1 68 ? -12.690 7.660   -17.006 1.00 10.10 ? 68  ASN A CA  1 
ATOM   515  C C   . ASN A 1 68 ? -13.784 6.632   -16.713 1.00 12.00 ? 68  ASN A C   1 
ATOM   516  O O   . ASN A 1 68 ? -14.688 6.403   -17.537 1.00 10.90 ? 68  ASN A O   1 
ATOM   517  C CB  . ASN A 1 68 ? -12.152 7.448   -18.429 1.00 9.30  ? 68  ASN A CB  1 
ATOM   518  C CG  . ASN A 1 68 ? -11.144 8.515   -18.853 1.00 8.80  ? 68  ASN A CG  1 
ATOM   519  O OD1 . ASN A 1 68 ? -11.356 9.706   -18.663 1.00 7.70  ? 68  ASN A OD1 1 
ATOM   520  N ND2 . ASN A 1 68 ? -10.042 8.075   -19.434 1.00 8.10  ? 68  ASN A ND2 1 
ATOM   521  N N   . LYS A 1 69 ? -13.723 6.033   -15.528 1.00 11.80 ? 69  LYS A N   1 
ATOM   522  C CA  . LYS A 1 69 ? -14.729 5.060   -15.132 1.00 10.70 ? 69  LYS A CA  1 
ATOM   523  C C   . LYS A 1 69 ? -15.481 5.552   -13.892 1.00 10.90 ? 69  LYS A C   1 
ATOM   524  O O   . LYS A 1 69 ? -14.952 6.350   -13.099 1.00 10.40 ? 69  LYS A O   1 
ATOM   525  C CB  . LYS A 1 69 ? -14.082 3.681   -14.921 1.00 10.30 ? 69  LYS A CB  1 
ATOM   526  C CG  . LYS A 1 69 ? -13.808 2.956   -16.249 1.00 12.20 ? 69  LYS A CG  1 
ATOM   527  C CD  . LYS A 1 69 ? -12.554 2.077   -16.229 1.00 15.40 ? 69  LYS A CD  1 
ATOM   528  C CE  . LYS A 1 69 ? -12.767 0.720   -15.560 1.00 20.40 ? 69  LYS A CE  1 
ATOM   529  N NZ  . LYS A 1 69 ? -13.514 -0.316  -16.377 1.00 24.10 ? 69  LYS A NZ  1 
ATOM   530  N N   . LYS A 1 70 ? -16.736 5.139   -13.774 1.00 11.10 ? 70  LYS A N   1 
ATOM   531  C CA  . LYS A 1 70 ? -17.557 5.518   -12.634 1.00 11.80 ? 70  LYS A CA  1 
ATOM   532  C C   . LYS A 1 70 ? -17.997 4.323   -11.796 1.00 10.70 ? 70  LYS A C   1 
ATOM   533  O O   . LYS A 1 70 ? -18.379 3.275   -12.328 1.00 11.60 ? 70  LYS A O   1 
ATOM   534  C CB  . LYS A 1 70 ? -18.786 6.289   -13.091 1.00 12.80 ? 70  LYS A CB  1 
ATOM   535  C CG  . LYS A 1 70 ? -18.482 7.701   -13.524 1.00 17.50 ? 70  LYS A CG  1 
ATOM   536  C CD  . LYS A 1 70 ? -19.745 8.590   -13.426 1.00 21.50 ? 70  LYS A CD  1 
ATOM   537  C CE  . LYS A 1 70 ? -19.553 9.903   -14.164 1.00 22.00 ? 70  LYS A CE  1 
ATOM   538  N NZ  . LYS A 1 70 ? -20.753 10.762  -14.003 1.00 22.50 ? 70  LYS A NZ  1 
ATOM   539  N N   . VAL A 1 71 ? -17.942 4.493   -10.478 1.00 8.50  ? 71  VAL A N   1 
ATOM   540  C CA  . VAL A 1 71 ? -18.341 3.458   -9.532  1.00 6.70  ? 71  VAL A CA  1 
ATOM   541  C C   . VAL A 1 71 ? -18.948 4.077   -8.276  1.00 5.40  ? 71  VAL A C   1 
ATOM   542  O O   . VAL A 1 71 ? -18.760 5.264   -7.994  1.00 7.70  ? 71  VAL A O   1 
ATOM   543  C CB  . VAL A 1 71 ? -17.147 2.614   -9.116  1.00 5.40  ? 71  VAL A CB  1 
ATOM   544  C CG1 . VAL A 1 71 ? -16.420 2.087   -10.351 1.00 2.00  ? 71  VAL A CG1 1 
ATOM   545  C CG2 . VAL A 1 71 ? -16.204 3.433   -8.268  1.00 5.00  ? 71  VAL A CG2 1 
ATOM   546  N N   . ARG A 1 72 ? -19.721 3.287   -7.550  1.00 5.60  ? 72  ARG A N   1 
ATOM   547  C CA  . ARG A 1 72 ? -20.336 3.713   -6.303  1.00 3.90  ? 72  ARG A CA  1 
ATOM   548  C C   . ARG A 1 72 ? -19.562 2.907   -5.282  1.00 3.50  ? 72  ARG A C   1 
ATOM   549  O O   . ARG A 1 72 ? -19.634 1.684   -5.303  1.00 2.00  ? 72  ARG A O   1 
ATOM   550  C CB  . ARG A 1 72 ? -21.796 3.271   -6.244  1.00 6.00  ? 72  ARG A CB  1 
ATOM   551  C CG  . ARG A 1 72 ? -22.757 4.361   -5.865  1.00 8.90  ? 72  ARG A CG  1 
ATOM   552  C CD  . ARG A 1 72 ? -23.215 5.009   -7.101  1.00 10.10 ? 72  ARG A CD  1 
ATOM   553  N NE  . ARG A 1 72 ? -23.759 6.336   -6.886  1.00 16.40 ? 72  ARG A NE  1 
ATOM   554  C CZ  . ARG A 1 72 ? -24.381 7.024   -7.847  1.00 21.80 ? 72  ARG A CZ  1 
ATOM   555  N NH1 . ARG A 1 72 ? -24.522 6.481   -9.070  1.00 24.10 ? 72  ARG A NH1 1 
ATOM   556  N NH2 . ARG A 1 72 ? -24.832 8.260   -7.618  1.00 21.70 ? 72  ARG A NH2 1 
ATOM   557  N N   . ALA A 1 73 ? -18.859 3.567   -4.372  1.00 2.00  ? 73  ALA A N   1 
ATOM   558  C CA  . ALA A 1 73 ? -18.070 2.831   -3.404  1.00 3.80  ? 73  ALA A CA  1 
ATOM   559  C C   . ALA A 1 73 ? -18.084 3.436   -1.995  1.00 5.40  ? 73  ALA A C   1 
ATOM   560  O O   . ALA A 1 73 ? -18.698 4.490   -1.768  1.00 4.40  ? 73  ALA A O   1 
ATOM   561  C CB  . ALA A 1 73 ? -16.646 2.707   -3.915  1.00 3.10  ? 73  ALA A CB  1 
ATOM   562  N N   . THR A 1 74 ? -17.462 2.718   -1.051  1.00 4.70  ? 74  THR A N   1 
ATOM   563  C CA  . THR A 1 74 ? -17.354 3.132   0.353   1.00 4.80  ? 74  THR A CA  1 
ATOM   564  C C   . THR A 1 74 ? -15.987 3.819   0.534   1.00 7.90  ? 74  THR A C   1 
ATOM   565  O O   . THR A 1 74 ? -14.942 3.327   0.047   1.00 7.90  ? 74  THR A O   1 
ATOM   566  C CB  . THR A 1 74 ? -17.449 1.901   1.314   1.00 2.00  ? 74  THR A CB  1 
ATOM   567  O OG1 . THR A 1 74 ? -18.659 1.186   1.051   1.00 3.50  ? 74  THR A OG1 1 
ATOM   568  C CG2 . THR A 1 74 ? -17.464 2.330   2.761   1.00 2.20  ? 74  THR A CG2 1 
ATOM   569  N N   . ILE A 1 75 ? -15.989 4.937   1.255   1.00 9.00  ? 75  ILE A N   1 
ATOM   570  C CA  . ILE A 1 75 ? -14.763 5.689   1.465   1.00 8.30  ? 75  ILE A CA  1 
ATOM   571  C C   . ILE A 1 75 ? -14.753 6.339   2.831   1.00 6.10  ? 75  ILE A C   1 
ATOM   572  O O   . ILE A 1 75 ? -15.793 6.588   3.390   1.00 6.50  ? 75  ILE A O   1 
ATOM   573  C CB  . ILE A 1 75 ? -14.587 6.747   0.356   1.00 9.30  ? 75  ILE A CB  1 
ATOM   574  C CG1 . ILE A 1 75 ? -13.178 7.340   0.409   1.00 11.70 ? 75  ILE A CG1 1 
ATOM   575  C CG2 . ILE A 1 75 ? -15.662 7.813   0.457   1.00 9.50  ? 75  ILE A CG2 1 
ATOM   576  C CD1 . ILE A 1 75 ? -12.845 8.237   -0.768  1.00 11.10 ? 75  ILE A CD1 1 
ATOM   577  N N   . MET A 1 76 ? -13.567 6.514   3.391   1.00 4.50  ? 76  MET A N   1 
ATOM   578  C CA  . MET A 1 76 ? -13.375 7.129   4.690   1.00 3.80  ? 76  MET A CA  1 
ATOM   579  C C   . MET A 1 76 ? -12.677 8.482   4.540   1.00 4.60  ? 76  MET A C   1 
ATOM   580  O O   . MET A 1 76 ? -11.872 8.689   3.631   1.00 3.80  ? 76  MET A O   1 
ATOM   581  C CB  . MET A 1 76 ? -12.503 6.238   5.566   1.00 2.20  ? 76  MET A CB  1 
ATOM   582  C CG  . MET A 1 76 ? -13.225 5.096   6.210   1.00 7.20  ? 76  MET A CG  1 
ATOM   583  S SD  . MET A 1 76 ? -12.069 4.075   7.108   1.00 8.80  ? 76  MET A SD  1 
ATOM   584  C CE  . MET A 1 76 ? -11.336 3.262   5.820   1.00 9.40  ? 76  MET A CE  1 
ATOM   585  N N   . THR A 1 77 ? -12.920 9.374   5.486   1.00 4.60  ? 77  THR A N   1 
ATOM   586  C CA  . THR A 1 77 ? -12.296 10.672  5.456   1.00 4.10  ? 77  THR A CA  1 
ATOM   587  C C   . THR A 1 77 ? -11.817 11.090  6.858   1.00 4.20  ? 77  THR A C   1 
ATOM   588  O O   . THR A 1 77 ? -12.486 10.840  7.871   1.00 3.40  ? 77  THR A O   1 
ATOM   589  C CB  . THR A 1 77 ? -13.253 11.691  4.816   1.00 6.60  ? 77  THR A CB  1 
ATOM   590  O OG1 . THR A 1 77 ? -12.517 12.857  4.409   1.00 11.10 ? 77  THR A OG1 1 
ATOM   591  C CG2 . THR A 1 77 ? -14.372 12.081  5.770   1.00 6.00  ? 77  THR A CG2 1 
ATOM   592  N N   . GLY A 1 78 ? -10.612 11.655  6.908   1.00 5.10  ? 78  GLY A N   1 
ATOM   593  C CA  . GLY A 1 78 ? -10.025 12.104  8.160   1.00 5.10  ? 78  GLY A CA  1 
ATOM   594  C C   . GLY A 1 78 ? -8.699  12.795  7.915   1.00 6.60  ? 78  GLY A C   1 
ATOM   595  O O   . GLY A 1 78 ? -8.324  13.002  6.772   1.00 7.70  ? 78  GLY A O   1 
ATOM   596  N N   . ASP A 1 79 ? -7.955  13.101  8.974   1.00 7.90  ? 79  ASP A N   1 
ATOM   597  C CA  . ASP A 1 79 ? -6.671  13.786  8.827   1.00 9.10  ? 79  ASP A CA  1 
ATOM   598  C C   . ASP A 1 79 ? -5.504  12.821  8.560   1.00 9.40  ? 79  ASP A C   1 
ATOM   599  O O   . ASP A 1 79 ? -4.633  12.613  9.431   1.00 7.80  ? 79  ASP A O   1 
ATOM   600  C CB  . ASP A 1 79 ? -6.397  14.667  10.064  1.00 11.60 ? 79  ASP A CB  1 
ATOM   601  C CG  . ASP A 1 79 ? -5.241  15.674  9.865   1.00 12.30 ? 79  ASP A CG  1 
ATOM   602  O OD1 . ASP A 1 79 ? -4.543  15.571  8.821   1.00 11.40 ? 79  ASP A OD1 1 
ATOM   603  O OD2 . ASP A 1 79 ? -5.024  16.559  10.731  1.00 12.90 ? 79  ASP A OD2 1 
ATOM   604  N N   . THR A 1 80 ? -5.487  12.266  7.343   1.00 8.70  ? 80  THR A N   1 
ATOM   605  C CA  . THR A 1 80 ? -4.456  11.329  6.901   1.00 6.60  ? 80  THR A CA  1 
ATOM   606  C C   . THR A 1 80 ? -3.313  12.084  6.188   1.00 5.20  ? 80  THR A C   1 
ATOM   607  O O   . THR A 1 80 ? -3.552  13.053  5.462   1.00 3.00  ? 80  THR A O   1 
ATOM   608  C CB  . THR A 1 80 ? -5.071  10.242  5.953   1.00 7.90  ? 80  THR A CB  1 
ATOM   609  O OG1 . THR A 1 80 ? -4.092  9.236   5.664   1.00 13.80 ? 80  THR A OG1 1 
ATOM   610  C CG2 . THR A 1 80 ? -5.542  10.857  4.639   1.00 5.40  ? 80  THR A CG2 1 
ATOM   611  N N   . PRO A 1 81 ? -2.045  11.659  6.403   1.00 6.70  ? 81  PRO A N   1 
ATOM   612  C CA  . PRO A 1 81 ? -0.888  12.304  5.775   1.00 6.90  ? 81  PRO A CA  1 
ATOM   613  C C   . PRO A 1 81 ? -0.753  12.004  4.285   1.00 9.60  ? 81  PRO A C   1 
ATOM   614  O O   . PRO A 1 81 ? 0.055   12.639  3.584   1.00 9.10  ? 81  PRO A O   1 
ATOM   615  C CB  . PRO A 1 81 ? 0.282   11.772  6.590   1.00 7.70  ? 81  PRO A CB  1 
ATOM   616  C CG  . PRO A 1 81 ? -0.189  10.443  7.063   1.00 4.30  ? 81  PRO A CG  1 
ATOM   617  C CD  . PRO A 1 81 ? -1.615  10.679  7.422   1.00 4.70  ? 81  PRO A CD  1 
ATOM   618  N N   . ILE A 1 82 ? -1.540  11.028  3.806   1.00 11.20 ? 82  ILE A N   1 
ATOM   619  C CA  . ILE A 1 82 ? -1.562  10.675  2.395   1.00 10.60 ? 82  ILE A CA  1 
ATOM   620  C C   . ILE A 1 82 ? -2.907  10.009  2.022   1.00 10.60 ? 82  ILE A C   1 
ATOM   621  O O   . ILE A 1 82 ? -3.422  9.161   2.771   1.00 11.20 ? 82  ILE A O   1 
ATOM   622  C CB  . ILE A 1 82 ? -0.352  9.796   2.018   1.00 13.50 ? 82  ILE A CB  1 
ATOM   623  C CG1 . ILE A 1 82 ? -0.129  9.813   0.498   1.00 16.60 ? 82  ILE A CG1 1 
ATOM   624  C CG2 . ILE A 1 82 ? -0.565  8.370   2.485   1.00 12.90 ? 82  ILE A CG2 1 
ATOM   625  C CD1 . ILE A 1 82 ? -0.105  11.232  -0.141  1.00 17.40 ? 82  ILE A CD1 1 
ATOM   626  N N   . ASN A 1 83 ? -3.500  10.450  0.904   1.00 9.30  ? 83  ASN A N   1 
ATOM   627  C CA  . ASN A 1 83 ? -4.779  9.932   0.399   1.00 5.60  ? 83  ASN A CA  1 
ATOM   628  C C   . ASN A 1 83 ? -4.544  8.670   -0.410  1.00 6.70  ? 83  ASN A C   1 
ATOM   629  O O   . ASN A 1 83 ? -3.630  8.631   -1.252  1.00 6.80  ? 83  ASN A O   1 
ATOM   630  C CB  . ASN A 1 83 ? -5.411  10.939  -0.544  1.00 5.00  ? 83  ASN A CB  1 
ATOM   631  C CG  . ASN A 1 83 ? -5.568  12.286  0.071   1.00 3.30  ? 83  ASN A CG  1 
ATOM   632  O OD1 . ASN A 1 83 ? -5.918  12.408  1.233   1.00 2.50  ? 83  ASN A OD1 1 
ATOM   633  N ND2 . ASN A 1 83 ? -5.311  13.315  -0.704  1.00 2.10  ? 83  ASN A ND2 1 
ATOM   634  N N   . ILE A 1 84 ? -5.381  7.656   -0.214  1.00 5.30  ? 84  ILE A N   1 
ATOM   635  C CA  . ILE A 1 84 ? -5.218  6.394   -0.946  1.00 5.90  ? 84  ILE A CA  1 
ATOM   636  C C   . ILE A 1 84 ? -6.513  5.716   -1.370  1.00 5.50  ? 84  ILE A C   1 
ATOM   637  O O   . ILE A 1 84 ? -7.563  5.894   -0.749  1.00 4.80  ? 84  ILE A O   1 
ATOM   638  C CB  . ILE A 1 84 ? -4.334  5.342   -0.156  1.00 5.20  ? 84  ILE A CB  1 
ATOM   639  C CG1 . ILE A 1 84 ? -4.814  5.193   1.279   1.00 2.00  ? 84  ILE A CG1 1 
ATOM   640  C CG2 . ILE A 1 84 ? -2.858  5.733   -0.139  1.00 4.50  ? 84  ILE A CG2 1 
ATOM   641  C CD1 . ILE A 1 84 ? -3.931  4.304   2.124   1.00 5.30  ? 84  ILE A CD1 1 
ATOM   642  N N   . PHE A 1 85 ? -6.425  4.981   -2.472  1.00 3.80  ? 85  PHE A N   1 
ATOM   643  C CA  . PHE A 1 85 ? -7.544  4.204   -2.994  1.00 3.00  ? 85  PHE A CA  1 
ATOM   644  C C   . PHE A 1 85 ? -7.133  2.752   -2.761  1.00 3.20  ? 85  PHE A C   1 
ATOM   645  O O   . PHE A 1 85 ? -6.157  2.281   -3.347  1.00 2.90  ? 85  PHE A O   1 
ATOM   646  C CB  . PHE A 1 85 ? -7.749  4.451   -4.500  1.00 2.10  ? 85  PHE A CB  1 
ATOM   647  C CG  . PHE A 1 85 ? -8.796  5.512   -4.830  1.00 3.60  ? 85  PHE A CG  1 
ATOM   648  C CD1 . PHE A 1 85 ? -9.313  6.349   -3.857  1.00 2.00  ? 85  PHE A CD1 1 
ATOM   649  C CD2 . PHE A 1 85 ? -9.268  5.663   -6.137  1.00 6.50  ? 85  PHE A CD2 1 
ATOM   650  C CE1 . PHE A 1 85 ? -10.267 7.315   -4.181  1.00 2.00  ? 85  PHE A CE1 1 
ATOM   651  C CE2 . PHE A 1 85 ? -10.225 6.635   -6.460  1.00 2.10  ? 85  PHE A CE2 1 
ATOM   652  C CZ  . PHE A 1 85 ? -10.715 7.453   -5.480  1.00 2.10  ? 85  PHE A CZ  1 
ATOM   653  N N   . GLY A 1 86 ? -7.826  2.066   -1.859  1.00 4.70  ? 86  GLY A N   1 
ATOM   654  C CA  . GLY A 1 86 ? -7.499  0.679   -1.558  1.00 4.20  ? 86  GLY A CA  1 
ATOM   655  C C   . GLY A 1 86 ? -8.108  -0.324  -2.514  1.00 5.20  ? 86  GLY A C   1 
ATOM   656  O O   . GLY A 1 86 ? -8.634  0.058   -3.575  1.00 5.90  ? 86  GLY A O   1 
ATOM   657  N N   . ARG A 1 87 ? -8.060  -1.605  -2.138  1.00 5.30  ? 87  ARG A N   1 
ATOM   658  C CA  . ARG A 1 87 ? -8.594  -2.685  -2.983  1.00 4.60  ? 87  ARG A CA  1 
ATOM   659  C C   . ARG A 1 87 ? -10.102 -2.732  -3.215  1.00 5.70  ? 87  ARG A C   1 
ATOM   660  O O   . ARG A 1 87 ? -10.557 -3.378  -4.162  1.00 6.70  ? 87  ARG A O   1 
ATOM   661  C CB  . ARG A 1 87 ? -8.122  -4.044  -2.512  1.00 5.60  ? 87  ARG A CB  1 
ATOM   662  C CG  . ARG A 1 87 ? -6.635  -4.274  -2.633  1.00 5.90  ? 87  ARG A CG  1 
ATOM   663  C CD  . ARG A 1 87 ? -6.259  -5.705  -2.267  1.00 5.20  ? 87  ARG A CD  1 
ATOM   664  N NE  . ARG A 1 87 ? -6.666  -6.066  -0.914  1.00 9.50  ? 87  ARG A NE  1 
ATOM   665  C CZ  . ARG A 1 87 ? -7.749  -6.791  -0.617  1.00 11.80 ? 87  ARG A CZ  1 
ATOM   666  N NH1 . ARG A 1 87 ? -8.562  -7.248  -1.570  1.00 9.00  ? 87  ARG A NH1 1 
ATOM   667  N NH2 . ARG A 1 87 ? -8.019  -7.069  0.646   1.00 10.90 ? 87  ARG A NH2 1 
ATOM   668  N N   . ASN A 1 88 ? -10.883 -2.007  -2.424  1.00 3.90  ? 88  ASN A N   1 
ATOM   669  C CA  . ASN A 1 88 ? -12.330 -2.021  -2.638  1.00 3.90  ? 88  ASN A CA  1 
ATOM   670  C C   . ASN A 1 88 ? -12.700 -1.278  -3.928  1.00 4.20  ? 88  ASN A C   1 
ATOM   671  O O   . ASN A 1 88 ? -13.720 -1.583  -4.548  1.00 5.20  ? 88  ASN A O   1 
ATOM   672  C CB  . ASN A 1 88 ? -13.073 -1.391  -1.459  1.00 4.40  ? 88  ASN A CB  1 
ATOM   673  C CG  . ASN A 1 88 ? -12.727 0.066   -1.282  1.00 3.60  ? 88  ASN A CG  1 
ATOM   674  O OD1 . ASN A 1 88 ? -11.619 0.473   -1.607  1.00 4.60  ? 88  ASN A OD1 1 
ATOM   675  N ND2 . ASN A 1 88 ? -13.668 0.862   -0.771  1.00 2.10  ? 88  ASN A ND2 1 
ATOM   676  N N   . ILE A 1 89 ? -11.890 -0.293  -4.309  1.00 2.50  ? 89  ILE A N   1 
ATOM   677  C CA  . ILE A 1 89 ? -12.133 0.500   -5.514  1.00 2.00  ? 89  ILE A CA  1 
ATOM   678  C C   . ILE A 1 89 ? -11.388 -0.057  -6.732  1.00 2.70  ? 89  ILE A C   1 
ATOM   679  O O   . ILE A 1 89 ? -11.889 0.000   -7.851  1.00 2.90  ? 89  ILE A O   1 
ATOM   680  C CB  . ILE A 1 89 ? -11.722 1.990   -5.304  1.00 2.00  ? 89  ILE A CB  1 
ATOM   681  C CG1 . ILE A 1 89 ? -12.661 2.669   -4.317  1.00 2.00  ? 89  ILE A CG1 1 
ATOM   682  C CG2 . ILE A 1 89 ? -11.771 2.737   -6.611  1.00 2.00  ? 89  ILE A CG2 1 
ATOM   683  C CD1 . ILE A 1 89 ? -12.414 4.125   -4.180  1.00 2.10  ? 89  ILE A CD1 1 
ATOM   684  N N   . LEU A 1 90 ? -10.180 -0.574  -6.512  1.00 3.80  ? 90  LEU A N   1 
ATOM   685  C CA  . LEU A 1 90 ? -9.368  -1.138  -7.592  1.00 4.70  ? 90  LEU A CA  1 
ATOM   686  C C   . LEU A 1 90 ? -10.011 -2.363  -8.235  1.00 6.00  ? 90  LEU A C   1 
ATOM   687  O O   . LEU A 1 90 ? -10.009 -2.521  -9.460  1.00 6.20  ? 90  LEU A O   1 
ATOM   688  C CB  . LEU A 1 90 ? -7.966  -1.478  -7.091  1.00 5.10  ? 90  LEU A CB  1 
ATOM   689  C CG  . LEU A 1 90 ? -7.128  -0.350  -6.471  1.00 6.50  ? 90  LEU A CG  1 
ATOM   690  C CD1 . LEU A 1 90 ? -5.684  -0.838  -6.340  1.00 5.10  ? 90  LEU A CD1 1 
ATOM   691  C CD2 . LEU A 1 90 ? -7.164  0.895   -7.351  1.00 4.60  ? 90  LEU A CD2 1 
ATOM   692  N N   . THR A 1 91 ? -10.592 -3.224  -7.417  1.00 5.70  ? 91  THR A N   1 
ATOM   693  C CA  . THR A 1 91 ? -11.249 -4.407  -7.949  1.00 5.40  ? 91  THR A CA  1 
ATOM   694  C C   . THR A 1 91 ? -12.452 -4.058  -8.800  1.00 4.30  ? 91  THR A C   1 
ATOM   695  O O   . THR A 1 91 ? -12.732 -4.735  -9.796  1.00 6.20  ? 91  THR A O   1 
ATOM   696  C CB  . THR A 1 91 ? -11.703 -5.304  -6.840  1.00 5.70  ? 91  THR A CB  1 
ATOM   697  O OG1 . THR A 1 91 ? -12.259 -4.504  -5.791  1.00 10.30 ? 91  THR A OG1 1 
ATOM   698  C CG2 . THR A 1 91 ? -10.554 -6.077  -6.326  1.00 2.10  ? 91  THR A CG2 1 
ATOM   699  N N   . ALA A 1 92 ? -13.187 -3.034  -8.389  1.00 4.10  ? 92  ALA A N   1 
ATOM   700  C CA  . ALA A 1 92 ? -14.361 -2.573  -9.130  1.00 5.40  ? 92  ALA A CA  1 
ATOM   701  C C   . ALA A 1 92 ? -13.965 -1.849  -10.430 1.00 7.30  ? 92  ALA A C   1 
ATOM   702  O O   . ALA A 1 92 ? -14.816 -1.455  -11.211 1.00 8.70  ? 92  ALA A O   1 
ATOM   703  C CB  . ALA A 1 92 ? -15.204 -1.669  -8.255  1.00 2.00  ? 92  ALA A CB  1 
ATOM   704  N N   . LEU A 1 93 ? -12.669 -1.611  -10.603 1.00 9.60  ? 93  LEU A N   1 
ATOM   705  C CA  . LEU A 1 93 ? -12.140 -0.962  -11.794 1.00 11.10 ? 93  LEU A CA  1 
ATOM   706  C C   . LEU A 1 93 ? -11.578 -2.039  -12.717 1.00 11.50 ? 93  LEU A C   1 
ATOM   707  O O   . LEU A 1 93 ? -11.576 -1.882  -13.942 1.00 13.50 ? 93  LEU A O   1 
ATOM   708  C CB  . LEU A 1 93 ? -11.014 0.032   -11.444 1.00 11.50 ? 93  LEU A CB  1 
ATOM   709  C CG  . LEU A 1 93 ? -11.326 1.344   -10.715 1.00 10.90 ? 93  LEU A CG  1 
ATOM   710  C CD1 . LEU A 1 93 ? -10.046 2.142   -10.634 1.00 8.60  ? 93  LEU A CD1 1 
ATOM   711  C CD2 . LEU A 1 93 ? -12.399 2.139   -11.434 1.00 8.30  ? 93  LEU A CD2 1 
ATOM   712  N N   . GLY A 1 94 ? -11.074 -3.119  -12.129 1.00 11.70 ? 94  GLY A N   1 
ATOM   713  C CA  . GLY A 1 94 ? -10.522 -4.196  -12.933 1.00 11.20 ? 94  GLY A CA  1 
ATOM   714  C C   . GLY A 1 94 ? -9.010  -4.167  -13.080 1.00 12.10 ? 94  GLY A C   1 
ATOM   715  O O   . GLY A 1 94 ? -8.470  -4.748  -14.021 1.00 14.50 ? 94  GLY A O   1 
ATOM   716  N N   . MET A 1 95 ? -8.325  -3.518  -12.141 1.00 12.90 ? 95  MET A N   1 
ATOM   717  C CA  . MET A 1 95 ? -6.867  -3.429  -12.161 1.00 12.10 ? 95  MET A CA  1 
ATOM   718  C C   . MET A 1 95 ? -6.250  -4.745  -11.715 1.00 12.20 ? 95  MET A C   1 
ATOM   719  O O   . MET A 1 95 ? -6.906  -5.559  -11.063 1.00 13.90 ? 95  MET A O   1 
ATOM   720  C CB  . MET A 1 95 ? -6.369  -2.265  -11.272 1.00 10.70 ? 95  MET A CB  1 
ATOM   721  C CG  . MET A 1 95 ? -6.709  -0.883  -11.836 1.00 11.10 ? 95  MET A CG  1 
ATOM   722  S SD  . MET A 1 95 ? -5.795  0.500   -11.143 1.00 13.60 ? 95  MET A SD  1 
ATOM   723  C CE  . MET A 1 95 ? -4.598  0.868   -12.465 1.00 10.30 ? 95  MET A CE  1 
ATOM   724  N N   . SER A 1 96 ? -4.987  -4.963  -12.066 1.00 13.00 ? 96  SER A N   1 
ATOM   725  C CA  . SER A 1 96 ? -4.315  -6.195  -11.667 1.00 12.30 ? 96  SER A CA  1 
ATOM   726  C C   . SER A 1 96 ? -2.791  -6.053  -11.626 1.00 12.30 ? 96  SER A C   1 
ATOM   727  O O   . SER A 1 96 ? -2.216  -5.185  -12.276 1.00 12.30 ? 96  SER A O   1 
ATOM   728  C CB  . SER A 1 96 ? -4.724  -7.315  -12.611 1.00 11.70 ? 96  SER A CB  1 
ATOM   729  O OG  . SER A 1 96 ? -4.355  -6.989  -13.938 1.00 14.70 ? 96  SER A OG  1 
ATOM   730  N N   . LEU A 1 97 ? -2.145  -6.838  -10.781 1.00 12.00 ? 97  LEU A N   1 
ATOM   731  C CA  . LEU A 1 97 ? -0.703  -6.789  -10.707 1.00 12.20 ? 97  LEU A CA  1 
ATOM   732  C C   . LEU A 1 97 ? -0.193  -7.738  -11.758 1.00 14.00 ? 97  LEU A C   1 
ATOM   733  O O   . LEU A 1 97 ? -0.615  -8.894  -11.794 1.00 14.70 ? 97  LEU A O   1 
ATOM   734  C CB  . LEU A 1 97 ? -0.226  -7.263  -9.348  1.00 10.10 ? 97  LEU A CB  1 
ATOM   735  C CG  . LEU A 1 97 ? -0.017  -6.141  -8.363  1.00 9.00  ? 97  LEU A CG  1 
ATOM   736  C CD1 . LEU A 1 97 ? 0.328   -6.763  -7.057  1.00 10.30 ? 97  LEU A CD1 1 
ATOM   737  C CD2 . LEU A 1 97 ? 1.095   -5.217  -8.838  1.00 6.20  ? 97  LEU A CD2 1 
ATOM   738  N N   . ASN A 1 98 ? 0.698   -7.281  -12.620 1.00 17.80 ? 98  ASN A N   1 
ATOM   739  C CA  . ASN A 1 98 ? 1.239   -8.161  -13.648 1.00 20.70 ? 98  ASN A CA  1 
ATOM   740  C C   . ASN A 1 98 ? 2.704   -8.422  -13.492 1.00 20.20 ? 98  ASN A C   1 
ATOM   741  O O   . ASN A 1 98 ? 3.436   -7.576  -12.992 1.00 21.90 ? 98  ASN A O   1 
ATOM   742  C CB  . ASN A 1 98 ? 0.976   -7.615  -15.032 1.00 24.40 ? 98  ASN A CB  1 
ATOM   743  C CG  . ASN A 1 98 ? -0.343  -8.090  -15.573 1.00 28.90 ? 98  ASN A CG  1 
ATOM   744  O OD1 . ASN A 1 98 ? -0.392  -9.071  -16.332 1.00 31.40 ? 98  ASN A OD1 1 
ATOM   745  N ND2 . ASN A 1 98 ? -1.438  -7.437  -15.151 1.00 27.80 ? 98  ASN A ND2 1 
ATOM   746  N N   . LEU A 1 99 ? 3.131   -9.569  -13.989 1.00 20.70 ? 99  LEU A N   1 
ATOM   747  C CA  . LEU A 1 99 ? 4.523   -9.985  -13.903 1.00 23.10 ? 99  LEU A CA  1 
ATOM   748  C C   . LEU A 1 99 ? 4.819   -10.893 -15.116 1.00 23.90 ? 99  LEU A C   1 
ATOM   749  O O   . LEU A 1 99 ? 5.413   -10.389 -16.104 1.00 27.10 ? 99  LEU A O   1 
ATOM   750  C CB  . LEU A 1 99 ? 4.760   -10.705 -12.554 1.00 23.70 ? 99  LEU A CB  1 
ATOM   751  C CG  . LEU A 1 99 ? 6.095   -11.347 -12.137 1.00 24.50 ? 99  LEU A CG  1 
ATOM   752  C CD1 . LEU A 1 99 ? 6.148   -12.807 -12.581 1.00 24.60 ? 99  LEU A CD1 1 
ATOM   753  C CD2 . LEU A 1 99 ? 7.286   -10.545 -12.674 1.00 25.10 ? 99  LEU A CD2 1 
ATOM   754  O OXT . LEU A 1 99 ? 4.401   -12.069 -15.103 1.00 23.50 ? 99  LEU A OXT 1 
ATOM   755  N N   . PHE B 1 3  ? -2.242  -11.657 -10.725 1.00 21.10 ? 3   PHE B N   1 
ATOM   756  C CA  . PHE B 1 3  ? -2.807  -11.274 -9.405  1.00 22.00 ? 3   PHE B CA  1 
ATOM   757  C C   . PHE B 1 3  ? -3.990  -10.325 -9.541  1.00 24.20 ? 3   PHE B C   1 
ATOM   758  O O   . PHE B 1 3  ? -3.795  -9.135  -9.828  1.00 25.90 ? 3   PHE B O   1 
ATOM   759  C CB  . PHE B 1 3  ? -1.766  -10.551 -8.567  1.00 21.10 ? 3   PHE B CB  1 
ATOM   760  C CG  . PHE B 1 3  ? -0.872  -11.450 -7.791  1.00 20.80 ? 3   PHE B CG  1 
ATOM   761  C CD1 . PHE B 1 3  ? -1.295  -11.995 -6.589  1.00 19.50 ? 3   PHE B CD1 1 
ATOM   762  C CD2 . PHE B 1 3  ? 0.411   -11.718 -8.236  1.00 21.20 ? 3   PHE B CD2 1 
ATOM   763  C CE1 . PHE B 1 3  ? -0.456  -12.791 -5.839  1.00 20.60 ? 3   PHE B CE1 1 
ATOM   764  C CE2 . PHE B 1 3  ? 1.258   -12.512 -7.491  1.00 22.80 ? 3   PHE B CE2 1 
ATOM   765  C CZ  . PHE B 1 3  ? 0.824   -13.053 -6.285  1.00 21.50 ? 3   PHE B CZ  1 
ATOM   766  N N   . SER B 1 4  ? -5.200  -10.846 -9.336  1.00 23.10 ? 4   SER B N   1 
ATOM   767  C CA  . SER B 1 4  ? -6.426  -10.050 -9.387  1.00 20.50 ? 4   SER B CA  1 
ATOM   768  C C   . SER B 1 4  ? -6.452  -9.394  -7.998  1.00 20.10 ? 4   SER B C   1 
ATOM   769  O O   . SER B 1 4  ? -5.654  -9.784  -7.121  1.00 22.10 ? 4   SER B O   1 
ATOM   770  C CB  . SER B 1 4  ? -7.617  -10.992 -9.551  1.00 20.00 ? 4   SER B CB  1 
ATOM   771  O OG  . SER B 1 4  ? -8.748  -10.313 -10.058 1.00 23.30 ? 4   SER B OG  1 
ATOM   772  N N   . LEU B 1 5  ? -7.317  -8.421  -7.749  1.00 15.80 ? 5   LEU B N   1 
ATOM   773  C CA  . LEU B 1 5  ? -7.276  -7.850  -6.410  1.00 15.10 ? 5   LEU B CA  1 
ATOM   774  C C   . LEU B 1 5  ? -8.467  -8.246  -5.536  1.00 16.70 ? 5   LEU B C   1 
ATOM   775  O O   . LEU B 1 5  ? -8.821  -7.531  -4.583  1.00 18.10 ? 5   LEU B O   1 
ATOM   776  C CB  . LEU B 1 5  ? -7.089  -6.319  -6.434  1.00 11.40 ? 5   LEU B CB  1 
ATOM   777  C CG  . LEU B 1 5  ? -5.774  -5.657  -6.889  1.00 9.30  ? 5   LEU B CG  1 
ATOM   778  C CD1 . LEU B 1 5  ? -4.586  -6.512  -6.530  1.00 9.10  ? 5   LEU B CD1 1 
ATOM   779  C CD2 . LEU B 1 5  ? -5.755  -5.410  -8.364  1.00 8.80  ? 5   LEU B CD2 1 
ATOM   780  N N   . TRP B 1 6  ? -9.092  -9.379  -5.846  1.00 15.80 ? 6   TRP B N   1 
ATOM   781  C CA  . TRP B 1 6  ? -10.240 -9.831  -5.059  1.00 15.60 ? 6   TRP B CA  1 
ATOM   782  C C   . TRP B 1 6  ? -9.770  -10.436 -3.733  1.00 16.10 ? 6   TRP B C   1 
ATOM   783  O O   . TRP B 1 6  ? -10.530 -10.543 -2.775  1.00 17.80 ? 6   TRP B O   1 
ATOM   784  C CB  . TRP B 1 6  ? -11.098 -10.819 -5.868  1.00 13.70 ? 6   TRP B CB  1 
ATOM   785  C CG  . TRP B 1 6  ? -11.897 -10.144 -6.980  1.00 10.80 ? 6   TRP B CG  1 
ATOM   786  C CD1 . TRP B 1 6  ? -11.604 -10.140 -8.311  1.00 9.20  ? 6   TRP B CD1 1 
ATOM   787  C CD2 . TRP B 1 6  ? -13.076 -9.337  -6.827  1.00 8.40  ? 6   TRP B CD2 1 
ATOM   788  N NE1 . TRP B 1 6  ? -12.520 -9.373  -8.992  1.00 7.40  ? 6   TRP B NE1 1 
ATOM   789  C CE2 . TRP B 1 6  ? -13.432 -8.871  -8.106  1.00 7.80  ? 6   TRP B CE2 1 
ATOM   790  C CE3 . TRP B 1 6  ? -13.866 -8.963  -5.732  1.00 9.70  ? 6   TRP B CE3 1 
ATOM   791  C CZ2 . TRP B 1 6  ? -14.548 -8.044  -8.320  1.00 7.60  ? 6   TRP B CZ2 1 
ATOM   792  C CZ3 . TRP B 1 6  ? -14.977 -8.141  -5.944  1.00 6.40  ? 6   TRP B CZ3 1 
ATOM   793  C CH2 . TRP B 1 6  ? -15.304 -7.692  -7.226  1.00 5.80  ? 6   TRP B CH2 1 
ATOM   794  N N   . LYS B 1 7  ? -8.500  -10.803 -3.672  1.00 16.90 ? 7   LYS B N   1 
ATOM   795  C CA  . LYS B 1 7  ? -7.924  -11.378 -2.470  1.00 17.10 ? 7   LYS B CA  1 
ATOM   796  C C   . LYS B 1 7  ? -6.612  -10.652 -2.242  1.00 16.10 ? 7   LYS B C   1 
ATOM   797  O O   . LYS B 1 7  ? -5.970  -10.229 -3.194  1.00 17.60 ? 7   LYS B O   1 
ATOM   798  C CB  . LYS B 1 7  ? -7.668  -12.882 -2.672  1.00 19.80 ? 7   LYS B CB  1 
ATOM   799  C CG  . LYS B 1 7  ? -8.941  -13.694 -2.998  1.00 21.70 ? 7   LYS B CG  1 
ATOM   800  C CD  . LYS B 1 7  ? -8.731  -15.212 -2.944  1.00 22.80 ? 7   LYS B CD  1 
ATOM   801  C CE  . LYS B 1 7  ? -10.067 -15.939 -3.213  1.00 27.20 ? 7   LYS B CE  1 
ATOM   802  N NZ  . LYS B 1 7  ? -10.034 -17.457 -3.061  1.00 29.60 ? 7   LYS B NZ  1 
ATOM   803  N N   . ARG B 1 8  ? -6.202  -10.510 -0.993  1.00 14.80 ? 8   ARG B N   1 
ATOM   804  C CA  . ARG B 1 8  ? -4.956  -9.830  -0.691  1.00 13.20 ? 8   ARG B CA  1 
ATOM   805  C C   . ARG B 1 8  ? -3.771  -10.461 -1.383  1.00 12.20 ? 8   ARG B C   1 
ATOM   806  O O   . ARG B 1 8  ? -3.648  -11.697 -1.445  1.00 12.00 ? 8   ARG B O   1 
ATOM   807  C CB  . ARG B 1 8  ? -4.707  -9.812  0.813   1.00 14.90 ? 8   ARG B CB  1 
ATOM   808  C CG  . ARG B 1 8  ? -5.480  -8.722  1.514   1.00 20.30 ? 8   ARG B CG  1 
ATOM   809  C CD  . ARG B 1 8  ? -5.804  -9.116  2.914   1.00 23.80 ? 8   ARG B CD  1 
ATOM   810  N NE  . ARG B 1 8  ? -4.624  -9.202  3.773   1.00 29.50 ? 8   ARG B NE  1 
ATOM   811  C CZ  . ARG B 1 8  ? -4.253  -8.248  4.635   1.00 32.70 ? 8   ARG B CZ  1 
ATOM   812  N NH1 . ARG B 1 8  ? -4.950  -7.112  4.735   1.00 33.50 ? 8   ARG B NH1 1 
ATOM   813  N NH2 . ARG B 1 8  ? -3.279  -8.487  5.515   1.00 34.70 ? 8   ARG B NH2 1 
ATOM   814  N N   . PRO B 1 9  ? -2.939  -9.631  -2.020  1.00 10.80 ? 9   PRO B N   1 
ATOM   815  C CA  . PRO B 1 9  ? -1.752  -10.136 -2.712  1.00 10.80 ? 9   PRO B CA  1 
ATOM   816  C C   . PRO B 1 9  ? -0.605  -10.531 -1.759  1.00 11.70 ? 9   PRO B C   1 
ATOM   817  O O   . PRO B 1 9  ? 0.458   -9.894  -1.762  1.00 13.30 ? 9   PRO B O   1 
ATOM   818  C CB  . PRO B 1 9  ? -1.383  -8.981  -3.647  1.00 6.60  ? 9   PRO B CB  1 
ATOM   819  C CG  . PRO B 1 9  ? -1.942  -7.796  -2.969  1.00 6.50  ? 9   PRO B CG  1 
ATOM   820  C CD  . PRO B 1 9  ? -3.269  -8.279  -2.495  1.00 8.50  ? 9   PRO B CD  1 
ATOM   821  N N   . VAL B 1 10 ? -0.830  -11.587 -0.964  1.00 14.10 ? 10  VAL B N   1 
ATOM   822  C CA  . VAL B 1 10 ? 0.165   -12.126 0.001   1.00 14.40 ? 10  VAL B CA  1 
ATOM   823  C C   . VAL B 1 10 ? 0.914   -13.331 -0.607  1.00 14.50 ? 10  VAL B C   1 
ATOM   824  O O   . VAL B 1 10 ? 0.269   -14.238 -1.148  1.00 17.00 ? 10  VAL B O   1 
ATOM   825  C CB  . VAL B 1 10 ? -0.517  -12.637 1.318   1.00 13.10 ? 10  VAL B CB  1 
ATOM   826  C CG1 . VAL B 1 10 ? 0.524   -13.195 2.259   1.00 12.60 ? 10  VAL B CG1 1 
ATOM   827  C CG2 . VAL B 1 10 ? -1.292  -11.509 2.004   1.00 11.50 ? 10  VAL B CG2 1 
ATOM   828  N N   . VAL B 1 11 ? 2.246   -13.346 -0.530  1.00 12.00 ? 11  VAL B N   1 
ATOM   829  C CA  . VAL B 1 11 ? 3.031   -14.462 -1.058  1.00 9.20  ? 11  VAL B CA  1 
ATOM   830  C C   . VAL B 1 11 ? 4.058   -14.892 -0.031  1.00 10.00 ? 11  VAL B C   1 
ATOM   831  O O   . VAL B 1 11 ? 4.155   -14.308 1.030   1.00 10.90 ? 11  VAL B O   1 
ATOM   832  C CB  . VAL B 1 11 ? 3.775   -14.128 -2.366  1.00 9.70  ? 11  VAL B CB  1 
ATOM   833  C CG1 . VAL B 1 11 ? 2.784   -13.891 -3.502  1.00 10.70 ? 11  VAL B CG1 1 
ATOM   834  C CG2 . VAL B 1 11 ? 4.734   -12.924 -2.169  1.00 7.40  ? 11  VAL B CG2 1 
ATOM   835  N N   . THR B 1 12 ? 4.839   -15.910 -0.347  1.00 11.30 ? 12  THR B N   1 
ATOM   836  C CA  . THR B 1 12 ? 5.829   -16.391 0.584   1.00 10.80 ? 12  THR B CA  1 
ATOM   837  C C   . THR B 1 12 ? 7.185   -16.123 -0.016  1.00 10.10 ? 12  THR B C   1 
ATOM   838  O O   . THR B 1 12 ? 7.436   -16.448 -1.175  1.00 8.30  ? 12  THR B O   1 
ATOM   839  C CB  . THR B 1 12 ? 5.609   -17.872 0.869   1.00 13.40 ? 12  THR B CB  1 
ATOM   840  O OG1 . THR B 1 12 ? 4.283   -18.050 1.413   1.00 18.00 ? 12  THR B OG1 1 
ATOM   841  C CG2 . THR B 1 12 ? 6.646   -18.387 1.865   1.00 13.20 ? 12  THR B CG2 1 
ATOM   842  N N   . ALA B 1 13 ? 8.029   -15.465 0.762   1.00 10.60 ? 13  ALA B N   1 
ATOM   843  C CA  . ALA B 1 13 ? 9.348   -15.093 0.306   1.00 12.80 ? 13  ALA B CA  1 
ATOM   844  C C   . ALA B 1 13 ? 10.415  -15.700 1.191   1.00 13.30 ? 13  ALA B C   1 
ATOM   845  O O   . ALA B 1 13 ? 10.145  -15.953 2.360   1.00 16.90 ? 13  ALA B O   1 
ATOM   846  C CB  . ALA B 1 13 ? 9.463   -13.599 0.330   1.00 13.30 ? 13  ALA B CB  1 
ATOM   847  N N   . TYR B 1 14 ? 11.609  -15.937 0.639   1.00 13.20 ? 14  TYR B N   1 
ATOM   848  C CA  . TYR B 1 14 ? 12.731  -16.498 1.390   1.00 12.10 ? 14  TYR B CA  1 
ATOM   849  C C   . TYR B 1 14 ? 13.880  -15.496 1.382   1.00 10.70 ? 14  TYR B C   1 
ATOM   850  O O   . TYR B 1 14 ? 14.595  -15.334 0.383   1.00 6.40  ? 14  TYR B O   1 
ATOM   851  C CB  . TYR B 1 14 ? 13.183  -17.846 0.801   1.00 16.30 ? 14  TYR B CB  1 
ATOM   852  C CG  . TYR B 1 14 ? 12.195  -18.972 1.019   1.00 18.10 ? 14  TYR B CG  1 
ATOM   853  C CD1 . TYR B 1 14 ? 11.125  -19.160 0.147   1.00 20.70 ? 14  TYR B CD1 1 
ATOM   854  C CD2 . TYR B 1 14 ? 12.328  -19.849 2.100   1.00 20.20 ? 14  TYR B CD2 1 
ATOM   855  C CE1 . TYR B 1 14 ? 10.212  -20.183 0.331   1.00 22.30 ? 14  TYR B CE1 1 
ATOM   856  C CE2 . TYR B 1 14 ? 11.417  -20.886 2.298   1.00 22.50 ? 14  TYR B CE2 1 
ATOM   857  C CZ  . TYR B 1 14 ? 10.357  -21.048 1.401   1.00 23.80 ? 14  TYR B CZ  1 
ATOM   858  O OH  . TYR B 1 14 ? 9.453   -22.088 1.553   1.00 26.20 ? 14  TYR B OH  1 
ATOM   859  N N   . ILE B 1 15 ? 14.022  -14.812 2.511   1.00 10.60 ? 15  ILE B N   1 
ATOM   860  C CA  . ILE B 1 15 ? 15.035  -13.782 2.729   1.00 10.10 ? 15  ILE B CA  1 
ATOM   861  C C   . ILE B 1 15 ? 16.213  -14.429 3.437   1.00 12.20 ? 15  ILE B C   1 
ATOM   862  O O   . ILE B 1 15 ? 16.076  -14.862 4.584   1.00 13.10 ? 15  ILE B O   1 
ATOM   863  C CB  . ILE B 1 15 ? 14.451  -12.688 3.628   1.00 8.20  ? 15  ILE B CB  1 
ATOM   864  C CG1 . ILE B 1 15 ? 13.138  -12.185 3.026   1.00 5.10  ? 15  ILE B CG1 1 
ATOM   865  C CG2 . ILE B 1 15 ? 15.451  -11.557 3.827   1.00 4.90  ? 15  ILE B CG2 1 
ATOM   866  C CD1 . ILE B 1 15 ? 12.399  -11.264 3.944   1.00 5.30  ? 15  ILE B CD1 1 
ATOM   867  N N   . GLU B 1 16 ? 17.363  -14.481 2.764   1.00 12.80 ? 16  GLU B N   1 
ATOM   868  C CA  . GLU B 1 16 ? 18.572  -15.124 3.304   1.00 12.80 ? 16  GLU B CA  1 
ATOM   869  C C   . GLU B 1 16 ? 18.233  -16.530 3.807   1.00 12.40 ? 16  GLU B C   1 
ATOM   870  O O   . GLU B 1 16 ? 18.840  -17.019 4.758   1.00 12.80 ? 16  GLU B O   1 
ATOM   871  C CB  . GLU B 1 16 ? 19.215  -14.329 4.458   1.00 14.70 ? 16  GLU B CB  1 
ATOM   872  C CG  . GLU B 1 16 ? 19.695  -12.924 4.146   1.00 18.90 ? 16  GLU B CG  1 
ATOM   873  C CD  . GLU B 1 16 ? 20.731  -12.861 3.033   1.00 22.00 ? 16  GLU B CD  1 
ATOM   874  O OE1 . GLU B 1 16 ? 20.342  -13.032 1.862   1.00 24.60 ? 16  GLU B OE1 1 
ATOM   875  O OE2 . GLU B 1 16 ? 21.924  -12.603 3.317   1.00 23.60 ? 16  GLU B OE2 1 
ATOM   876  N N   . GLY B 1 17 ? 17.251  -17.177 3.192   1.00 12.40 ? 17  GLY B N   1 
ATOM   877  C CA  . GLY B 1 17 ? 16.876  -18.509 3.629   1.00 13.10 ? 17  GLY B CA  1 
ATOM   878  C C   . GLY B 1 17 ? 15.726  -18.609 4.615   1.00 13.40 ? 17  GLY B C   1 
ATOM   879  O O   . GLY B 1 17 ? 15.183  -19.691 4.810   1.00 13.70 ? 17  GLY B O   1 
ATOM   880  N N   . GLN B 1 18 ? 15.341  -17.505 5.249   1.00 15.40 ? 18  GLN B N   1 
ATOM   881  C CA  . GLN B 1 18 ? 14.232  -17.537 6.206   1.00 16.90 ? 18  GLN B CA  1 
ATOM   882  C C   . GLN B 1 18 ? 12.903  -17.316 5.472   1.00 16.70 ? 18  GLN B C   1 
ATOM   883  O O   . GLN B 1 18 ? 12.842  -16.510 4.553   1.00 17.10 ? 18  GLN B O   1 
ATOM   884  C CB  . GLN B 1 18 ? 14.472  -16.500 7.304   1.00 19.50 ? 18  GLN B CB  1 
ATOM   885  C CG  . GLN B 1 18 ? 15.713  -16.816 8.156   1.00 22.30 ? 18  GLN B CG  1 
ATOM   886  C CD  . GLN B 1 18 ? 16.316  -15.588 8.845   1.00 24.00 ? 18  GLN B CD  1 
ATOM   887  O OE1 . GLN B 1 18 ? 15.881  -15.184 9.930   1.00 26.00 ? 18  GLN B OE1 1 
ATOM   888  N NE2 . GLN B 1 18 ? 17.319  -14.995 8.216   1.00 23.10 ? 18  GLN B NE2 1 
ATOM   889  N N   . PRO B 1 19 ? 11.860  -18.104 5.803   1.00 17.30 ? 19  PRO B N   1 
ATOM   890  C CA  . PRO B 1 19 ? 10.519  -18.027 5.189   1.00 16.50 ? 19  PRO B CA  1 
ATOM   891  C C   . PRO B 1 19 ? 9.588   -17.006 5.845   1.00 15.90 ? 19  PRO B C   1 
ATOM   892  O O   . PRO B 1 19 ? 9.464   -16.981 7.073   1.00 17.30 ? 19  PRO B O   1 
ATOM   893  C CB  . PRO B 1 19 ? 9.961   -19.449 5.382   1.00 16.90 ? 19  PRO B CB  1 
ATOM   894  C CG  . PRO B 1 19 ? 11.162  -20.281 5.825   1.00 17.50 ? 19  PRO B CG  1 
ATOM   895  C CD  . PRO B 1 19 ? 11.950  -19.305 6.645   1.00 17.40 ? 19  PRO B CD  1 
ATOM   896  N N   . VAL B 1 20 ? 8.911   -16.193 5.039   1.00 13.70 ? 20  VAL B N   1 
ATOM   897  C CA  . VAL B 1 20 ? 7.999   -15.184 5.570   1.00 12.90 ? 20  VAL B CA  1 
ATOM   898  C C   . VAL B 1 20 ? 6.861   -14.937 4.579   1.00 13.00 ? 20  VAL B C   1 
ATOM   899  O O   . VAL B 1 20 ? 6.986   -15.256 3.396   1.00 11.60 ? 20  VAL B O   1 
ATOM   900  C CB  . VAL B 1 20 ? 8.712   -13.812 5.817   1.00 11.50 ? 20  VAL B CB  1 
ATOM   901  C CG1 . VAL B 1 20 ? 8.278   -13.227 7.151   1.00 13.00 ? 20  VAL B CG1 1 
ATOM   902  C CG2 . VAL B 1 20 ? 10.216  -13.937 5.767   1.00 9.90  ? 20  VAL B CG2 1 
ATOM   903  N N   . GLU B 1 21 ? 5.739   -14.420 5.080   1.00 13.50 ? 21  GLU B N   1 
ATOM   904  C CA  . GLU B 1 21 ? 4.592   -14.083 4.249   1.00 14.50 ? 21  GLU B CA  1 
ATOM   905  C C   . GLU B 1 21 ? 4.528   -12.577 4.166   1.00 13.00 ? 21  GLU B C   1 
ATOM   906  O O   . GLU B 1 21 ? 4.290   -11.902 5.175   1.00 12.90 ? 21  GLU B O   1 
ATOM   907  C CB  . GLU B 1 21 ? 3.290   -14.577 4.863   1.00 17.90 ? 21  GLU B CB  1 
ATOM   908  C CG  . GLU B 1 21 ? 3.124   -16.083 4.834   1.00 25.10 ? 21  GLU B CG  1 
ATOM   909  C CD  . GLU B 1 21 ? 1.693   -16.477 5.095   1.00 29.60 ? 21  GLU B CD  1 
ATOM   910  O OE1 . GLU B 1 21 ? 1.148   -16.062 6.147   1.00 33.50 ? 21  GLU B OE1 1 
ATOM   911  O OE2 . GLU B 1 21 ? 1.101   -17.168 4.235   1.00 32.50 ? 21  GLU B OE2 1 
ATOM   912  N N   . VAL B 1 22 ? 4.755   -12.046 2.971   1.00 11.60 ? 22  VAL B N   1 
ATOM   913  C CA  . VAL B 1 22 ? 4.738   -10.610 2.777   1.00 9.50  ? 22  VAL B CA  1 
ATOM   914  C C   . VAL B 1 22 ? 3.550   -10.124 1.959   1.00 9.00  ? 22  VAL B C   1 
ATOM   915  O O   . VAL B 1 22 ? 2.826   -10.910 1.339   1.00 9.20  ? 22  VAL B O   1 
ATOM   916  C CB  . VAL B 1 22 ? 6.050   -10.120 2.139   1.00 7.30  ? 22  VAL B CB  1 
ATOM   917  C CG1 . VAL B 1 22 ? 7.246   -10.657 2.913   1.00 5.50  ? 22  VAL B CG1 1 
ATOM   918  C CG2 . VAL B 1 22 ? 6.108   -10.514 0.669   1.00 10.70 ? 22  VAL B CG2 1 
ATOM   919  N N   . LEU B 1 23 ? 3.359   -8.817  1.954   1.00 7.70  ? 23  LEU B N   1 
ATOM   920  C CA  . LEU B 1 23 ? 2.270   -8.217  1.228   1.00 8.70  ? 23  LEU B CA  1 
ATOM   921  C C   . LEU B 1 23 ? 2.850   -7.404  0.092   1.00 7.70  ? 23  LEU B C   1 
ATOM   922  O O   . LEU B 1 23 ? 3.845   -6.704  0.280   1.00 8.90  ? 23  LEU B O   1 
ATOM   923  C CB  . LEU B 1 23 ? 1.499   -7.295  2.171   1.00 10.00 ? 23  LEU B CB  1 
ATOM   924  C CG  . LEU B 1 23 ? 0.247   -6.568  1.695   1.00 11.10 ? 23  LEU B CG  1 
ATOM   925  C CD1 . LEU B 1 23 ? -0.848  -7.584  1.318   1.00 10.20 ? 23  LEU B CD1 1 
ATOM   926  C CD2 . LEU B 1 23 ? -0.232  -5.620  2.819   1.00 11.80 ? 23  LEU B CD2 1 
ATOM   927  N N   . LEU B 1 24 ? 2.285   -7.552  -1.099  1.00 8.00  ? 24  LEU B N   1 
ATOM   928  C CA  . LEU B 1 24 ? 2.729   -6.786  -2.266  1.00 6.80  ? 24  LEU B CA  1 
ATOM   929  C C   . LEU B 1 24 ? 2.005   -5.442  -2.202  1.00 5.00  ? 24  LEU B C   1 
ATOM   930  O O   . LEU B 1 24 ? 0.832   -5.334  -2.551  1.00 2.80  ? 24  LEU B O   1 
ATOM   931  C CB  . LEU B 1 24 ? 2.387   -7.547  -3.546  1.00 6.10  ? 24  LEU B CB  1 
ATOM   932  C CG  . LEU B 1 24 ? 3.408   -8.585  -4.008  1.00 2.80  ? 24  LEU B CG  1 
ATOM   933  C CD1 . LEU B 1 24 ? 4.276   -9.095  -2.883  1.00 2.20  ? 24  LEU B CD1 1 
ATOM   934  C CD2 . LEU B 1 24 ? 2.672   -9.679  -4.686  1.00 3.20  ? 24  LEU B CD2 1 
ATOM   935  N N   . ASP B 1 25 ? 2.722   -4.432  -1.711  1.00 6.10  ? 25  ASP B N   1 
ATOM   936  C CA  . ASP B 1 25 ? 2.193   -3.075  -1.500  1.00 4.70  ? 25  ASP B CA  1 
ATOM   937  C C   . ASP B 1 25 ? 2.726   -2.016  -2.482  1.00 5.10  ? 25  ASP B C   1 
ATOM   938  O O   . ASP B 1 25 ? 3.852   -1.564  -2.326  1.00 6.60  ? 25  ASP B O   1 
ATOM   939  C CB  . ASP B 1 25 ? 2.514   -2.665  -0.055  1.00 2.20  ? 25  ASP B CB  1 
ATOM   940  C CG  . ASP B 1 25 ? 1.682   -1.493  0.437   1.00 7.20  ? 25  ASP B CG  1 
ATOM   941  O OD1 . ASP B 1 25 ? 1.420   -0.525  -0.322  1.00 7.80  ? 25  ASP B OD1 1 
ATOM   942  O OD2 . ASP B 1 25 ? 1.295   -1.517  1.626   1.00 8.40  ? 25  ASP B OD2 1 
ATOM   943  N N   . THR B 1 26 ? 1.896   -1.597  -3.446  1.00 5.20  ? 26  THR B N   1 
ATOM   944  C CA  . THR B 1 26 ? 2.248   -0.560  -4.446  1.00 5.40  ? 26  THR B CA  1 
ATOM   945  C C   . THR B 1 26 ? 2.394   0.886   -3.906  1.00 6.00  ? 26  THR B C   1 
ATOM   946  O O   . THR B 1 26 ? 2.983   1.734   -4.561  1.00 7.60  ? 26  THR B O   1 
ATOM   947  C CB  . THR B 1 26 ? 1.251   -0.531  -5.702  1.00 5.00  ? 26  THR B CB  1 
ATOM   948  O OG1 . THR B 1 26 ? -0.127  -0.444  -5.288  1.00 3.20  ? 26  THR B OG1 1 
ATOM   949  C CG2 . THR B 1 26 ? 1.422   -1.758  -6.545  1.00 2.60  ? 26  THR B CG2 1 
ATOM   950  N N   . GLY B 1 27 ? 1.872   1.165   -2.713  1.00 6.80  ? 27  GLY B N   1 
ATOM   951  C CA  . GLY B 1 27 ? 1.979   2.505   -2.160  1.00 6.00  ? 27  GLY B CA  1 
ATOM   952  C C   . GLY B 1 27 ? 3.078   2.678   -1.124  1.00 6.00  ? 27  GLY B C   1 
ATOM   953  O O   . GLY B 1 27 ? 3.104   3.687   -0.415  1.00 5.10  ? 27  GLY B O   1 
ATOM   954  N N   . ALA B 1 28 ? 3.993   1.711   -1.045  1.00 6.80  ? 28  ALA B N   1 
ATOM   955  C CA  . ALA B 1 28 ? 5.092   1.738   -0.080  1.00 3.90  ? 28  ALA B CA  1 
ATOM   956  C C   . ALA B 1 28 ? 6.401   1.899   -0.843  1.00 4.70  ? 28  ALA B C   1 
ATOM   957  O O   . ALA B 1 28 ? 6.666   1.187   -1.817  1.00 2.60  ? 28  ALA B O   1 
ATOM   958  C CB  . ALA B 1 28 ? 5.104   0.461   0.728   1.00 3.80  ? 28  ALA B CB  1 
ATOM   959  N N   . ASP B 1 29 ? 7.211   2.861   -0.413  1.00 5.70  ? 29  ASP B N   1 
ATOM   960  C CA  . ASP B 1 29 ? 8.487   3.148   -1.074  1.00 6.00  ? 29  ASP B CA  1 
ATOM   961  C C   . ASP B 1 29 ? 9.598   2.200   -0.667  1.00 7.30  ? 29  ASP B C   1 
ATOM   962  O O   . ASP B 1 29 ? 10.602  2.095   -1.378  1.00 9.70  ? 29  ASP B O   1 
ATOM   963  C CB  . ASP B 1 29 ? 8.970   4.587   -0.766  1.00 6.20  ? 29  ASP B CB  1 
ATOM   964  C CG  . ASP B 1 29 ? 8.019   5.671   -1.257  1.00 7.30  ? 29  ASP B CG  1 
ATOM   965  O OD1 . ASP B 1 29 ? 6.948   5.353   -1.798  1.00 12.20 ? 29  ASP B OD1 1 
ATOM   966  O OD2 . ASP B 1 29 ? 8.335   6.866   -1.106  1.00 7.40  ? 29  ASP B OD2 1 
ATOM   967  N N   . ASP B 1 30 ? 9.468   1.575   0.503   1.00 8.20  ? 30  ASP B N   1 
ATOM   968  C CA  . ASP B 1 30 ? 10.519  0.681   1.002   1.00 10.70 ? 30  ASP B CA  1 
ATOM   969  C C   . ASP B 1 30 ? 9.921   -0.665  1.479   1.00 10.70 ? 30  ASP B C   1 
ATOM   970  O O   . ASP B 1 30 ? 8.761   -0.962  1.188   1.00 10.70 ? 30  ASP B O   1 
ATOM   971  C CB  . ASP B 1 30 ? 11.304  1.375   2.146   1.00 14.10 ? 30  ASP B CB  1 
ATOM   972  C CG  . ASP B 1 30 ? 11.707  2.846   1.817   1.00 17.40 ? 30  ASP B CG  1 
ATOM   973  O OD1 . ASP B 1 30 ? 12.524  3.042   0.888   1.00 18.20 ? 30  ASP B OD1 1 
ATOM   974  O OD2 . ASP B 1 30 ? 11.214  3.811   2.470   1.00 18.90 ? 30  ASP B OD2 1 
ATOM   975  N N   . SER B 1 31 ? 10.709  -1.490  2.165   1.00 9.30  ? 31  SER B N   1 
ATOM   976  C CA  . SER B 1 31 ? 10.206  -2.774  2.650   1.00 10.20 ? 31  SER B CA  1 
ATOM   977  C C   . SER B 1 31 ? 10.523  -3.069  4.126   1.00 9.80  ? 31  SER B C   1 
ATOM   978  O O   . SER B 1 31 ? 11.682  -3.060  4.531   1.00 10.90 ? 31  SER B O   1 
ATOM   979  C CB  . SER B 1 31 ? 10.744  -3.895  1.772   1.00 10.00 ? 31  SER B CB  1 
ATOM   980  O OG  . SER B 1 31 ? 10.348  -3.678  0.437   1.00 11.10 ? 31  SER B OG  1 
ATOM   981  N N   . ILE B 1 32 ? 9.493   -3.292  4.938   1.00 10.20 ? 32  ILE B N   1 
ATOM   982  C CA  . ILE B 1 32 ? 9.710   -3.606  6.353   1.00 8.10  ? 32  ILE B CA  1 
ATOM   983  C C   . ILE B 1 32 ? 9.140   -4.972  6.686   1.00 6.60  ? 32  ILE B C   1 
ATOM   984  O O   . ILE B 1 32 ? 8.021   -5.298  6.291   1.00 4.90  ? 32  ILE B O   1 
ATOM   985  C CB  . ILE B 1 32 ? 9.087   -2.581  7.325   1.00 5.40  ? 32  ILE B CB  1 
ATOM   986  C CG1 . ILE B 1 32 ? 9.417   -1.151  6.898   1.00 6.40  ? 32  ILE B CG1 1 
ATOM   987  C CG2 . ILE B 1 32 ? 9.618   -2.825  8.720   1.00 2.30  ? 32  ILE B CG2 1 
ATOM   988  C CD1 . ILE B 1 32 ? 8.368   -0.527  6.030   1.00 7.40  ? 32  ILE B CD1 1 
ATOM   989  N N   . VAL B 1 33 ? 9.931   -5.781  7.386   1.00 5.80  ? 33  VAL B N   1 
ATOM   990  C CA  . VAL B 1 33 ? 9.503   -7.114  7.776   1.00 4.70  ? 33  VAL B CA  1 
ATOM   991  C C   . VAL B 1 33 ? 9.931   -7.327  9.217   1.00 5.10  ? 33  VAL B C   1 
ATOM   992  O O   . VAL B 1 33 ? 10.807  -6.623  9.698   1.00 9.00  ? 33  VAL B O   1 
ATOM   993  C CB  . VAL B 1 33 ? 10.107  -8.172  6.842   1.00 3.80  ? 33  VAL B CB  1 
ATOM   994  C CG1 . VAL B 1 33 ? 9.694   -7.881  5.379   1.00 2.00  ? 33  VAL B CG1 1 
ATOM   995  C CG2 . VAL B 1 33 ? 11.611  -8.193  6.985   1.00 4.20  ? 33  VAL B CG2 1 
ATOM   996  N N   . ALA B 1 34 ? 9.258   -8.213  9.945   1.00 5.90  ? 34  ALA B N   1 
ATOM   997  C CA  . ALA B 1 34 ? 9.588   -8.464  11.345  1.00 5.70  ? 34  ALA B CA  1 
ATOM   998  C C   . ALA B 1 34 ? 9.893   -9.930  11.543  1.00 8.90  ? 34  ALA B C   1 
ATOM   999  O O   . ALA B 1 34 ? 9.346   -10.770 10.835  1.00 10.80 ? 34  ALA B O   1 
ATOM   1000 C CB  . ALA B 1 34 ? 8.437   -8.091  12.200  1.00 3.70  ? 34  ALA B CB  1 
ATOM   1001 N N   . GLY B 1 35 ? 10.812  -10.249 12.449  1.00 10.20 ? 35  GLY B N   1 
ATOM   1002 C CA  . GLY B 1 35 ? 11.113  -11.644 12.719  1.00 13.00 ? 35  GLY B CA  1 
ATOM   1003 C C   . GLY B 1 35 ? 12.480  -12.095 12.284  1.00 13.90 ? 35  GLY B C   1 
ATOM   1004 O O   . GLY B 1 35 ? 13.159  -12.818 13.001  1.00 18.10 ? 35  GLY B O   1 
ATOM   1005 N N   . ILE B 1 36 ? 12.878  -11.643 11.107  1.00 14.40 ? 36  ILE B N   1 
ATOM   1006 C CA  . ILE B 1 36 ? 14.163  -11.971 10.516  1.00 14.10 ? 36  ILE B CA  1 
ATOM   1007 C C   . ILE B 1 36 ? 15.329  -11.363 11.319  1.00 14.30 ? 36  ILE B C   1 
ATOM   1008 O O   . ILE B 1 36 ? 15.201  -10.309 11.935  1.00 12.40 ? 36  ILE B O   1 
ATOM   1009 C CB  . ILE B 1 36 ? 14.231  -11.446 9.030   1.00 13.40 ? 36  ILE B CB  1 
ATOM   1010 C CG1 . ILE B 1 36 ? 12.906  -11.667 8.296   1.00 13.30 ? 36  ILE B CG1 1 
ATOM   1011 C CG2 . ILE B 1 36 ? 15.254  -12.216 8.250   1.00 16.20 ? 36  ILE B CG2 1 
ATOM   1012 C CD1 . ILE B 1 36 ? 12.466  -13.114 8.229   1.00 12.10 ? 36  ILE B CD1 1 
ATOM   1013 N N   . GLU B 1 37 ? 16.457  -12.064 11.304  1.00 16.70 ? 37  GLU B N   1 
ATOM   1014 C CA  . GLU B 1 37 ? 17.705  -11.667 11.966  1.00 17.20 ? 37  GLU B CA  1 
ATOM   1015 C C   . GLU B 1 37 ? 18.703  -11.611 10.811  1.00 16.90 ? 37  GLU B C   1 
ATOM   1016 O O   . GLU B 1 37 ? 19.010  -12.648 10.215  1.00 13.80 ? 37  GLU B O   1 
ATOM   1017 C CB  . GLU B 1 37 ? 18.155  -12.738 12.964  1.00 18.00 ? 37  GLU B CB  1 
ATOM   1018 C CG  . GLU B 1 37 ? 19.635  -12.662 13.378  1.00 18.30 ? 37  GLU B CG  1 
ATOM   1019 C CD  . GLU B 1 37 ? 19.992  -11.467 14.270  1.00 20.10 ? 37  GLU B CD  1 
ATOM   1020 O OE1 . GLU B 1 37 ? 19.076  -10.815 14.853  1.00 21.00 ? 37  GLU B OE1 1 
ATOM   1021 O OE2 . GLU B 1 37 ? 21.210  -11.202 14.398  1.00 20.30 ? 37  GLU B OE2 1 
ATOM   1022 N N   . LEU B 1 38 ? 19.212  -10.414 10.516  1.00 16.60 ? 38  LEU B N   1 
ATOM   1023 C CA  . LEU B 1 38 ? 20.114  -10.215 9.390   1.00 15.60 ? 38  LEU B CA  1 
ATOM   1024 C C   . LEU B 1 38 ? 21.576  -9.877  9.682   1.00 16.40 ? 38  LEU B C   1 
ATOM   1025 O O   . LEU B 1 38 ? 22.391  -9.815  8.754   1.00 17.30 ? 38  LEU B O   1 
ATOM   1026 C CB  . LEU B 1 38 ? 19.504  -9.172  8.434   1.00 14.20 ? 38  LEU B CB  1 
ATOM   1027 C CG  . LEU B 1 38 ? 18.147  -9.522  7.784   1.00 13.10 ? 38  LEU B CG  1 
ATOM   1028 C CD1 . LEU B 1 38 ? 17.645  -8.379  6.936   1.00 9.70  ? 38  LEU B CD1 1 
ATOM   1029 C CD2 . LEU B 1 38 ? 18.292  -10.781 6.916   1.00 13.40 ? 38  LEU B CD2 1 
ATOM   1030 N N   . GLY B 1 39 ? 21.922  -9.608  10.936  1.00 16.20 ? 39  GLY B N   1 
ATOM   1031 C CA  . GLY B 1 39 ? 23.313  -9.308  11.223  1.00 14.60 ? 39  GLY B CA  1 
ATOM   1032 C C   . GLY B 1 39 ? 23.612  -7.989  11.910  1.00 15.60 ? 39  GLY B C   1 
ATOM   1033 O O   . GLY B 1 39 ? 22.686  -7.280  12.355  1.00 14.00 ? 39  GLY B O   1 
ATOM   1034 N N   . ASN B 1 40 ? 24.900  -7.627  11.914  1.00 14.90 ? 40  ASN B N   1 
ATOM   1035 C CA  . ASN B 1 40 ? 25.388  -6.413  12.578  1.00 16.20 ? 40  ASN B CA  1 
ATOM   1036 C C   . ASN B 1 40 ? 25.884  -5.296  11.683  1.00 16.90 ? 40  ASN B C   1 
ATOM   1037 O O   . ASN B 1 40 ? 26.733  -4.485  12.086  1.00 17.10 ? 40  ASN B O   1 
ATOM   1038 C CB  . ASN B 1 40 ? 26.494  -6.757  13.570  1.00 16.70 ? 40  ASN B CB  1 
ATOM   1039 C CG  . ASN B 1 40 ? 25.992  -7.553  14.733  1.00 17.60 ? 40  ASN B CG  1 
ATOM   1040 O OD1 . ASN B 1 40 ? 24.820  -7.436  15.128  1.00 18.10 ? 40  ASN B OD1 1 
ATOM   1041 N ND2 . ASN B 1 40 ? 26.864  -8.380  15.295  1.00 17.50 ? 40  ASN B ND2 1 
ATOM   1042 N N   . ASN B 1 41 ? 25.341  -5.238  10.477  1.00 18.80 ? 41  ASN B N   1 
ATOM   1043 C CA  . ASN B 1 41 ? 25.725  -4.208  9.520   1.00 20.40 ? 41  ASN B CA  1 
ATOM   1044 C C   . ASN B 1 41 ? 24.465  -3.477  9.065   1.00 18.80 ? 41  ASN B C   1 
ATOM   1045 O O   . ASN B 1 41 ? 23.923  -3.732  7.982   1.00 19.30 ? 41  ASN B O   1 
ATOM   1046 C CB  . ASN B 1 41 ? 26.441  -4.856  8.345   1.00 25.60 ? 41  ASN B CB  1 
ATOM   1047 C CG  . ASN B 1 41 ? 27.712  -4.165  8.012   1.00 28.70 ? 41  ASN B CG  1 
ATOM   1048 O OD1 . ASN B 1 41 ? 28.020  -3.116  8.584   1.00 32.50 ? 41  ASN B OD1 1 
ATOM   1049 N ND2 . ASN B 1 41 ? 28.472  -4.732  7.082   1.00 32.50 ? 41  ASN B ND2 1 
ATOM   1050 N N   . TYR B 1 42 ? 23.989  -2.590  9.926   1.00 15.70 ? 42  TYR B N   1 
ATOM   1051 C CA  . TYR B 1 42 ? 22.772  -1.844  9.675   1.00 12.90 ? 42  TYR B CA  1 
ATOM   1052 C C   . TYR B 1 42 ? 22.997  -0.374  9.950   1.00 12.30 ? 42  TYR B C   1 
ATOM   1053 O O   . TYR B 1 42 ? 23.989  0.029   10.556  1.00 12.40 ? 42  TYR B O   1 
ATOM   1054 C CB  . TYR B 1 42 ? 21.665  -2.364  10.605  1.00 11.50 ? 42  TYR B CB  1 
ATOM   1055 C CG  . TYR B 1 42 ? 22.062  -2.418  12.085  1.00 10.00 ? 42  TYR B CG  1 
ATOM   1056 C CD1 . TYR B 1 42 ? 22.120  -1.253  12.867  1.00 9.50  ? 42  TYR B CD1 1 
ATOM   1057 C CD2 . TYR B 1 42 ? 22.397  -3.638  12.706  1.00 7.30  ? 42  TYR B CD2 1 
ATOM   1058 C CE1 . TYR B 1 42 ? 22.501  -1.301  14.216  1.00 6.10  ? 42  TYR B CE1 1 
ATOM   1059 C CE2 . TYR B 1 42 ? 22.776  -3.697  14.048  1.00 2.00  ? 42  TYR B CE2 1 
ATOM   1060 C CZ  . TYR B 1 42 ? 22.821  -2.528  14.794  1.00 4.70  ? 42  TYR B CZ  1 
ATOM   1061 O OH  . TYR B 1 42 ? 23.155  -2.569  16.134  1.00 5.30  ? 42  TYR B OH  1 
ATOM   1062 N N   . SER B 1 43 ? 22.094  0.445   9.453   1.00 11.20 ? 43  SER B N   1 
ATOM   1063 C CA  . SER B 1 43 ? 22.167  1.859   9.717   1.00 10.20 ? 43  SER B CA  1 
ATOM   1064 C C   . SER B 1 43 ? 20.714  2.177   10.039  1.00 9.80  ? 43  SER B C   1 
ATOM   1065 O O   . SER B 1 43 ? 19.797  1.692   9.364   1.00 8.80  ? 43  SER B O   1 
ATOM   1066 C CB  . SER B 1 43 ? 22.744  2.659   8.522   1.00 11.40 ? 43  SER B CB  1 
ATOM   1067 O OG  . SER B 1 43 ? 21.907  2.721   7.372   1.00 12.80 ? 43  SER B OG  1 
ATOM   1068 N N   . PRO B 1 44 ? 20.483  2.838   11.182  1.00 9.70  ? 44  PRO B N   1 
ATOM   1069 C CA  . PRO B 1 44 ? 19.172  3.233   11.682  1.00 7.70  ? 44  PRO B CA  1 
ATOM   1070 C C   . PRO B 1 44 ? 18.403  4.119   10.722  1.00 6.90  ? 44  PRO B C   1 
ATOM   1071 O O   . PRO B 1 44 ? 18.993  4.896   9.989   1.00 9.00  ? 44  PRO B O   1 
ATOM   1072 C CB  . PRO B 1 44 ? 19.520  4.006   12.948  1.00 8.50  ? 44  PRO B CB  1 
ATOM   1073 C CG  . PRO B 1 44 ? 20.767  3.383   13.394  1.00 9.20  ? 44  PRO B CG  1 
ATOM   1074 C CD  . PRO B 1 44 ? 21.531  3.278   12.115  1.00 9.00  ? 44  PRO B CD  1 
ATOM   1075 N N   . LYS B 1 45 ? 17.085  3.983   10.731  1.00 6.00  ? 45  LYS B N   1 
ATOM   1076 C CA  . LYS B 1 45 ? 16.223  4.800   9.902   1.00 6.60  ? 45  LYS B CA  1 
ATOM   1077 C C   . LYS B 1 45 ? 14.970  5.058   10.713  1.00 5.10  ? 45  LYS B C   1 
ATOM   1078 O O   . LYS B 1 45 ? 14.777  4.457   11.765  1.00 5.80  ? 45  LYS B O   1 
ATOM   1079 C CB  . LYS B 1 45 ? 15.824  4.093   8.597   1.00 9.60  ? 45  LYS B CB  1 
ATOM   1080 C CG  . LYS B 1 45 ? 16.934  3.803   7.629   1.00 9.70  ? 45  LYS B CG  1 
ATOM   1081 C CD  . LYS B 1 45 ? 17.435  5.037   6.929   1.00 11.40 ? 45  LYS B CD  1 
ATOM   1082 C CE  . LYS B 1 45 ? 18.652  4.678   6.093   1.00 15.80 ? 45  LYS B CE  1 
ATOM   1083 N NZ  . LYS B 1 45 ? 19.100  5.769   5.181   1.00 17.80 ? 45  LYS B NZ  1 
ATOM   1084 N N   . ILE B 1 46 ? 14.174  6.007   10.247  1.00 5.20  ? 46  ILE B N   1 
ATOM   1085 C CA  . ILE B 1 46 ? 12.904  6.366   10.853  1.00 9.50  ? 46  ILE B CA  1 
ATOM   1086 C C   . ILE B 1 46 ? 11.941  6.416   9.662   1.00 9.50  ? 46  ILE B C   1 
ATOM   1087 O O   . ILE B 1 46 ? 12.152  7.187   8.710   1.00 9.50  ? 46  ILE B O   1 
ATOM   1088 C CB  . ILE B 1 46 ? 12.967  7.768   11.553  1.00 10.70 ? 46  ILE B CB  1 
ATOM   1089 C CG1 . ILE B 1 46 ? 13.960  7.729   12.719  1.00 15.30 ? 46  ILE B CG1 1 
ATOM   1090 C CG2 . ILE B 1 46 ? 11.606  8.171   12.112  1.00 10.90 ? 46  ILE B CG2 1 
ATOM   1091 C CD1 . ILE B 1 46 ? 14.254  9.107   13.341  1.00 14.90 ? 46  ILE B CD1 1 
ATOM   1092 N N   . VAL B 1 47 ? 10.927  5.557   9.665   1.00 9.40  ? 47  VAL B N   1 
ATOM   1093 C CA  . VAL B 1 47 ? 9.977   5.553   8.558   1.00 8.70  ? 47  VAL B CA  1 
ATOM   1094 C C   . VAL B 1 47 ? 8.639   6.011   9.114   1.00 5.70  ? 47  VAL B C   1 
ATOM   1095 O O   . VAL B 1 47 ? 8.386   5.827   10.289  1.00 6.70  ? 47  VAL B O   1 
ATOM   1096 C CB  . VAL B 1 47 ? 9.901   4.143   7.882   1.00 9.50  ? 47  VAL B CB  1 
ATOM   1097 C CG1 . VAL B 1 47 ? 9.189   3.145   8.765   1.00 14.10 ? 47  VAL B CG1 1 
ATOM   1098 C CG2 . VAL B 1 47 ? 9.215   4.231   6.551   1.00 11.80 ? 47  VAL B CG2 1 
ATOM   1099 N N   . GLY B 1 48 ? 7.813   6.675   8.308   1.00 7.40  ? 48  GLY B N   1 
ATOM   1100 C CA  . GLY B 1 48 ? 6.523   7.144   8.800   1.00 6.30  ? 48  GLY B CA  1 
ATOM   1101 C C   . GLY B 1 48 ? 5.359   6.900   7.855   1.00 5.20  ? 48  GLY B C   1 
ATOM   1102 O O   . GLY B 1 48 ? 5.489   7.065   6.660   1.00 6.70  ? 48  GLY B O   1 
ATOM   1103 N N   . GLY B 1 49 ? 4.224   6.471   8.376   1.00 4.90  ? 49  GLY B N   1 
ATOM   1104 C CA  . GLY B 1 49 ? 3.081   6.230   7.520   1.00 4.70  ? 49  GLY B CA  1 
ATOM   1105 C C   . GLY B 1 49 ? 1.842   6.688   8.241   1.00 4.20  ? 49  GLY B C   1 
ATOM   1106 O O   . GLY B 1 49 ? 1.921   7.582   9.070   1.00 6.00  ? 49  GLY B O   1 
ATOM   1107 N N   . ILE B 1 50 ? 0.712   6.047   7.979   1.00 4.50  ? 50  ILE B N   1 
ATOM   1108 C CA  . ILE B 1 50 ? -0.519  6.435   8.647   1.00 2.00  ? 50  ILE B CA  1 
ATOM   1109 C C   . ILE B 1 50 ? -0.514  6.020   10.098  1.00 2.10  ? 50  ILE B C   1 
ATOM   1110 O O   . ILE B 1 50 ? -0.194  4.879   10.430  1.00 3.00  ? 50  ILE B O   1 
ATOM   1111 C CB  . ILE B 1 50 ? -1.733  5.867   7.925   1.00 3.60  ? 50  ILE B CB  1 
ATOM   1112 C CG1 . ILE B 1 50 ? -1.949  6.644   6.626   1.00 2.20  ? 50  ILE B CG1 1 
ATOM   1113 C CG2 . ILE B 1 50 ? -2.978  5.946   8.814   1.00 3.40  ? 50  ILE B CG2 1 
ATOM   1114 C CD1 . ILE B 1 50 ? -2.655  5.854   5.563   1.00 5.70  ? 50  ILE B CD1 1 
ATOM   1115 N N   . GLY B 1 51 ? -0.804  6.976   10.967  1.00 2.20  ? 51  GLY B N   1 
ATOM   1116 C CA  . GLY B 1 51 ? -0.827  6.716   12.394  1.00 2.20  ? 51  GLY B CA  1 
ATOM   1117 C C   . GLY B 1 51 ? 0.420   7.151   13.147  1.00 2.60  ? 51  GLY B C   1 
ATOM   1118 O O   . GLY B 1 51 ? 0.386   7.299   14.373  1.00 2.20  ? 51  GLY B O   1 
ATOM   1119 N N   . GLY B 1 52 ? 1.516   7.362   12.419  1.00 3.50  ? 52  GLY B N   1 
ATOM   1120 C CA  . GLY B 1 52 ? 2.769   7.745   13.054  1.00 2.90  ? 52  GLY B CA  1 
ATOM   1121 C C   . GLY B 1 52 ? 4.051   7.235   12.412  1.00 3.40  ? 52  GLY B C   1 
ATOM   1122 O O   . GLY B 1 52 ? 4.106   7.032   11.198  1.00 2.20  ? 52  GLY B O   1 
ATOM   1123 N N   . PHE B 1 53 ? 5.061   6.982   13.246  1.00 4.60  ? 53  PHE B N   1 
ATOM   1124 C CA  . PHE B 1 53 ? 6.395   6.530   12.802  1.00 7.60  ? 53  PHE B CA  1 
ATOM   1125 C C   . PHE B 1 53 ? 6.820   5.182   13.365  1.00 9.10  ? 53  PHE B C   1 
ATOM   1126 O O   . PHE B 1 53 ? 6.305   4.741   14.392  1.00 10.80 ? 53  PHE B O   1 
ATOM   1127 C CB  . PHE B 1 53 ? 7.484   7.541   13.211  1.00 7.30  ? 53  PHE B CB  1 
ATOM   1128 C CG  . PHE B 1 53 ? 7.457   8.809   12.436  1.00 6.40  ? 53  PHE B CG  1 
ATOM   1129 C CD1 . PHE B 1 53 ? 8.152   8.916   11.235  1.00 4.90  ? 53  PHE B CD1 1 
ATOM   1130 C CD2 . PHE B 1 53 ? 6.788   9.916   12.934  1.00 5.60  ? 53  PHE B CD2 1 
ATOM   1131 C CE1 . PHE B 1 53 ? 8.190   10.112  10.560  1.00 5.10  ? 53  PHE B CE1 1 
ATOM   1132 C CE2 . PHE B 1 53 ? 6.818   11.116  12.268  1.00 6.50  ? 53  PHE B CE2 1 
ATOM   1133 C CZ  . PHE B 1 53 ? 7.511   11.233  11.088  1.00 7.30  ? 53  PHE B CZ  1 
ATOM   1134 N N   . ILE B 1 54 ? 7.814   4.576   12.716  1.00 9.50  ? 54  ILE B N   1 
ATOM   1135 C CA  . ILE B 1 54 ? 8.368   3.289   13.122  1.00 11.50 ? 54  ILE B CA  1 
ATOM   1136 C C   . ILE B 1 54 ? 9.883   3.328   12.926  1.00 11.50 ? 54  ILE B C   1 
ATOM   1137 O O   . ILE B 1 54 ? 10.370  3.669   11.838  1.00 9.80  ? 54  ILE B O   1 
ATOM   1138 C CB  . ILE B 1 54 ? 7.875   2.115   12.242  1.00 14.70 ? 54  ILE B CB  1 
ATOM   1139 C CG1 . ILE B 1 54 ? 6.358   2.044   12.173  1.00 14.80 ? 54  ILE B CG1 1 
ATOM   1140 C CG2 . ILE B 1 54 ? 8.365   0.793   12.818  1.00 16.20 ? 54  ILE B CG2 1 
ATOM   1141 C CD1 . ILE B 1 54 ? 5.898   1.085   11.075  1.00 16.20 ? 54  ILE B CD1 1 
ATOM   1142 N N   . ASN B 1 55 ? 10.627  2.970   13.968  1.00 11.90 ? 55  ASN B N   1 
ATOM   1143 C CA  . ASN B 1 55 ? 12.080  2.936   13.876  1.00 13.30 ? 55  ASN B CA  1 
ATOM   1144 C C   . ASN B 1 55 ? 12.515  1.580   13.271  1.00 13.10 ? 55  ASN B C   1 
ATOM   1145 O O   . ASN B 1 55 ? 12.066  0.517   13.725  1.00 14.40 ? 55  ASN B O   1 
ATOM   1146 C CB  . ASN B 1 55 ? 12.698  3.184   15.260  1.00 14.40 ? 55  ASN B CB  1 
ATOM   1147 C CG  . ASN B 1 55 ? 12.580  4.644   15.708  1.00 16.00 ? 55  ASN B CG  1 
ATOM   1148 O OD1 . ASN B 1 55 ? 12.095  4.936   16.795  1.00 21.30 ? 55  ASN B OD1 1 
ATOM   1149 N ND2 . ASN B 1 55 ? 13.065  5.561   14.884  1.00 18.90 ? 55  ASN B ND2 1 
ATOM   1150 N N   . THR B 1 56 ? 13.360  1.618   12.245  1.00 10.10 ? 56  THR B N   1 
ATOM   1151 C CA  . THR B 1 56 ? 13.816  0.398   11.574  1.00 9.70  ? 56  THR B CA  1 
ATOM   1152 C C   . THR B 1 56 ? 15.343  0.312   11.445  1.00 9.90  ? 56  THR B C   1 
ATOM   1153 O O   . THR B 1 56 ? 16.053  1.307   11.663  1.00 10.90 ? 56  THR B O   1 
ATOM   1154 C CB  . THR B 1 56 ? 13.262  0.333   10.139  1.00 9.60  ? 56  THR B CB  1 
ATOM   1155 O OG1 . THR B 1 56 ? 13.839  1.390   9.377   1.00 8.70  ? 56  THR B OG1 1 
ATOM   1156 C CG2 . THR B 1 56 ? 11.760  0.521   10.116  1.00 9.60  ? 56  THR B CG2 1 
ATOM   1157 N N   . LEU B 1 57 ? 15.855  -0.869  11.123  1.00 7.00  ? 57  LEU B N   1 
ATOM   1158 C CA  . LEU B 1 57 ? 17.292  -1.036  10.920  1.00 7.00  ? 57  LEU B CA  1 
ATOM   1159 C C   . LEU B 1 57 ? 17.437  -1.457  9.447   1.00 6.70  ? 57  LEU B C   1 
ATOM   1160 O O   . LEU B 1 57 ? 16.802  -2.442  9.034   1.00 6.50  ? 57  LEU B O   1 
ATOM   1161 C CB  . LEU B 1 57 ? 17.865  -2.097  11.871  1.00 6.60  ? 57  LEU B CB  1 
ATOM   1162 C CG  . LEU B 1 57 ? 17.766  -1.882  13.391  1.00 6.20  ? 57  LEU B CG  1 
ATOM   1163 C CD1 . LEU B 1 57 ? 18.477  -3.006  14.148  1.00 2.00  ? 57  LEU B CD1 1 
ATOM   1164 C CD2 . LEU B 1 57 ? 18.368  -0.544  13.776  1.00 8.80  ? 57  LEU B CD2 1 
ATOM   1165 N N   . GLU B 1 58 ? 18.237  -0.701  8.673   1.00 6.50  ? 58  GLU B N   1 
ATOM   1166 C CA  . GLU B 1 58 ? 18.429  -0.912  7.218   1.00 5.50  ? 58  GLU B CA  1 
ATOM   1167 C C   . GLU B 1 58 ? 19.625  -1.757  6.776   1.00 6.10  ? 58  GLU B C   1 
ATOM   1168 O O   . GLU B 1 58 ? 20.758  -1.527  7.202   1.00 6.90  ? 58  GLU B O   1 
ATOM   1169 C CB  . GLU B 1 58 ? 18.476  0.446   6.482   1.00 6.60  ? 58  GLU B CB  1 
ATOM   1170 C CG  . GLU B 1 58 ? 18.489  0.344   4.955   1.00 6.10  ? 58  GLU B CG  1 
ATOM   1171 C CD  . GLU B 1 58 ? 18.741  1.669   4.252   1.00 6.20  ? 58  GLU B CD  1 
ATOM   1172 O OE1 . GLU B 1 58 ? 19.917  2.048   4.083   1.00 6.30  ? 58  GLU B OE1 1 
ATOM   1173 O OE2 . GLU B 1 58 ? 17.768  2.310   3.816   1.00 6.00  ? 58  GLU B OE2 1 
ATOM   1174 N N   . TYR B 1 59 ? 19.365  -2.710  5.885   1.00 6.60  ? 59  TYR B N   1 
ATOM   1175 C CA  . TYR B 1 59 ? 20.397  -3.606  5.361   1.00 5.90  ? 59  TYR B CA  1 
ATOM   1176 C C   . TYR B 1 59 ? 20.375  -3.535  3.839   1.00 6.90  ? 59  TYR B C   1 
ATOM   1177 O O   . TYR B 1 59 ? 19.300  -3.474  3.244   1.00 6.90  ? 59  TYR B O   1 
ATOM   1178 C CB  . TYR B 1 59 ? 20.101  -5.053  5.756   1.00 5.40  ? 59  TYR B CB  1 
ATOM   1179 C CG  . TYR B 1 59 ? 20.084  -5.340  7.233   1.00 3.80  ? 59  TYR B CG  1 
ATOM   1180 C CD1 . TYR B 1 59 ? 21.250  -5.704  7.905   1.00 4.70  ? 59  TYR B CD1 1 
ATOM   1181 C CD2 . TYR B 1 59 ? 18.883  -5.312  7.958   1.00 2.40  ? 59  TYR B CD2 1 
ATOM   1182 C CE1 . TYR B 1 59 ? 21.215  -6.031  9.245   1.00 6.30  ? 59  TYR B CE1 1 
ATOM   1183 C CE2 . TYR B 1 59 ? 18.849  -5.643  9.307   1.00 2.10  ? 59  TYR B CE2 1 
ATOM   1184 C CZ  . TYR B 1 59 ? 20.007  -6.000  9.934   1.00 3.30  ? 59  TYR B CZ  1 
ATOM   1185 O OH  . TYR B 1 59 ? 19.983  -6.337  11.256  1.00 6.10  ? 59  TYR B OH  1 
ATOM   1186 N N   . LYS B 1 60 ? 21.538  -3.558  3.198   1.00 8.40  ? 60  LYS B N   1 
ATOM   1187 C CA  . LYS B 1 60 ? 21.590  -3.520  1.729   1.00 11.30 ? 60  LYS B CA  1 
ATOM   1188 C C   . LYS B 1 60 ? 22.082  -4.835  1.127   1.00 13.50 ? 60  LYS B C   1 
ATOM   1189 O O   . LYS B 1 60 ? 22.785  -5.591  1.792   1.00 15.20 ? 60  LYS B O   1 
ATOM   1190 C CB  . LYS B 1 60 ? 22.485  -2.380  1.242   1.00 10.30 ? 60  LYS B CB  1 
ATOM   1191 C CG  . LYS B 1 60 ? 21.999  -1.029  1.708   1.00 10.10 ? 60  LYS B CG  1 
ATOM   1192 C CD  . LYS B 1 60 ? 23.009  0.047   1.483   1.00 9.20  ? 60  LYS B CD  1 
ATOM   1193 C CE  . LYS B 1 60 ? 23.018  0.469   0.049   1.00 9.10  ? 60  LYS B CE  1 
ATOM   1194 N NZ  . LYS B 1 60 ? 23.622  1.830   -0.014  1.00 11.80 ? 60  LYS B NZ  1 
ATOM   1195 N N   . ASN B 1 61 ? 21.648  -5.131  -0.100  1.00 13.60 ? 61  ASN B N   1 
ATOM   1196 C CA  . ASN B 1 61 ? 22.051  -6.334  -0.826  1.00 13.60 ? 61  ASN B CA  1 
ATOM   1197 C C   . ASN B 1 61 ? 21.696  -7.617  -0.102  1.00 14.00 ? 61  ASN B C   1 
ATOM   1198 O O   . ASN B 1 61 ? 22.569  -8.384  0.274   1.00 17.20 ? 61  ASN B O   1 
ATOM   1199 C CB  . ASN B 1 61 ? 23.558  -6.303  -1.107  1.00 15.60 ? 61  ASN B CB  1 
ATOM   1200 C CG  . ASN B 1 61 ? 23.942  -7.036  -2.395  1.00 17.90 ? 61  ASN B CG  1 
ATOM   1201 O OD1 . ASN B 1 61 ? 25.122  -7.279  -2.647  1.00 19.50 ? 61  ASN B OD1 1 
ATOM   1202 N ND2 . ASN B 1 61 ? 22.960  -7.321  -3.246  1.00 15.20 ? 61  ASN B ND2 1 
ATOM   1203 N N   . VAL B 1 62 ? 20.411  -7.862  0.079   1.00 14.10 ? 62  VAL B N   1 
ATOM   1204 C CA  . VAL B 1 62 ? 19.946  -9.062  0.767   1.00 14.30 ? 62  VAL B CA  1 
ATOM   1205 C C   . VAL B 1 62 ? 19.325  -10.002 -0.264  1.00 13.70 ? 62  VAL B C   1 
ATOM   1206 O O   . VAL B 1 62 ? 18.528  -9.579  -1.099  1.00 13.60 ? 62  VAL B O   1 
ATOM   1207 C CB  . VAL B 1 62 ? 18.884  -8.688  1.824   1.00 15.60 ? 62  VAL B CB  1 
ATOM   1208 C CG1 . VAL B 1 62 ? 18.376  -9.923  2.526   1.00 14.70 ? 62  VAL B CG1 1 
ATOM   1209 C CG2 . VAL B 1 62 ? 19.464  -7.705  2.822   1.00 13.70 ? 62  VAL B CG2 1 
ATOM   1210 N N   . GLU B 1 63 ? 19.669  -11.276 -0.201  1.00 12.80 ? 63  GLU B N   1 
ATOM   1211 C CA  . GLU B 1 63 ? 19.147  -12.236 -1.156  1.00 14.60 ? 63  GLU B CA  1 
ATOM   1212 C C   . GLU B 1 63 ? 17.701  -12.542 -0.862  1.00 15.20 ? 63  GLU B C   1 
ATOM   1213 O O   . GLU B 1 63 ? 17.360  -12.943 0.258   1.00 15.60 ? 63  GLU B O   1 
ATOM   1214 C CB  . GLU B 1 63 ? 19.969  -13.522 -1.122  1.00 17.40 ? 63  GLU B CB  1 
ATOM   1215 C CG  . GLU B 1 63 ? 19.554  -14.565 -2.136  1.00 22.40 ? 63  GLU B CG  1 
ATOM   1216 C CD  . GLU B 1 63 ? 20.107  -15.929 -1.795  1.00 25.50 ? 63  GLU B CD  1 
ATOM   1217 O OE1 . GLU B 1 63 ? 21.326  -16.137 -1.973  1.00 28.30 ? 63  GLU B OE1 1 
ATOM   1218 O OE2 . GLU B 1 63 ? 19.325  -16.804 -1.369  1.00 28.90 ? 63  GLU B OE2 1 
ATOM   1219 N N   . ILE B 1 64 ? 16.856  -12.382 -1.879  1.00 13.40 ? 64  ILE B N   1 
ATOM   1220 C CA  . ILE B 1 64 ? 15.433  -12.630 -1.744  1.00 13.80 ? 64  ILE B CA  1 
ATOM   1221 C C   . ILE B 1 64 ? 14.919  -13.528 -2.863  1.00 15.30 ? 64  ILE B C   1 
ATOM   1222 O O   . ILE B 1 64 ? 15.115  -13.235 -4.043  1.00 15.70 ? 64  ILE B O   1 
ATOM   1223 C CB  . ILE B 1 64 ? 14.653  -11.322 -1.817  1.00 13.00 ? 64  ILE B CB  1 
ATOM   1224 C CG1 . ILE B 1 64 ? 14.997  -10.437 -0.627  1.00 12.80 ? 64  ILE B CG1 1 
ATOM   1225 C CG2 . ILE B 1 64 ? 13.166  -11.600 -1.864  1.00 14.70 ? 64  ILE B CG2 1 
ATOM   1226 C CD1 . ILE B 1 64 ? 15.235  -8.998  -1.044  1.00 14.20 ? 64  ILE B CD1 1 
ATOM   1227 N N   . GLU B 1 65 ? 14.244  -14.609 -2.491  1.00 15.80 ? 65  GLU B N   1 
ATOM   1228 C CA  . GLU B 1 65 ? 13.675  -15.514 -3.468  1.00 16.90 ? 65  GLU B CA  1 
ATOM   1229 C C   . GLU B 1 65 ? 12.193  -15.452 -3.204  1.00 15.80 ? 65  GLU B C   1 
ATOM   1230 O O   . GLU B 1 65 ? 11.749  -15.679 -2.081  1.00 14.50 ? 65  GLU B O   1 
ATOM   1231 C CB  . GLU B 1 65 ? 14.224  -16.926 -3.271  1.00 22.00 ? 65  GLU B CB  1 
ATOM   1232 C CG  . GLU B 1 65 ? 15.450  -17.217 -4.141  1.00 32.30 ? 65  GLU B CG  1 
ATOM   1233 C CD  . GLU B 1 65 ? 16.033  -18.622 -3.960  1.00 38.30 ? 65  GLU B CD  1 
ATOM   1234 O OE1 . GLU B 1 65 ? 15.567  -19.583 -4.644  1.00 43.00 ? 65  GLU B OE1 1 
ATOM   1235 O OE2 . GLU B 1 65 ? 16.996  -18.745 -3.152  1.00 40.20 ? 65  GLU B OE2 1 
ATOM   1236 N N   . VAL B 1 66 ? 11.445  -15.015 -4.207  1.00 16.50 ? 66  VAL B N   1 
ATOM   1237 C CA  . VAL B 1 66 ? 9.989   -14.879 -4.133  1.00 15.80 ? 66  VAL B CA  1 
ATOM   1238 C C   . VAL B 1 66 ? 9.478   -14.925 -5.575  1.00 15.50 ? 66  VAL B C   1 
ATOM   1239 O O   . VAL B 1 66 ? 10.206  -14.568 -6.506  1.00 16.50 ? 66  VAL B O   1 
ATOM   1240 C CB  . VAL B 1 66 ? 9.588   -13.521 -3.463  1.00 16.00 ? 66  VAL B CB  1 
ATOM   1241 C CG1 . VAL B 1 66 ? 10.195  -12.329 -4.239  1.00 13.60 ? 66  VAL B CG1 1 
ATOM   1242 C CG2 . VAL B 1 66 ? 8.065   -13.400 -3.344  1.00 15.10 ? 66  VAL B CG2 1 
ATOM   1243 N N   . LEU B 1 67 ? 8.256   -15.410 -5.764  1.00 16.30 ? 67  LEU B N   1 
ATOM   1244 C CA  . LEU B 1 67 ? 7.641   -15.530 -7.102  1.00 16.70 ? 67  LEU B CA  1 
ATOM   1245 C C   . LEU B 1 67 ? 8.545   -16.210 -8.134  1.00 16.00 ? 67  LEU B C   1 
ATOM   1246 O O   . LEU B 1 67 ? 8.552   -15.875 -9.317  1.00 16.50 ? 67  LEU B O   1 
ATOM   1247 C CB  . LEU B 1 67 ? 7.117   -14.171 -7.620  1.00 15.50 ? 67  LEU B CB  1 
ATOM   1248 C CG  . LEU B 1 67 ? 5.750   -13.712 -7.079  1.00 15.10 ? 67  LEU B CG  1 
ATOM   1249 C CD1 . LEU B 1 67 ? 5.426   -12.296 -7.541  1.00 11.60 ? 67  LEU B CD1 1 
ATOM   1250 C CD2 . LEU B 1 67 ? 4.668   -14.688 -7.539  1.00 14.50 ? 67  LEU B CD2 1 
ATOM   1251 N N   . ASN B 1 68 ? 9.277   -17.208 -7.667  1.00 16.60 ? 68  ASN B N   1 
ATOM   1252 C CA  . ASN B 1 68 ? 10.193  -17.947 -8.513  1.00 18.30 ? 68  ASN B CA  1 
ATOM   1253 C C   . ASN B 1 68 ? 11.297  -17.095 -9.141  1.00 17.90 ? 68  ASN B C   1 
ATOM   1254 O O   . ASN B 1 68 ? 11.678  -17.333 -10.280 1.00 20.00 ? 68  ASN B O   1 
ATOM   1255 C CB  . ASN B 1 68 ? 9.424   -18.732 -9.588  1.00 18.90 ? 68  ASN B CB  1 
ATOM   1256 C CG  . ASN B 1 68 ? 8.604   -19.868 -9.001  1.00 21.00 ? 68  ASN B CG  1 
ATOM   1257 O OD1 . ASN B 1 68 ? 8.873   -20.329 -7.892  1.00 21.90 ? 68  ASN B OD1 1 
ATOM   1258 N ND2 . ASN B 1 68 ? 7.584   -20.310 -9.730  1.00 24.10 ? 68  ASN B ND2 1 
ATOM   1259 N N   . LYS B 1 69 ? 11.815  -16.118 -8.398  1.00 17.10 ? 69  LYS B N   1 
ATOM   1260 C CA  . LYS B 1 69 ? 12.903  -15.263 -8.884  1.00 16.50 ? 69  LYS B CA  1 
ATOM   1261 C C   . LYS B 1 69 ? 13.826  -15.001 -7.735  1.00 16.90 ? 69  LYS B C   1 
ATOM   1262 O O   . LYS B 1 69 ? 13.417  -15.048 -6.573  1.00 18.00 ? 69  LYS B O   1 
ATOM   1263 C CB  . LYS B 1 69 ? 12.389  -13.923 -9.402  1.00 18.30 ? 69  LYS B CB  1 
ATOM   1264 C CG  . LYS B 1 69 ? 12.156  -13.864 -10.913 1.00 20.40 ? 69  LYS B CG  1 
ATOM   1265 C CD  . LYS B 1 69 ? 11.320  -12.642 -11.274 1.00 22.60 ? 69  LYS B CD  1 
ATOM   1266 C CE  . LYS B 1 69 ? 11.258  -12.367 -12.783 1.00 26.50 ? 69  LYS B CE  1 
ATOM   1267 N NZ  . LYS B 1 69 ? 10.492  -13.363 -13.618 1.00 27.50 ? 69  LYS B NZ  1 
ATOM   1268 N N   . LYS B 1 70 ? 15.077  -14.709 -8.048  1.00 17.70 ? 70  LYS B N   1 
ATOM   1269 C CA  . LYS B 1 70 ? 16.064  -14.437 -7.011  1.00 17.20 ? 70  LYS B CA  1 
ATOM   1270 C C   . LYS B 1 70 ? 16.657  -13.071 -7.302  1.00 16.30 ? 70  LYS B C   1 
ATOM   1271 O O   . LYS B 1 70 ? 17.213  -12.847 -8.380  1.00 17.90 ? 70  LYS B O   1 
ATOM   1272 C CB  . LYS B 1 70 ? 17.141  -15.514 -7.042  1.00 18.20 ? 70  LYS B CB  1 
ATOM   1273 C CG  . LYS B 1 70 ? 18.074  -15.591 -5.853  1.00 20.20 ? 70  LYS B CG  1 
ATOM   1274 C CD  . LYS B 1 70 ? 18.779  -16.943 -5.951  1.00 24.00 ? 70  LYS B CD  1 
ATOM   1275 C CE  . LYS B 1 70 ? 19.948  -17.123 -4.987  1.00 25.90 ? 70  LYS B CE  1 
ATOM   1276 N NZ  . LYS B 1 70 ? 20.753  -18.373 -5.318  1.00 26.70 ? 70  LYS B NZ  1 
ATOM   1277 N N   . VAL B 1 71 ? 16.425  -12.131 -6.397  1.00 13.70 ? 71  VAL B N   1 
ATOM   1278 C CA  . VAL B 1 71 ? 16.945  -10.789 -6.556  1.00 10.40 ? 71  VAL B CA  1 
ATOM   1279 C C   . VAL B 1 71 ? 17.815  -10.395 -5.369  1.00 10.90 ? 71  VAL B C   1 
ATOM   1280 O O   . VAL B 1 71 ? 18.042  -11.192 -4.446  1.00 12.40 ? 71  VAL B O   1 
ATOM   1281 C CB  . VAL B 1 71 ? 15.822  -9.742  -6.746  1.00 9.30  ? 71  VAL B CB  1 
ATOM   1282 C CG1 . VAL B 1 71 ? 15.183  -9.903  -8.108  1.00 8.80  ? 71  VAL B CG1 1 
ATOM   1283 C CG2 . VAL B 1 71 ? 14.778  -9.873  -5.671  1.00 7.20  ? 71  VAL B CG2 1 
ATOM   1284 N N   . ARG B 1 72 ? 18.372  -9.190  -5.457  1.00 9.60  ? 72  ARG B N   1 
ATOM   1285 C CA  . ARG B 1 72 ? 19.202  -8.608  -4.417  1.00 6.70  ? 72  ARG B CA  1 
ATOM   1286 C C   . ARG B 1 72 ? 18.625  -7.198  -4.221  1.00 5.80  ? 72  ARG B C   1 
ATOM   1287 O O   . ARG B 1 72 ? 18.477  -6.426  -5.189  1.00 6.70  ? 72  ARG B O   1 
ATOM   1288 C CB  . ARG B 1 72 ? 20.642  -8.561  -4.886  1.00 6.00  ? 72  ARG B CB  1 
ATOM   1289 C CG  . ARG B 1 72 ? 21.275  -9.911  -4.925  1.00 6.20  ? 72  ARG B CG  1 
ATOM   1290 C CD  . ARG B 1 72 ? 21.995  -10.152 -3.649  1.00 11.00 ? 72  ARG B CD  1 
ATOM   1291 N NE  . ARG B 1 72 ? 22.836  -11.339 -3.737  1.00 16.10 ? 72  ARG B NE  1 
ATOM   1292 C CZ  . ARG B 1 72 ? 23.647  -11.760 -2.766  1.00 18.30 ? 72  ARG B CZ  1 
ATOM   1293 N NH1 . ARG B 1 72 ? 23.746  -11.087 -1.612  1.00 17.00 ? 72  ARG B NH1 1 
ATOM   1294 N NH2 . ARG B 1 72 ? 24.336  -12.889 -2.937  1.00 20.00 ? 72  ARG B NH2 1 
ATOM   1295 N N   . ALA B 1 73 ? 18.187  -6.916  -2.998  1.00 4.30  ? 73  ALA B N   1 
ATOM   1296 C CA  . ALA B 1 73 ? 17.585  -5.635  -2.687  1.00 5.30  ? 73  ALA B CA  1 
ATOM   1297 C C   . ALA B 1 73 ? 17.818  -5.238  -1.249  1.00 5.40  ? 73  ALA B C   1 
ATOM   1298 O O   . ALA B 1 73 ? 18.440  -5.977  -0.474  1.00 5.80  ? 73  ALA B O   1 
ATOM   1299 C CB  . ALA B 1 73 ? 16.082  -5.641  -3.009  1.00 4.00  ? 73  ALA B CB  1 
ATOM   1300 N N   . THR B 1 74 ? 17.370  -4.027  -0.938  1.00 6.70  ? 74  THR B N   1 
ATOM   1301 C CA  . THR B 1 74 ? 17.502  -3.438  0.380   1.00 7.60  ? 74  THR B CA  1 
ATOM   1302 C C   . THR B 1 74 ? 16.283  -3.785  1.209   1.00 9.00  ? 74  THR B C   1 
ATOM   1303 O O   . THR B 1 74 ? 15.148  -3.707  0.731   1.00 8.90  ? 74  THR B O   1 
ATOM   1304 C CB  . THR B 1 74 ? 17.645  -1.933  0.250   1.00 4.90  ? 74  THR B CB  1 
ATOM   1305 O OG1 . THR B 1 74 ? 18.812  -1.659  -0.528  1.00 8.40  ? 74  THR B OG1 1 
ATOM   1306 C CG2 . THR B 1 74 ? 17.766  -1.265  1.603   1.00 6.70  ? 74  THR B CG2 1 
ATOM   1307 N N   . ILE B 1 75 ? 16.521  -4.123  2.469   1.00 10.10 ? 75  ILE B N   1 
ATOM   1308 C CA  . ILE B 1 75 ? 15.456  -4.513  3.362   1.00 11.00 ? 75  ILE B CA  1 
ATOM   1309 C C   . ILE B 1 75 ? 15.577  -3.887  4.742   1.00 11.50 ? 75  ILE B C   1 
ATOM   1310 O O   . ILE B 1 75 ? 16.688  -3.629  5.216   1.00 10.70 ? 75  ILE B O   1 
ATOM   1311 C CB  . ILE B 1 75 ? 15.390  -6.055  3.408   1.00 12.60 ? 75  ILE B CB  1 
ATOM   1312 C CG1 . ILE B 1 75 ? 14.254  -6.535  2.509   1.00 15.20 ? 75  ILE B CG1 1 
ATOM   1313 C CG2 . ILE B 1 75 ? 15.242  -6.589  4.810   1.00 13.70 ? 75  ILE B CG2 1 
ATOM   1314 C CD1 . ILE B 1 75 ? 14.376  -7.967  2.120   1.00 15.10 ? 75  ILE B CD1 1 
ATOM   1315 N N   . MET B 1 76 ? 14.420  -3.576  5.337   1.00 10.30 ? 76  MET B N   1 
ATOM   1316 C CA  . MET B 1 76 ? 14.320  -2.990  6.674   1.00 8.80  ? 76  MET B CA  1 
ATOM   1317 C C   . MET B 1 76 ? 13.612  -3.927  7.645   1.00 10.10 ? 76  MET B C   1 
ATOM   1318 O O   . MET B 1 76 ? 12.555  -4.472  7.320   1.00 11.30 ? 76  MET B O   1 
ATOM   1319 C CB  . MET B 1 76 ? 13.545  -1.673  6.636   1.00 6.80  ? 76  MET B CB  1 
ATOM   1320 C CG  . MET B 1 76 ? 14.306  -0.507  6.068   1.00 6.60  ? 76  MET B CG  1 
ATOM   1321 S SD  . MET B 1 76 ? 13.253  0.894   5.880   1.00 7.90  ? 76  MET B SD  1 
ATOM   1322 C CE  . MET B 1 76 ? 13.994  1.632   4.443   1.00 8.70  ? 76  MET B CE  1 
ATOM   1323 N N   . THR B 1 77 ? 14.205  -4.157  8.811   1.00 10.90 ? 77  THR B N   1 
ATOM   1324 C CA  . THR B 1 77 ? 13.554  -4.989  9.817   1.00 10.70 ? 77  THR B CA  1 
ATOM   1325 C C   . THR B 1 77 ? 13.069  -4.057  10.939  1.00 11.80 ? 77  THR B C   1 
ATOM   1326 O O   . THR B 1 77 ? 13.746  -3.079  11.271  1.00 14.20 ? 77  THR B O   1 
ATOM   1327 C CB  . THR B 1 77 ? 14.466  -6.131  10.378  1.00 9.80  ? 77  THR B CB  1 
ATOM   1328 O OG1 . THR B 1 77 ? 15.693  -5.600  10.871  1.00 11.70 ? 77  THR B OG1 1 
ATOM   1329 C CG2 . THR B 1 77 ? 14.793  -7.136  9.300   1.00 9.20  ? 77  THR B CG2 1 
ATOM   1330 N N   . GLY B 1 78 ? 11.856  -4.280  11.434  1.00 10.20 ? 78  GLY B N   1 
ATOM   1331 C CA  . GLY B 1 78 ? 11.352  -3.448  12.506  1.00 8.80  ? 78  GLY B CA  1 
ATOM   1332 C C   . GLY B 1 78 ? 10.067  -4.023  13.041  1.00 9.10  ? 78  GLY B C   1 
ATOM   1333 O O   . GLY B 1 78 ? 9.637   -5.067  12.576  1.00 12.20 ? 78  GLY B O   1 
ATOM   1334 N N   . ASP B 1 79 ? 9.473   -3.373  14.029  1.00 9.10  ? 79  ASP B N   1 
ATOM   1335 C CA  . ASP B 1 79 ? 8.220   -3.823  14.601  1.00 9.50  ? 79  ASP B CA  1 
ATOM   1336 C C   . ASP B 1 79 ? 7.079   -3.242  13.769  1.00 9.20  ? 79  ASP B C   1 
ATOM   1337 O O   . ASP B 1 79 ? 6.571   -2.159  14.076  1.00 8.90  ? 79  ASP B O   1 
ATOM   1338 C CB  . ASP B 1 79 ? 8.106   -3.345  16.063  1.00 12.40 ? 79  ASP B CB  1 
ATOM   1339 C CG  . ASP B 1 79 ? 6.804   -3.796  16.768  1.00 13.60 ? 79  ASP B CG  1 
ATOM   1340 O OD1 . ASP B 1 79 ? 6.206   -4.823  16.366  1.00 17.40 ? 79  ASP B OD1 1 
ATOM   1341 O OD2 . ASP B 1 79 ? 6.398   -3.124  17.750  1.00 9.90  ? 79  ASP B OD2 1 
ATOM   1342 N N   . THR B 1 80 ? 6.748   -3.914  12.666  1.00 7.60  ? 80  THR B N   1 
ATOM   1343 C CA  . THR B 1 80 ? 5.649   -3.487  11.809  1.00 4.50  ? 80  THR B CA  1 
ATOM   1344 C C   . THR B 1 80 ? 4.534   -4.484  12.050  1.00 4.70  ? 80  THR B C   1 
ATOM   1345 O O   . THR B 1 80 ? 4.788   -5.655  12.309  1.00 4.70  ? 80  THR B O   1 
ATOM   1346 C CB  . THR B 1 80 ? 6.050   -3.484  10.305  1.00 3.80  ? 80  THR B CB  1 
ATOM   1347 O OG1 . THR B 1 80 ? 4.969   -2.991  9.514   1.00 3.70  ? 80  THR B OG1 1 
ATOM   1348 C CG2 . THR B 1 80 ? 6.390   -4.837  9.828   1.00 2.10  ? 80  THR B CG2 1 
ATOM   1349 N N   . PRO B 1 81 ? 3.284   -4.025  12.050  1.00 5.90  ? 81  PRO B N   1 
ATOM   1350 C CA  . PRO B 1 81 ? 2.144   -4.927  12.270  1.00 8.20  ? 81  PRO B CA  1 
ATOM   1351 C C   . PRO B 1 81 ? 1.771   -5.757  11.052  1.00 8.00  ? 81  PRO B C   1 
ATOM   1352 O O   . PRO B 1 81 ? 0.796   -6.495  11.106  1.00 8.70  ? 81  PRO B O   1 
ATOM   1353 C CB  . PRO B 1 81 ? 1.001   -3.967  12.621  1.00 9.10  ? 81  PRO B CB  1 
ATOM   1354 C CG  . PRO B 1 81 ? 1.322   -2.752  11.813  1.00 10.00 ? 81  PRO B CG  1 
ATOM   1355 C CD  . PRO B 1 81 ? 2.844   -2.621  12.022  1.00 8.50  ? 81  PRO B CD  1 
ATOM   1356 N N   . ILE B 1 82 ? 2.518   -5.620  9.957   1.00 9.40  ? 82  ILE B N   1 
ATOM   1357 C CA  . ILE B 1 82 ? 2.231   -6.356  8.731   1.00 8.90  ? 82  ILE B CA  1 
ATOM   1358 C C   . ILE B 1 82 ? 3.457   -6.314  7.825   1.00 8.80  ? 82  ILE B C   1 
ATOM   1359 O O   . ILE B 1 82 ? 4.073   -5.255  7.690   1.00 9.60  ? 82  ILE B O   1 
ATOM   1360 C CB  . ILE B 1 82 ? 1.001   -5.743  8.038   1.00 9.70  ? 82  ILE B CB  1 
ATOM   1361 C CG1 . ILE B 1 82 ? 0.450   -6.705  6.995   1.00 10.80 ? 82  ILE B CG1 1 
ATOM   1362 C CG2 . ILE B 1 82 ? 1.324   -4.366  7.448   1.00 9.30  ? 82  ILE B CG2 1 
ATOM   1363 C CD1 . ILE B 1 82 ? -0.965  -6.395  6.641   1.00 14.60 ? 82  ILE B CD1 1 
ATOM   1364 N N   . ASN B 1 83 ? 3.838   -7.460  7.250   1.00 6.90  ? 83  ASN B N   1 
ATOM   1365 C CA  . ASN B 1 83 ? 5.032   -7.546  6.381   1.00 6.40  ? 83  ASN B CA  1 
ATOM   1366 C C   . ASN B 1 83 ? 4.819   -6.924  4.999   1.00 7.00  ? 83  ASN B C   1 
ATOM   1367 O O   . ASN B 1 83 ? 3.927   -7.333  4.269   1.00 7.30  ? 83  ASN B O   1 
ATOM   1368 C CB  . ASN B 1 83 ? 5.504   -8.993  6.233   1.00 6.10  ? 83  ASN B CB  1 
ATOM   1369 C CG  . ASN B 1 83 ? 6.050   -9.569  7.526   1.00 5.70  ? 83  ASN B CG  1 
ATOM   1370 O OD1 . ASN B 1 83 ? 6.382   -8.839  8.461   1.00 2.90  ? 83  ASN B OD1 1 
ATOM   1371 N ND2 . ASN B 1 83 ? 6.133   -10.890 7.587   1.00 6.00  ? 83  ASN B ND2 1 
ATOM   1372 N N   . ILE B 1 84 ? 5.696   -5.996  4.620   1.00 7.20  ? 84  ILE B N   1 
ATOM   1373 C CA  . ILE B 1 84 ? 5.582   -5.262  3.368   1.00 6.90  ? 84  ILE B CA  1 
ATOM   1374 C C   . ILE B 1 84 ? 6.785   -5.322  2.433   1.00 8.40  ? 84  ILE B C   1 
ATOM   1375 O O   . ILE B 1 84 ? 7.931   -5.204  2.862   1.00 9.00  ? 84  ILE B O   1 
ATOM   1376 C CB  . ILE B 1 84 ? 5.279   -3.762  3.683   1.00 8.10  ? 84  ILE B CB  1 
ATOM   1377 C CG1 . ILE B 1 84 ? 3.862   -3.633  4.256   1.00 10.40 ? 84  ILE B CG1 1 
ATOM   1378 C CG2 . ILE B 1 84 ? 5.402   -2.892  2.449   1.00 8.30  ? 84  ILE B CG2 1 
ATOM   1379 C CD1 . ILE B 1 84 ? 3.554   -2.298  4.851   1.00 10.30 ? 84  ILE B CD1 1 
ATOM   1380 N N   . PHE B 1 85 ? 6.497   -5.533  1.153   1.00 6.20  ? 85  PHE B N   1 
ATOM   1381 C CA  . PHE B 1 85 ? 7.495   -5.554  0.101   1.00 5.70  ? 85  PHE B CA  1 
ATOM   1382 C C   . PHE B 1 85 ? 7.035   -4.347  -0.739  1.00 7.20  ? 85  PHE B C   1 
ATOM   1383 O O   . PHE B 1 85 ? 5.959   -4.401  -1.338  1.00 8.10  ? 85  PHE B O   1 
ATOM   1384 C CB  . PHE B 1 85 ? 7.370   -6.845  -0.729  1.00 5.50  ? 85  PHE B CB  1 
ATOM   1385 C CG  . PHE B 1 85 ? 8.380   -7.920  -0.383  1.00 7.70  ? 85  PHE B CG  1 
ATOM   1386 C CD1 . PHE B 1 85 ? 9.101   -7.885  0.802   1.00 7.70  ? 85  PHE B CD1 1 
ATOM   1387 C CD2 . PHE B 1 85 ? 8.616   -8.969  -1.266  1.00 6.10  ? 85  PHE B CD2 1 
ATOM   1388 C CE1 . PHE B 1 85 ? 10.051  -8.888  1.099   1.00 7.70  ? 85  PHE B CE1 1 
ATOM   1389 C CE2 . PHE B 1 85 ? 9.558   -9.963  -0.968  1.00 5.70  ? 85  PHE B CE2 1 
ATOM   1390 C CZ  . PHE B 1 85 ? 10.275  -9.918  0.213   1.00 4.20  ? 85  PHE B CZ  1 
ATOM   1391 N N   . GLY B 1 86 ? 7.795   -3.252  -0.733  1.00 5.90  ? 86  GLY B N   1 
ATOM   1392 C CA  . GLY B 1 86 ? 7.390   -2.079  -1.482  1.00 4.70  ? 86  GLY B CA  1 
ATOM   1393 C C   . GLY B 1 86 ? 7.922   -1.946  -2.897  1.00 6.00  ? 86  GLY B C   1 
ATOM   1394 O O   . GLY B 1 86 ? 8.625   -2.836  -3.426  1.00 6.90  ? 86  GLY B O   1 
ATOM   1395 N N   . ARG B 1 87 ? 7.611   -0.804  -3.507  1.00 3.00  ? 87  ARG B N   1 
ATOM   1396 C CA  . ARG B 1 87 ? 8.015   -0.499  -4.873  1.00 2.20  ? 87  ARG B CA  1 
ATOM   1397 C C   . ARG B 1 87 ? 9.467   -0.814  -5.228  1.00 3.40  ? 87  ARG B C   1 
ATOM   1398 O O   . ARG B 1 87 ? 9.762   -1.122  -6.383  1.00 5.40  ? 87  ARG B O   1 
ATOM   1399 C CB  . ARG B 1 87 ? 7.695   0.961   -5.203  1.00 3.20  ? 87  ARG B CB  1 
ATOM   1400 C CG  . ARG B 1 87 ? 6.224   1.285   -5.460  1.00 2.00  ? 87  ARG B CG  1 
ATOM   1401 C CD  . ARG B 1 87 ? 6.066   2.680   -6.063  1.00 2.10  ? 87  ARG B CD  1 
ATOM   1402 N NE  . ARG B 1 87 ? 6.539   3.757   -5.186  1.00 4.50  ? 87  ARG B NE  1 
ATOM   1403 C CZ  . ARG B 1 87 ? 7.675   4.446   -5.356  1.00 8.40  ? 87  ARG B CZ  1 
ATOM   1404 N NH1 . ARG B 1 87 ? 8.481   4.180   -6.372  1.00 11.20 ? 87  ARG B NH1 1 
ATOM   1405 N NH2 . ARG B 1 87 ? 7.996   5.444   -4.539  1.00 8.40  ? 87  ARG B NH2 1 
ATOM   1406 N N   . ASN B 1 88 ? 10.377  -0.722  -4.261  1.00 5.40  ? 88  ASN B N   1 
ATOM   1407 C CA  . ASN B 1 88 ? 11.803  -1.010  -4.498  1.00 7.30  ? 88  ASN B CA  1 
ATOM   1408 C C   . ASN B 1 88 ? 12.076  -2.455  -4.910  1.00 8.90  ? 88  ASN B C   1 
ATOM   1409 O O   . ASN B 1 88 ? 12.918  -2.719  -5.775  1.00 12.00 ? 88  ASN B O   1 
ATOM   1410 C CB  . ASN B 1 88 ? 12.656  -0.685  -3.265  1.00 7.60  ? 88  ASN B CB  1 
ATOM   1411 C CG  . ASN B 1 88 ? 12.341  -1.576  -2.079  1.00 6.40  ? 88  ASN B CG  1 
ATOM   1412 O OD1 . ASN B 1 88 ? 11.234  -1.566  -1.562  1.00 6.80  ? 88  ASN B OD1 1 
ATOM   1413 N ND2 . ASN B 1 88 ? 13.318  -2.335  -1.638  1.00 5.10  ? 88  ASN B ND2 1 
ATOM   1414 N N   . ILE B 1 89 ? 11.414  -3.403  -4.254  1.00 9.00  ? 89  ILE B N   1 
ATOM   1415 C CA  . ILE B 1 89 ? 11.587  -4.805  -4.598  1.00 7.60  ? 89  ILE B CA  1 
ATOM   1416 C C   . ILE B 1 89 ? 10.721  -5.074  -5.826  1.00 8.50  ? 89  ILE B C   1 
ATOM   1417 O O   . ILE B 1 89 ? 11.195  -5.589  -6.823  1.00 10.90 ? 89  ILE B O   1 
ATOM   1418 C CB  . ILE B 1 89 ? 11.235  -5.716  -3.396  1.00 8.80  ? 89  ILE B CB  1 
ATOM   1419 C CG1 . ILE B 1 89 ? 12.414  -5.708  -2.412  1.00 11.00 ? 89  ILE B CG1 1 
ATOM   1420 C CG2 . ILE B 1 89 ? 10.901  -7.124  -3.848  1.00 7.50  ? 89  ILE B CG2 1 
ATOM   1421 C CD1 . ILE B 1 89 ? 12.214  -6.471  -1.112  1.00 11.40 ? 89  ILE B CD1 1 
ATOM   1422 N N   . LEU B 1 90 ? 9.491   -4.588  -5.802  1.00 7.10  ? 90  LEU B N   1 
ATOM   1423 C CA  . LEU B 1 90 ? 8.582   -4.784  -6.907  1.00 5.80  ? 90  LEU B CA  1 
ATOM   1424 C C   . LEU B 1 90 ? 9.132   -4.382  -8.274  1.00 8.10  ? 90  LEU B C   1 
ATOM   1425 O O   . LEU B 1 90 ? 8.924   -5.092  -9.257  1.00 9.30  ? 90  LEU B O   1 
ATOM   1426 C CB  . LEU B 1 90 ? 7.277   -4.031  -6.652  1.00 5.60  ? 90  LEU B CB  1 
ATOM   1427 C CG  . LEU B 1 90 ? 6.337   -4.413  -5.511  1.00 2.10  ? 90  LEU B CG  1 
ATOM   1428 C CD1 . LEU B 1 90 ? 5.001   -3.776  -5.822  1.00 5.30  ? 90  LEU B CD1 1 
ATOM   1429 C CD2 . LEU B 1 90 ? 6.186   -5.923  -5.402  1.00 2.10  ? 90  LEU B CD2 1 
ATOM   1430 N N   . THR B 1 91 ? 9.800   -3.239  -8.357  1.00 9.00  ? 91  THR B N   1 
ATOM   1431 C CA  . THR B 1 91 ? 10.345  -2.799  -9.633  1.00 7.20  ? 91  THR B CA  1 
ATOM   1432 C C   . THR B 1 91 ? 11.494  -3.704  -10.019 1.00 9.00  ? 91  THR B C   1 
ATOM   1433 O O   . THR B 1 91 ? 11.604  -4.138  -11.168 1.00 10.00 ? 91  THR B O   1 
ATOM   1434 C CB  . THR B 1 91 ? 10.824  -1.358  -9.571  1.00 6.10  ? 91  THR B CB  1 
ATOM   1435 O OG1 . THR B 1 91 ? 11.545  -1.135  -8.350  1.00 7.50  ? 91  THR B OG1 1 
ATOM   1436 C CG2 . THR B 1 91 ? 9.653   -0.432  -9.630  1.00 11.70 ? 91  THR B CG2 1 
ATOM   1437 N N   . ALA B 1 92 ? 12.357  -3.993  -9.057  1.00 9.60  ? 92  ALA B N   1 
ATOM   1438 C CA  . ALA B 1 92 ? 13.489  -4.876  -9.296  1.00 9.30  ? 92  ALA B CA  1 
ATOM   1439 C C   . ALA B 1 92 ? 13.023  -6.253  -9.784  1.00 10.40 ? 92  ALA B C   1 
ATOM   1440 O O   . ALA B 1 92 ? 13.753  -6.928  -10.488 1.00 12.80 ? 92  ALA B O   1 
ATOM   1441 C CB  . ALA B 1 92 ? 14.320  -5.036  -8.008  1.00 10.50 ? 92  ALA B CB  1 
ATOM   1442 N N   . LEU B 1 93 ? 11.839  -6.683  -9.355  1.00 11.60 ? 93  LEU B N   1 
ATOM   1443 C CA  . LEU B 1 93 ? 11.265  -7.980  -9.729  1.00 11.30 ? 93  LEU B CA  1 
ATOM   1444 C C   . LEU B 1 93 ? 10.607  -7.895  -11.115 1.00 11.70 ? 93  LEU B C   1 
ATOM   1445 O O   . LEU B 1 93 ? 10.334  -8.907  -11.741 1.00 12.80 ? 93  LEU B O   1 
ATOM   1446 C CB  . LEU B 1 93 ? 10.236  -8.404  -8.667  1.00 10.10 ? 93  LEU B CB  1 
ATOM   1447 C CG  . LEU B 1 93 ? 10.024  -9.863  -8.234  1.00 11.10 ? 93  LEU B CG  1 
ATOM   1448 C CD1 . LEU B 1 93 ? 11.252  -10.442 -7.586  1.00 11.30 ? 93  LEU B CD1 1 
ATOM   1449 C CD2 . LEU B 1 93 ? 8.891   -9.902  -7.230  1.00 12.60 ? 93  LEU B CD2 1 
ATOM   1450 N N   . GLY B 1 94 ? 10.326  -6.676  -11.568 1.00 12.00 ? 94  GLY B N   1 
ATOM   1451 C CA  . GLY B 1 94 ? 9.721   -6.471  -12.867 1.00 10.40 ? 94  GLY B CA  1 
ATOM   1452 C C   . GLY B 1 94 ? 8.207   -6.336  -12.917 1.00 11.40 ? 94  GLY B C   1 
ATOM   1453 O O   . GLY B 1 94 ? 7.653   -6.255  -14.017 1.00 12.10 ? 94  GLY B O   1 
ATOM   1454 N N   . MET B 1 95 ? 7.535   -6.261  -11.766 1.00 8.70  ? 95  MET B N   1 
ATOM   1455 C CA  . MET B 1 95 ? 6.069   -6.166  -11.728 1.00 8.60  ? 95  MET B CA  1 
ATOM   1456 C C   . MET B 1 95 ? 5.459   -4.841  -12.204 1.00 7.40  ? 95  MET B C   1 
ATOM   1457 O O   . MET B 1 95 ? 6.118   -3.792  -12.179 1.00 5.00  ? 95  MET B O   1 
ATOM   1458 C CB  . MET B 1 95 ? 5.520   -6.560  -10.337 1.00 7.30  ? 95  MET B CB  1 
ATOM   1459 C CG  . MET B 1 95 ? 5.276   -8.063  -10.183 1.00 9.70  ? 95  MET B CG  1 
ATOM   1460 S SD  . MET B 1 95 ? 4.614   -8.647  -8.591  1.00 14.90 ? 95  MET B SD  1 
ATOM   1461 C CE  . MET B 1 95 ? 3.512   -7.349  -8.158  1.00 5.30  ? 95  MET B CE  1 
ATOM   1462 N N   . SER B 1 96 ? 4.193   -4.908  -12.627 1.00 5.80  ? 96  SER B N   1 
ATOM   1463 C CA  . SER B 1 96 ? 3.467   -3.751  -13.133 1.00 6.50  ? 96  SER B CA  1 
ATOM   1464 C C   . SER B 1 96 ? 2.038   -3.718  -12.592 1.00 5.60  ? 96  SER B C   1 
ATOM   1465 O O   . SER B 1 96 ? 1.549   -4.717  -12.059 1.00 7.60  ? 96  SER B O   1 
ATOM   1466 C CB  . SER B 1 96 ? 3.440   -3.832  -14.652 1.00 5.50  ? 96  SER B CB  1 
ATOM   1467 O OG  . SER B 1 96 ? 3.401   -2.546  -15.221 1.00 11.30 ? 96  SER B OG  1 
ATOM   1468 N N   . LEU B 1 97 ? 1.393   -2.553  -12.676 1.00 7.90  ? 97  LEU B N   1 
ATOM   1469 C CA  . LEU B 1 97 ? -0.001  -2.350  -12.226 1.00 8.10  ? 97  LEU B CA  1 
ATOM   1470 C C   . LEU B 1 97 ? -0.765  -1.880  -13.471 1.00 9.80  ? 97  LEU B C   1 
ATOM   1471 O O   . LEU B 1 97 ? -0.451  -0.847  -14.048 1.00 9.20  ? 97  LEU B O   1 
ATOM   1472 C CB  . LEU B 1 97 ? -0.045  -1.296  -11.129 1.00 7.30  ? 97  LEU B CB  1 
ATOM   1473 C CG  . LEU B 1 97 ? -1.398  -0.826  -10.591 1.00 8.40  ? 97  LEU B CG  1 
ATOM   1474 C CD1 . LEU B 1 97 ? -2.105  -1.870  -9.654  1.00 5.50  ? 97  LEU B CD1 1 
ATOM   1475 C CD2 . LEU B 1 97 ? -1.126  0.488   -9.856  1.00 5.70  ? 97  LEU B CD2 1 
ATOM   1476 N N   . ASN B 1 98 ? -1.747  -2.658  -13.901 1.00 12.70 ? 98  ASN B N   1 
ATOM   1477 C CA  . ASN B 1 98 ? -2.452  -2.350  -15.144 1.00 16.20 ? 98  ASN B CA  1 
ATOM   1478 C C   . ASN B 1 98 ? -3.951  -2.251  -15.062 1.00 17.80 ? 98  ASN B C   1 
ATOM   1479 O O   . ASN B 1 98 ? -4.586  -2.967  -14.290 1.00 19.30 ? 98  ASN B O   1 
ATOM   1480 C CB  . ASN B 1 98 ? -2.180  -3.449  -16.178 1.00 17.00 ? 98  ASN B CB  1 
ATOM   1481 C CG  . ASN B 1 98 ? -0.721  -3.634  -16.482 1.00 17.80 ? 98  ASN B CG  1 
ATOM   1482 O OD1 . ASN B 1 98 ? 0.012   -4.258  -15.722 1.00 20.10 ? 98  ASN B OD1 1 
ATOM   1483 N ND2 . ASN B 1 98 ? -0.299  -3.147  -17.631 1.00 20.70 ? 98  ASN B ND2 1 
ATOM   1484 N N   . LEU B 1 99 ? -4.526  -1.378  -15.873 1.00 19.40 ? 99  LEU B N   1 
ATOM   1485 C CA  . LEU B 1 99 ? -5.977  -1.284  -15.934 1.00 21.90 ? 99  LEU B CA  1 
ATOM   1486 C C   . LEU B 1 99 ? -6.315  -1.972  -17.271 1.00 23.90 ? 99  LEU B C   1 
ATOM   1487 O O   . LEU B 1 99 ? -5.892  -1.442  -18.334 1.00 24.20 ? 99  LEU B O   1 
ATOM   1488 C CB  . LEU B 1 99 ? -6.478  0.172   -15.912 1.00 20.10 ? 99  LEU B CB  1 
ATOM   1489 C CG  . LEU B 1 99 ? -7.997  0.336   -16.167 1.00 20.50 ? 99  LEU B CG  1 
ATOM   1490 C CD1 . LEU B 1 99 ? -8.814  -0.488  -15.168 1.00 18.40 ? 99  LEU B CD1 1 
ATOM   1491 C CD2 . LEU B 1 99 ? -8.437  1.803   -16.141 1.00 18.30 ? 99  LEU B CD2 1 
ATOM   1492 O OXT . LEU B 1 99 ? -6.904  -3.083  -17.242 1.00 26.10 ? 99  LEU B OXT 1 
HETATM 1493 C CA  . U03 C 2 .  ? 0.568   2.268   4.418   1.00 18.40 ? 100 U03 A CA  1 
HETATM 1494 C CA2 . U03 C 2 .  ? 0.162   2.521   5.767   1.00 20.10 ? 100 U03 A CA2 1 
HETATM 1495 C CA4 . U03 C 2 .  ? -1.024  0.497   5.848   1.00 20.90 ? 100 U03 A CA4 1 
HETATM 1496 C CA5 . U03 C 2 .  ? -0.663  0.194   4.516   1.00 21.00 ? 100 U03 A CA5 1 
HETATM 1497 C CA6 . U03 C 2 .  ? 0.130   1.102   3.782   1.00 20.70 ? 100 U03 A CA6 1 
HETATM 1498 C CB1 . U03 C 2 .  ? 3.151   2.852   4.160   1.00 16.50 ? 100 U03 A CB1 1 
HETATM 1499 C CB2 . U03 C 2 .  ? 3.985   3.932   4.562   1.00 16.60 ? 100 U03 A CB2 1 
HETATM 1500 C CB3 . U03 C 2 .  ? 5.319   3.672   4.958   1.00 16.00 ? 100 U03 A CB3 1 
HETATM 1501 C CB4 . U03 C 2 .  ? 5.819   2.374   4.958   1.00 14.10 ? 100 U03 A CB4 1 
HETATM 1502 C CB5 . U03 C 2 .  ? 5.006   1.306   4.562   1.00 14.60 ? 100 U03 A CB5 1 
HETATM 1503 C CB6 . U03 C 2 .  ? 3.675   1.525   4.162   1.00 14.80 ? 100 U03 A CB6 1 
HETATM 1504 C CG1 . U03 C 2 .  ? 1.676   3.111   3.761   1.00 17.40 ? 100 U03 A CG1 1 
HETATM 1505 C CG2 . U03 C 2 .  ? 1.340   4.234   2.757   1.00 18.20 ? 100 U03 A CG2 1 
HETATM 1506 C CG3 . U03 C 2 .  ? 0.796   5.489   3.429   1.00 19.40 ? 100 U03 A CG3 1 
HETATM 1507 C CD1 . U03 C 2 .  ? -1.819  -0.428  6.588   1.00 21.20 ? 100 U03 A CD1 1 
HETATM 1508 C CD2 . U03 C 2 .  ? -2.237  -1.648  5.982   1.00 19.80 ? 100 U03 A CD2 1 
HETATM 1509 C CD3 . U03 C 2 .  ? -1.866  -1.945  4.662   1.00 20.40 ? 100 U03 A CD3 1 
HETATM 1510 C CD4 . U03 C 2 .  ? -1.085  -1.031  3.917   1.00 22.00 ? 100 U03 A CD4 1 
HETATM 1511 C CE3 . U03 C 2 .  ? -3.678  -1.998  7.813   1.00 15.90 ? 100 U03 A CE3 1 
HETATM 1512 O OA2 . U03 C 2 .  ? 0.539   3.524   6.298   1.00 21.80 ? 100 U03 A OA2 1 
HETATM 1513 O OA3 . U03 C 2 .  ? -0.617  1.685   6.498   1.00 20.80 ? 100 U03 A OA3 1 
HETATM 1514 O OA6 . U03 C 2 .  ? 0.416   0.903   2.441   1.00 17.50 ? 100 U03 A OA6 1 
HETATM 1515 O OE3 . U03 C 2 .  ? -2.995  -2.553  6.685   1.00 17.10 ? 100 U03 A OE3 1 
HETATM 1516 O O   . HOH D 3 .  ? 4.220   4.325   -16.750 1.00 20.30 ? 301 HOH A O   1 
HETATM 1517 O O   . HOH D 3 .  ? -17.667 12.649  -9.161  1.00 11.50 ? 302 HOH A O   1 
HETATM 1518 O O   . HOH D 3 .  ? -19.694 17.672  -3.851  1.00 18.30 ? 303 HOH A O   1 
HETATM 1519 O O   . HOH D 3 .  ? -13.800 -0.728  2.128   1.00 14.80 ? 304 HOH A O   1 
HETATM 1520 O O   . HOH D 3 .  ? -13.307 2.040   2.292   1.00 2.70  ? 305 HOH A O   1 
HETATM 1521 O O   . HOH D 3 .  ? -13.962 19.339  5.267   1.00 36.30 ? 306 HOH A O   1 
HETATM 1522 O O   . HOH D 3 .  ? -16.568 14.907  6.405   1.00 16.80 ? 307 HOH A O   1 
HETATM 1523 O O   . HOH D 3 .  ? -21.388 5.031   6.557   1.00 20.60 ? 308 HOH A O   1 
HETATM 1524 O O   . HOH D 3 .  ? -1.469  0.076   14.003  1.00 19.00 ? 309 HOH A O   1 
HETATM 1525 O O   . HOH D 3 .  ? -8.638  12.137  11.638  1.00 3.30  ? 310 HOH A O   1 
HETATM 1526 O O   . HOH D 3 .  ? -21.009 1.590   -0.480  1.00 2.40  ? 311 HOH A O   1 
HETATM 1527 O O   . HOH D 3 .  ? -21.463 0.639   -3.329  1.00 13.80 ? 312 HOH A O   1 
HETATM 1528 O O   . HOH D 3 .  ? -24.095 0.600   -3.977  1.00 2.20  ? 313 HOH A O   1 
HETATM 1529 O O   . HOH D 3 .  ? -24.537 8.103   -5.120  1.00 13.10 ? 314 HOH A O   1 
HETATM 1530 O O   . HOH D 3 .  ? -9.201  16.626  7.535   1.00 13.10 ? 316 HOH A O   1 
HETATM 1531 O O   . HOH D 3 .  ? -16.060 -0.325  -5.007  1.00 2.30  ? 317 HOH A O   1 
HETATM 1532 O O   . HOH D 3 .  ? -26.929 3.944   0.810   1.00 28.30 ? 327 HOH A O   1 
HETATM 1533 O O   . HOH D 3 .  ? 1.856   2.226   17.921  1.00 29.60 ? 328 HOH A O   1 
HETATM 1534 O O   . HOH D 3 .  ? 2.455   7.390   -12.540 1.00 17.30 ? 337 HOH A O   1 
HETATM 1535 O O   . HOH D 3 .  ? 3.814   4.628   -11.626 1.00 5.80  ? 338 HOH A O   1 
HETATM 1536 O O   . HOH D 3 .  ? -15.789 10.209  16.037  1.00 25.80 ? 339 HOH A O   1 
HETATM 1537 O O   . HOH D 3 .  ? -21.316 15.221  -8.179  1.00 6.70  ? 340 HOH A O   1 
HETATM 1538 O O   . HOH D 3 .  ? -20.235 19.362  -7.835  1.00 16.60 ? 341 HOH A O   1 
HETATM 1539 O O   . HOH D 3 .  ? 2.809   0.468   14.156  1.00 19.70 ? 342 HOH A O   1 
HETATM 1540 O O   . HOH D 3 .  ? -9.569  19.045  0.156   1.00 11.30 ? 343 HOH A O   1 
HETATM 1541 O O   . HOH D 3 .  ? -9.362  21.273  3.312   1.00 44.70 ? 344 HOH A O   1 
HETATM 1542 O O   . HOH D 3 .  ? -12.667 15.161  -15.853 1.00 15.40 ? 346 HOH A O   1 
HETATM 1543 O O   . HOH D 3 .  ? -11.361 10.818  -14.874 1.00 15.70 ? 347 HOH A O   1 
HETATM 1544 O O   . HOH D 3 .  ? 5.674   11.085  -8.560  1.00 26.80 ? 352 HOH A O   1 
HETATM 1545 O O   . HOH D 3 .  ? -3.568  -2.752  11.604  1.00 16.70 ? 353 HOH A O   1 
HETATM 1546 O O   . HOH D 3 .  ? -5.612  16.226  -3.185  1.00 18.20 ? 355 HOH A O   1 
HETATM 1547 O O   . HOH D 3 .  ? -0.207  12.430  -3.359  1.00 20.40 ? 356 HOH A O   1 
HETATM 1548 O O   . HOH D 3 .  ? -6.906  -0.337  5.179   1.00 26.60 ? 357 HOH A O   1 
HETATM 1549 O O   . HOH D 3 .  ? -13.811 9.056   14.915  1.00 31.10 ? 358 HOH A O   1 
HETATM 1550 O O   . HOH D 3 .  ? -26.200 10.903  -4.633  1.00 20.70 ? 359 HOH A O   1 
HETATM 1551 O O   . HOH D 3 .  ? -11.543 15.172  5.629   1.00 24.30 ? 360 HOH A O   1 
HETATM 1552 O O   . HOH D 3 .  ? 5.164   -6.297  -16.609 1.00 21.00 ? 364 HOH A O   1 
HETATM 1553 O O   . HOH D 3 .  ? -14.809 -4.070  -5.165  1.00 6.90  ? 381 HOH A O   1 
HETATM 1554 O O   . HOH D 3 .  ? -2.547  12.958  -1.293  1.00 24.50 ? 382 HOH A O   1 
HETATM 1555 O O   . HOH D 3 .  ? -18.467 -0.550  -5.883  1.00 8.10  ? 383 HOH A O   1 
HETATM 1556 O O   . HOH D 3 .  ? -8.447  10.112  -13.497 1.00 38.00 ? 384 HOH A O   1 
HETATM 1557 O O   . HOH D 3 .  ? -12.387 2.849   -19.444 1.00 31.40 ? 385 HOH A O   1 
HETATM 1558 O O   . HOH D 3 .  ? -18.312 5.015   -17.123 1.00 22.00 ? 386 HOH A O   1 
HETATM 1559 O O   . HOH D 3 .  ? -7.547  -0.591  9.985   1.00 13.00 ? 387 HOH A O   1 
HETATM 1560 O O   . HOH D 3 .  ? -5.390  1.962   5.823   1.00 17.10 ? 388 HOH A O   1 
HETATM 1561 O O   . HOH D 3 .  ? -5.508  -2.822  4.756   1.00 10.60 ? 389 HOH A O   1 
HETATM 1562 O O   . HOH D 3 .  ? 10.538  -0.604  -16.708 1.00 29.30 ? 390 HOH A O   1 
HETATM 1563 O O   . HOH D 3 .  ? 0.863   12.193  -11.395 1.00 37.00 ? 391 HOH A O   1 
HETATM 1564 O O   . HOH D 3 .  ? -19.393 2.663   11.467  1.00 37.20 ? 392 HOH A O   1 
HETATM 1565 O O   . HOH D 3 .  ? -6.714  11.110  14.937  1.00 10.40 ? 393 HOH A O   1 
HETATM 1566 O O   . HOH D 3 .  ? -5.314  -11.335 -15.232 1.00 53.40 ? 394 HOH A O   1 
HETATM 1567 O O   . HOH D 3 .  ? 3.794   -5.488  -18.777 1.00 36.10 ? 398 HOH A O   1 
HETATM 1568 O O   . HOH D 3 .  ? -5.765  -12.186 -18.408 1.00 28.60 ? 399 HOH A O   1 
HETATM 1569 O O   . HOH D 3 .  ? -8.878  -0.837  6.828   1.00 26.30 ? 401 HOH A O   1 
HETATM 1570 O O   . HOH D 3 .  ? -20.302 0.673   -8.976  1.00 20.90 ? 402 HOH A O   1 
HETATM 1571 O O   . HOH D 3 .  ? 12.895  7.108   -10.852 1.00 76.40 ? 403 HOH A O   1 
HETATM 1572 O O   . HOH D 3 .  ? -4.242  -4.886  4.038   1.00 59.10 ? 404 HOH A O   1 
HETATM 1573 O O   . HOH D 3 .  ? -9.943  19.373  -12.314 1.00 52.10 ? 405 HOH A O   1 
HETATM 1574 O O   . HOH D 3 .  ? -17.808 13.492  -11.851 1.00 54.70 ? 406 HOH A O   1 
HETATM 1575 O O   . HOH D 3 .  ? -24.378 15.413  -4.241  1.00 63.00 ? 407 HOH A O   1 
HETATM 1576 O O   . HOH D 3 .  ? -23.587 13.992  -0.970  1.00 42.10 ? 408 HOH A O   1 
HETATM 1577 O O   . HOH D 3 .  ? -6.489  16.511  -0.208  1.00 52.50 ? 409 HOH A O   1 
HETATM 1578 O O   . HOH D 3 .  ? -11.696 -4.787  0.536   1.00 53.00 ? 410 HOH A O   1 
HETATM 1579 O O   . HOH D 3 .  ? -17.153 13.301  -16.736 1.00 69.30 ? 411 HOH A O   1 
HETATM 1580 O O   . HOH D 3 .  ? 4.361   2.106   16.407  1.00 62.60 ? 412 HOH A O   1 
HETATM 1581 O O   . HOH D 3 .  ? -27.366 5.934   -9.068  1.00 53.50 ? 413 HOH A O   1 
HETATM 1582 O O   . HOH D 3 .  ? -23.558 12.880  -11.910 1.00 45.40 ? 414 HOH A O   1 
HETATM 1583 O O   . HOH E 3 .  ? -4.660  -13.828 0.526   1.00 6.30  ? 318 HOH B O   1 
HETATM 1584 O O   . HOH E 3 .  ? 11.535  -23.674 2.783   1.00 34.20 ? 319 HOH B O   1 
HETATM 1585 O O   . HOH E 3 .  ? 4.894   -15.244 7.818   1.00 19.00 ? 320 HOH B O   1 
HETATM 1586 O O   . HOH E 3 .  ? 13.990  2.554   -1.888  1.00 26.30 ? 321 HOH B O   1 
HETATM 1587 O O   . HOH E 3 .  ? 17.468  -8.731  11.708  1.00 15.00 ? 322 HOH B O   1 
HETATM 1588 O O   . HOH E 3 .  ? 19.486  -10.515 17.427  1.00 34.30 ? 323 HOH B O   1 
HETATM 1589 O O   . HOH E 3 .  ? 27.086  -3.382  14.751  1.00 7.00  ? 324 HOH B O   1 
HETATM 1590 O O   . HOH E 3 .  ? 23.824  -4.386  5.084   1.00 28.40 ? 326 HOH B O   1 
HETATM 1591 O O   . HOH E 3 .  ? 7.708   6.801   17.611  1.00 36.10 ? 329 HOH B O   1 
HETATM 1592 O O   . HOH E 3 .  ? 10.443  6.949   16.100  1.00 44.40 ? 330 HOH B O   1 
HETATM 1593 O O   . HOH E 3 .  ? 16.290  2.500   14.403  1.00 11.70 ? 332 HOH B O   1 
HETATM 1594 O O   . HOH E 3 .  ? 25.527  2.144   11.864  1.00 43.90 ? 333 HOH B O   1 
HETATM 1595 O O   . HOH E 3 .  ? 22.994  -13.432 -6.821  1.00 48.70 ? 334 HOH B O   1 
HETATM 1596 O O   . HOH E 3 .  ? 13.688  -1.003  1.588   1.00 18.60 ? 335 HOH B O   1 
HETATM 1597 O O   . HOH E 3 .  ? -1.767  -6.637  11.982  1.00 17.10 ? 336 HOH B O   1 
HETATM 1598 O O   . HOH E 3 .  ? -11.592 -11.007 -12.513 1.00 40.70 ? 345 HOH B O   1 
HETATM 1599 O O   . HOH E 3 .  ? 21.040  -17.743 1.613   1.00 20.70 ? 348 HOH B O   1 
HETATM 1600 O O   . HOH E 3 .  ? 17.170  -16.683 0.441   1.00 19.60 ? 349 HOH B O   1 
HETATM 1601 O O   . HOH E 3 .  ? 10.911  2.488   -3.979  1.00 29.30 ? 350 HOH B O   1 
HETATM 1602 O O   . HOH E 3 .  ? 13.520  -1.420  15.782  1.00 27.90 ? 351 HOH B O   1 
HETATM 1603 O O   . HOH E 3 .  ? -3.936  -5.900  7.588   1.00 29.20 ? 354 HOH B O   1 
HETATM 1604 O O   . HOH E 3 .  ? 1.089   -17.372 1.559   1.00 16.30 ? 361 HOH B O   1 
HETATM 1605 O O   . HOH E 3 .  ? 11.112  -19.451 -4.792  1.00 32.70 ? 362 HOH B O   1 
HETATM 1606 O O   . HOH E 3 .  ? 4.648   -8.112  11.257  1.00 9.20  ? 363 HOH B O   1 
HETATM 1607 O O   . HOH E 3 .  ? 14.679  -1.073  -7.213  1.00 26.50 ? 365 HOH B O   1 
HETATM 1608 O O   . HOH E 3 .  ? 4.147   4.616   -3.502  1.00 36.30 ? 366 HOH B O   1 
HETATM 1609 O O   . HOH E 3 .  ? -0.895  -9.500  6.477   1.00 23.70 ? 367 HOH B O   1 
HETATM 1610 O O   . HOH E 3 .  ? -0.022  -11.967 6.919   1.00 27.20 ? 368 HOH B O   1 
HETATM 1611 O O   . HOH E 3 .  ? 5.206   -6.995  14.421  1.00 28.40 ? 369 HOH B O   1 
HETATM 1612 O O   . HOH E 3 .  ? 10.179  0.557   16.380  1.00 72.60 ? 370 HOH B O   1 
HETATM 1613 O O   . HOH E 3 .  ? 7.737   -2.478  -14.141 1.00 44.20 ? 371 HOH B O   1 
HETATM 1614 O O   . HOH E 3 .  ? 16.605  -2.839  -6.171  1.00 28.70 ? 372 HOH B O   1 
HETATM 1615 O O   . HOH E 3 .  ? 16.404  -6.923  -11.584 1.00 34.20 ? 373 HOH B O   1 
HETATM 1616 O O   . HOH E 3 .  ? 15.882  -15.498 -10.852 1.00 21.10 ? 374 HOH B O   1 
HETATM 1617 O O   . HOH E 3 .  ? 24.196  -8.059  8.702   1.00 5.40  ? 375 HOH B O   1 
HETATM 1618 O O   . HOH E 3 .  ? 23.627  -7.491  3.301   1.00 44.30 ? 376 HOH B O   1 
HETATM 1619 O O   . HOH E 3 .  ? 6.966   -17.165 -3.805  1.00 20.10 ? 377 HOH B O   1 
HETATM 1620 O O   . HOH E 3 .  ? -5.435  -11.770 -5.028  1.00 35.30 ? 378 HOH B O   1 
HETATM 1621 O O   . HOH E 3 .  ? -2.641  -12.337 -13.195 1.00 14.80 ? 379 HOH B O   1 
HETATM 1622 O O   . HOH E 3 .  ? 1.673   -12.398 -11.248 1.00 23.10 ? 380 HOH B O   1 
HETATM 1623 O O   . HOH E 3 .  ? -9.300  -13.248 -10.454 1.00 50.00 ? 395 HOH B O   1 
HETATM 1624 O O   . HOH E 3 .  ? 11.217  -17.115 9.793   1.00 30.40 ? 396 HOH B O   1 
HETATM 1625 O O   . HOH E 3 .  ? 16.615  5.915   14.939  1.00 29.80 ? 397 HOH B O   1 
HETATM 1626 O O   . HOH E 3 .  ? -9.483  -2.481  -19.106 1.00 29.20 ? 400 HOH B O   1 
HETATM 1627 O O   . HOH E 3 .  ? 12.797  5.168   -0.124  1.00 38.30 ? 415 HOH B O   1 
HETATM 1628 O O   . HOH E 3 .  ? 27.174  -11.287 14.969  1.00 70.60 ? 416 HOH B O   1 
HETATM 1629 O O   . HOH E 3 .  ? 26.404  -11.140 11.575  1.00 62.70 ? 417 HOH B O   1 
HETATM 1630 O O   . HOH E 3 .  ? -7.127  -1.790  -20.971 1.00 62.40 ? 418 HOH B O   1 
# 
